data_2EGY
#
_entry.id   2EGY
#
_cell.length_a   56.415
_cell.length_b   138.510
_cell.length_c   111.745
_cell.angle_alpha   90.00
_cell.angle_beta   100.21
_cell.angle_gamma   90.00
#
_symmetry.space_group_name_H-M   'P 1 21 1'
#
loop_
_entity.id
_entity.type
_entity.pdbx_description
1 polymer 'Alpha-aminodipate aminotransferase'
2 non-polymer "PYRIDOXAL-5'-PHOSPHATE"
3 water water
#
_entity_poly.entity_id   1
_entity_poly.type   'polypeptide(L)'
_entity_poly.pdbx_seq_one_letter_code
;MKPLSWSEAFGKGAGRIQASTIRELLKLTQRPGILSFAGGLPAPELFPKEEAAEAAARILREKGEVALQYSPTEGYAPLR
AFVAEWIGVRPEEVLITTGSQQALDLVGKVFLDEGSPVLLEAPSYMGAIQAFRLQGPRFLTVPAGEEGPDLDALEEVLKR
ERPRFLYLIPSFQNPTGGLTPLPARKRLLQMVMERGLVVVEDDAYRELYFGEARLPSLFELAREAGYPGVIYLGSFSKVL
SPGLRVAFAVAHPEALQKLVQAKQGADLHTPMLNQMLVHELLKEGFSERLERVRRVYREKAQAMLHALDREVPKEVRYTR
PKGGMFVWMELPKGLSAEGLFRRALEENVAFVPGGPFFANGGGENTLRLSYATLDREGIAEGVRRLGRALKGLLALV
;
_entity_poly.pdbx_strand_id   A,B,C,D
#
loop_
_chem_comp.id
_chem_comp.type
_chem_comp.name
_chem_comp.formula
PLP non-polymer PYRIDOXAL-5'-PHOSPHATE 'C8 H10 N O6 P'
#
# COMPACT_ATOMS: atom_id res chain seq x y z
N SER A 5 9.62 -36.68 25.80
CA SER A 5 10.45 -36.21 24.66
C SER A 5 9.61 -35.26 23.80
N TRP A 6 8.48 -35.76 23.28
CA TRP A 6 7.58 -34.98 22.45
C TRP A 6 6.88 -33.88 23.25
N SER A 7 6.13 -34.28 24.27
CA SER A 7 5.41 -33.34 25.13
C SER A 7 6.40 -32.33 25.75
N GLU A 8 7.61 -32.80 26.01
CA GLU A 8 8.65 -31.97 26.60
C GLU A 8 9.37 -31.22 25.48
N ALA A 9 8.72 -31.11 24.32
CA ALA A 9 9.33 -30.45 23.17
C ALA A 9 8.45 -29.40 22.50
N PHE A 10 7.14 -29.50 22.70
CA PHE A 10 6.18 -28.56 22.12
C PHE A 10 6.31 -27.13 22.65
N GLY A 11 5.25 -26.36 22.51
CA GLY A 11 5.27 -24.98 22.98
C GLY A 11 3.92 -24.61 23.57
N LYS A 12 3.84 -23.44 24.19
CA LYS A 12 2.59 -22.99 24.80
C LYS A 12 1.41 -23.18 23.86
N GLY A 13 1.58 -22.80 22.59
CA GLY A 13 0.52 -22.93 21.61
C GLY A 13 -0.03 -24.34 21.47
N ALA A 14 0.80 -25.33 21.79
CA ALA A 14 0.39 -26.73 21.69
C ALA A 14 -0.63 -27.07 22.76
N GLY A 15 -0.63 -26.32 23.85
CA GLY A 15 -1.59 -26.56 24.92
C GLY A 15 -2.89 -25.82 24.70
N ARG A 16 -2.85 -24.81 23.84
CA ARG A 16 -4.02 -24.00 23.53
C ARG A 16 -4.68 -24.52 22.26
N ILE A 17 -4.63 -25.84 22.05
CA ILE A 17 -5.23 -26.40 20.84
C ILE A 17 -5.80 -27.81 21.03
N GLN A 18 -5.78 -28.30 22.27
CA GLN A 18 -6.29 -29.64 22.58
C GLN A 18 -7.69 -29.83 21.98
N ALA A 19 -7.76 -30.37 20.76
CA ALA A 19 -9.05 -30.59 20.09
C ALA A 19 -9.84 -31.75 20.71
N SER A 20 -10.73 -31.42 21.65
CA SER A 20 -11.54 -32.42 22.33
C SER A 20 -12.82 -32.77 21.56
N THR A 21 -13.96 -32.20 21.97
CA THR A 21 -15.24 -32.47 21.32
C THR A 21 -15.25 -31.93 19.89
N ILE A 22 -14.53 -32.60 19.01
CA ILE A 22 -14.46 -32.22 17.60
C ILE A 22 -13.85 -33.36 16.77
N ARG A 23 -12.77 -33.94 17.30
CA ARG A 23 -12.08 -35.05 16.63
C ARG A 23 -11.89 -36.21 17.61
N GLU A 24 -12.90 -36.42 18.47
CA GLU A 24 -12.86 -37.50 19.46
C GLU A 24 -14.26 -38.09 19.66
N LEU A 25 -15.19 -37.25 20.08
CA LEU A 25 -16.57 -37.66 20.34
C LEU A 25 -17.47 -37.67 19.10
N LEU A 26 -16.97 -37.17 17.98
CA LEU A 26 -17.75 -37.13 16.75
C LEU A 26 -17.71 -38.43 15.96
N LYS A 27 -17.02 -39.43 16.50
CA LYS A 27 -16.92 -40.73 15.85
C LYS A 27 -18.04 -41.66 16.32
N LEU A 28 -18.67 -41.29 17.43
CA LEU A 28 -19.77 -42.06 18.00
C LEU A 28 -21.08 -41.68 17.33
N THR A 29 -21.11 -40.48 16.76
CA THR A 29 -22.27 -39.97 16.06
C THR A 29 -22.10 -40.27 14.57
N GLN A 30 -21.70 -41.49 14.26
CA GLN A 30 -21.46 -41.92 12.89
C GLN A 30 -21.96 -43.35 12.63
N ARG A 31 -21.75 -44.22 13.61
CA ARG A 31 -22.13 -45.62 13.52
C ARG A 31 -23.41 -45.96 12.76
N PRO A 32 -23.59 -47.25 12.49
CA PRO A 32 -24.74 -47.81 11.78
C PRO A 32 -25.85 -46.86 11.34
N GLY A 33 -26.93 -46.81 12.11
CA GLY A 33 -28.06 -45.96 11.77
C GLY A 33 -28.51 -45.04 12.90
N ILE A 34 -27.85 -43.89 12.98
CA ILE A 34 -28.15 -42.91 14.01
C ILE A 34 -28.29 -41.53 13.40
N LEU A 35 -29.52 -40.99 13.43
CA LEU A 35 -29.77 -39.66 12.89
C LEU A 35 -28.97 -38.66 13.71
N SER A 36 -28.23 -37.79 13.04
CA SER A 36 -27.41 -36.82 13.76
C SER A 36 -27.82 -35.38 13.60
N PHE A 37 -27.86 -34.68 14.73
CA PHE A 37 -28.22 -33.26 14.73
C PHE A 37 -26.98 -32.47 15.07
N ALA A 38 -25.86 -33.18 15.18
CA ALA A 38 -24.57 -32.59 15.50
C ALA A 38 -23.93 -32.05 14.22
N GLY A 39 -22.74 -31.47 14.35
CA GLY A 39 -22.03 -30.97 13.18
C GLY A 39 -22.84 -30.04 12.28
N GLY A 40 -22.31 -28.84 12.07
CA GLY A 40 -23.01 -27.87 11.24
C GLY A 40 -22.64 -27.92 9.78
N LEU A 41 -23.08 -28.96 9.09
CA LEU A 41 -22.82 -29.15 7.67
C LEU A 41 -23.94 -28.51 6.87
N PRO A 42 -23.61 -27.79 5.78
CA PRO A 42 -24.60 -27.13 4.93
C PRO A 42 -25.38 -28.20 4.16
N ALA A 43 -26.57 -27.86 3.67
CA ALA A 43 -27.36 -28.83 2.90
C ALA A 43 -26.64 -29.17 1.58
N PRO A 44 -26.38 -30.46 1.33
CA PRO A 44 -25.69 -30.93 0.11
C PRO A 44 -26.53 -30.75 -1.14
N GLU A 45 -27.86 -30.73 -0.95
CA GLU A 45 -28.82 -30.57 -2.02
C GLU A 45 -28.64 -29.25 -2.78
N LEU A 46 -28.04 -28.26 -2.14
CA LEU A 46 -27.82 -26.96 -2.79
C LEU A 46 -26.57 -26.94 -3.66
N PHE A 47 -25.69 -27.93 -3.47
CA PHE A 47 -24.43 -28.00 -4.21
C PHE A 47 -24.61 -28.22 -5.72
N PRO A 48 -24.14 -27.24 -6.52
CA PRO A 48 -24.20 -27.23 -7.99
C PRO A 48 -23.25 -28.24 -8.61
N LYS A 49 -23.64 -29.51 -8.59
CA LYS A 49 -22.81 -30.58 -9.14
C LYS A 49 -22.43 -30.39 -10.62
N GLU A 50 -23.41 -30.44 -11.53
CA GLU A 50 -23.13 -30.33 -12.96
C GLU A 50 -22.64 -28.96 -13.45
N GLU A 51 -23.08 -27.88 -12.83
CA GLU A 51 -22.63 -26.55 -13.23
C GLU A 51 -21.16 -26.36 -12.88
N ALA A 52 -20.73 -26.95 -11.77
CA ALA A 52 -19.36 -26.85 -11.32
C ALA A 52 -18.45 -27.73 -12.17
N ALA A 53 -18.93 -28.93 -12.52
CA ALA A 53 -18.13 -29.83 -13.34
C ALA A 53 -17.89 -29.18 -14.70
N GLU A 54 -18.81 -28.32 -15.14
CA GLU A 54 -18.66 -27.65 -16.42
C GLU A 54 -17.73 -26.45 -16.34
N ALA A 55 -17.93 -25.62 -15.32
CA ALA A 55 -17.12 -24.43 -15.13
C ALA A 55 -15.68 -24.83 -14.87
N ALA A 56 -15.48 -25.80 -13.98
CA ALA A 56 -14.15 -26.27 -13.64
C ALA A 56 -13.42 -26.80 -14.88
N ALA A 57 -14.01 -27.82 -15.50
CA ALA A 57 -13.43 -28.43 -16.69
C ALA A 57 -13.00 -27.33 -17.66
N ARG A 58 -13.81 -26.29 -17.77
CA ARG A 58 -13.48 -25.19 -18.68
C ARG A 58 -12.34 -24.29 -18.18
N ILE A 59 -12.27 -24.08 -16.87
CA ILE A 59 -11.21 -23.24 -16.32
C ILE A 59 -9.85 -23.90 -16.54
N LEU A 60 -9.76 -25.20 -16.28
CA LEU A 60 -8.50 -25.94 -16.46
C LEU A 60 -8.07 -25.96 -17.92
N ARG A 61 -9.04 -26.08 -18.83
CA ARG A 61 -8.76 -26.10 -20.26
C ARG A 61 -8.38 -24.76 -20.88
N GLU A 62 -9.27 -23.80 -20.77
CA GLU A 62 -9.05 -22.49 -21.35
C GLU A 62 -8.01 -21.61 -20.66
N LYS A 63 -8.08 -21.52 -19.33
CA LYS A 63 -7.13 -20.69 -18.59
C LYS A 63 -6.52 -21.47 -17.44
N GLY A 64 -6.01 -22.65 -17.75
CA GLY A 64 -5.42 -23.50 -16.73
C GLY A 64 -4.03 -23.13 -16.23
N GLU A 65 -3.33 -22.29 -16.98
CA GLU A 65 -1.99 -21.90 -16.56
C GLU A 65 -2.05 -20.92 -15.39
N VAL A 66 -3.10 -20.11 -15.30
CA VAL A 66 -3.20 -19.19 -14.18
C VAL A 66 -3.89 -19.92 -13.02
N ALA A 67 -4.63 -20.95 -13.36
CA ALA A 67 -5.35 -21.74 -12.37
C ALA A 67 -4.41 -22.59 -11.55
N LEU A 68 -3.39 -23.14 -12.20
CA LEU A 68 -2.42 -24.01 -11.53
C LEU A 68 -1.12 -23.32 -11.13
N GLN A 69 -0.93 -22.09 -11.57
CA GLN A 69 0.29 -21.35 -11.22
C GLN A 69 0.11 -20.48 -9.99
N TYR A 70 1.17 -20.34 -9.19
CA TYR A 70 1.14 -19.51 -7.99
C TYR A 70 0.47 -18.17 -8.30
N SER A 71 -0.33 -17.68 -7.36
CA SER A 71 -1.02 -16.42 -7.56
C SER A 71 -0.83 -15.47 -6.41
N PRO A 72 -0.83 -14.15 -6.69
CA PRO A 72 -0.68 -13.16 -5.62
C PRO A 72 -1.78 -13.27 -4.55
N THR A 73 -1.36 -13.45 -3.31
CA THR A 73 -2.22 -13.62 -2.13
C THR A 73 -3.66 -13.09 -2.14
N GLU A 74 -3.83 -11.79 -2.39
CA GLU A 74 -5.16 -11.16 -2.42
C GLU A 74 -6.23 -12.07 -2.99
N GLY A 75 -6.11 -12.40 -4.28
CA GLY A 75 -7.08 -13.28 -4.91
C GLY A 75 -7.55 -12.88 -6.29
N TYR A 76 -8.01 -13.87 -7.05
CA TYR A 76 -8.52 -13.68 -8.41
C TYR A 76 -9.28 -12.34 -8.49
N ALA A 77 -8.71 -11.38 -9.22
CA ALA A 77 -9.31 -10.05 -9.36
C ALA A 77 -10.82 -10.05 -9.61
N PRO A 78 -11.29 -10.86 -10.56
CA PRO A 78 -12.73 -10.90 -10.85
C PRO A 78 -13.60 -11.28 -9.64
N LEU A 79 -13.05 -12.12 -8.75
CA LEU A 79 -13.78 -12.57 -7.55
C LEU A 79 -13.81 -11.44 -6.53
N ARG A 80 -12.75 -10.63 -6.47
CA ARG A 80 -12.71 -9.53 -5.54
C ARG A 80 -13.71 -8.47 -5.99
N ALA A 81 -13.78 -8.22 -7.28
CA ALA A 81 -14.71 -7.24 -7.80
C ALA A 81 -16.15 -7.71 -7.58
N PHE A 82 -16.39 -9.00 -7.82
CA PHE A 82 -17.72 -9.57 -7.62
C PHE A 82 -18.13 -9.41 -6.16
N VAL A 83 -17.23 -9.78 -5.25
CA VAL A 83 -17.49 -9.66 -3.83
C VAL A 83 -17.70 -8.20 -3.50
N ALA A 84 -16.83 -7.34 -4.04
CA ALA A 84 -16.92 -5.91 -3.81
C ALA A 84 -18.28 -5.41 -4.26
N GLU A 85 -18.75 -5.90 -5.40
CA GLU A 85 -20.06 -5.51 -5.92
C GLU A 85 -21.16 -5.97 -4.96
N TRP A 86 -21.08 -7.24 -4.56
CA TRP A 86 -22.05 -7.85 -3.67
C TRP A 86 -22.18 -7.15 -2.31
N ILE A 87 -21.06 -7.01 -1.58
CA ILE A 87 -21.06 -6.37 -0.26
C ILE A 87 -21.33 -4.86 -0.28
N GLY A 88 -21.03 -4.22 -1.42
CA GLY A 88 -21.26 -2.79 -1.53
C GLY A 88 -20.03 -1.97 -1.22
N VAL A 89 -18.87 -2.50 -1.61
CA VAL A 89 -17.60 -1.84 -1.37
C VAL A 89 -16.71 -1.93 -2.61
N ARG A 90 -15.41 -1.62 -2.46
CA ARG A 90 -14.48 -1.69 -3.59
C ARG A 90 -13.60 -2.93 -3.56
N PRO A 91 -13.04 -3.30 -4.73
CA PRO A 91 -12.16 -4.47 -4.88
C PRO A 91 -10.92 -4.45 -3.97
N GLU A 92 -10.40 -3.26 -3.67
CA GLU A 92 -9.21 -3.15 -2.84
C GLU A 92 -9.49 -3.37 -1.37
N GLU A 93 -10.75 -3.33 -0.99
CA GLU A 93 -11.07 -3.50 0.42
C GLU A 93 -11.39 -4.95 0.70
N VAL A 94 -11.35 -5.76 -0.34
CA VAL A 94 -11.65 -7.18 -0.22
C VAL A 94 -10.41 -8.04 -0.21
N LEU A 95 -10.38 -8.99 0.73
CA LEU A 95 -9.28 -9.94 0.85
C LEU A 95 -9.88 -11.33 0.83
N ILE A 96 -9.40 -12.17 -0.07
CA ILE A 96 -9.92 -13.53 -0.19
C ILE A 96 -9.13 -14.49 0.66
N THR A 97 -9.84 -15.28 1.45
CA THR A 97 -9.20 -16.24 2.31
C THR A 97 -9.68 -17.67 2.05
N THR A 98 -9.01 -18.62 2.67
CA THR A 98 -9.38 -20.02 2.55
C THR A 98 -10.43 -20.28 3.63
N GLY A 99 -11.65 -19.84 3.36
CA GLY A 99 -12.75 -20.00 4.30
C GLY A 99 -12.66 -18.93 5.35
N SER A 100 -13.76 -18.65 6.03
CA SER A 100 -13.73 -17.66 7.09
C SER A 100 -12.81 -18.19 8.19
N GLN A 101 -12.74 -19.51 8.30
CA GLN A 101 -11.91 -20.12 9.32
C GLN A 101 -10.52 -19.50 9.34
N GLN A 102 -10.01 -19.15 8.16
CA GLN A 102 -8.70 -18.53 8.07
C GLN A 102 -8.69 -17.09 8.57
N ALA A 103 -9.62 -16.29 8.07
CA ALA A 103 -9.74 -14.89 8.47
C ALA A 103 -9.74 -14.77 10.00
N LEU A 104 -10.30 -15.77 10.68
CA LEU A 104 -10.34 -15.76 12.14
C LEU A 104 -8.96 -16.10 12.65
N ASP A 105 -8.19 -16.82 11.84
CA ASP A 105 -6.84 -17.21 12.24
C ASP A 105 -5.89 -16.04 11.96
N LEU A 106 -6.20 -15.28 10.91
CA LEU A 106 -5.39 -14.13 10.53
C LEU A 106 -5.63 -12.96 11.48
N VAL A 107 -6.86 -12.85 11.98
CA VAL A 107 -7.20 -11.77 12.90
C VAL A 107 -6.58 -12.07 14.25
N GLY A 108 -6.69 -13.31 14.70
CA GLY A 108 -6.09 -13.66 15.98
C GLY A 108 -4.61 -13.33 15.95
N LYS A 109 -3.93 -13.74 14.87
CA LYS A 109 -2.51 -13.52 14.68
C LYS A 109 -2.12 -12.04 14.59
N VAL A 110 -3.07 -11.18 14.25
CA VAL A 110 -2.75 -9.77 14.07
C VAL A 110 -3.12 -8.81 15.20
N PHE A 111 -4.09 -9.19 16.03
CA PHE A 111 -4.54 -8.34 17.12
C PHE A 111 -4.32 -8.92 18.52
N LEU A 112 -3.97 -10.20 18.62
CA LEU A 112 -3.81 -10.85 19.91
C LEU A 112 -2.41 -11.31 20.33
N ASP A 113 -2.07 -11.10 21.60
CA ASP A 113 -0.80 -11.50 22.18
C ASP A 113 -1.18 -12.25 23.45
N GLU A 114 -0.31 -13.10 23.97
CA GLU A 114 -0.68 -13.81 25.19
C GLU A 114 -1.13 -12.76 26.20
N GLY A 115 -2.29 -12.98 26.81
CA GLY A 115 -2.83 -12.05 27.78
C GLY A 115 -3.84 -11.10 27.16
N SER A 116 -3.71 -10.86 25.86
CA SER A 116 -4.62 -9.97 25.16
C SER A 116 -6.07 -10.29 25.48
N PRO A 117 -6.85 -9.27 25.84
CA PRO A 117 -8.26 -9.52 26.15
C PRO A 117 -9.12 -9.46 24.87
N VAL A 118 -9.91 -10.51 24.62
CA VAL A 118 -10.81 -10.55 23.46
C VAL A 118 -12.21 -10.67 24.00
N LEU A 119 -13.16 -10.04 23.33
CA LEU A 119 -14.54 -10.11 23.77
C LEU A 119 -15.39 -10.78 22.70
N LEU A 120 -16.16 -11.76 23.11
CA LEU A 120 -17.05 -12.48 22.21
C LEU A 120 -18.18 -13.01 23.08
N GLU A 121 -19.34 -13.30 22.49
CA GLU A 121 -20.46 -13.80 23.29
C GLU A 121 -20.15 -15.15 23.89
N ALA A 122 -20.96 -15.55 24.84
CA ALA A 122 -20.83 -16.84 25.50
C ALA A 122 -22.25 -17.37 25.53
N PRO A 123 -22.55 -18.39 24.71
CA PRO A 123 -21.64 -19.08 23.78
C PRO A 123 -21.37 -18.34 22.49
N SER A 124 -20.47 -18.91 21.69
CA SER A 124 -20.11 -18.36 20.39
C SER A 124 -19.48 -19.47 19.55
N TYR A 125 -19.22 -19.15 18.29
CA TYR A 125 -18.66 -20.10 17.34
C TYR A 125 -17.36 -20.76 17.74
N MET A 126 -17.40 -22.08 17.91
CA MET A 126 -16.21 -22.84 18.30
C MET A 126 -15.01 -22.47 17.44
N GLY A 127 -15.26 -22.30 16.14
CA GLY A 127 -14.19 -21.97 15.20
C GLY A 127 -13.40 -20.76 15.65
N ALA A 128 -14.12 -19.73 16.09
CA ALA A 128 -13.50 -18.51 16.58
C ALA A 128 -12.75 -18.74 17.88
N ILE A 129 -13.36 -19.46 18.82
CA ILE A 129 -12.69 -19.72 20.09
C ILE A 129 -11.36 -20.38 19.78
N GLN A 130 -11.41 -21.42 18.96
CA GLN A 130 -10.23 -22.19 18.57
C GLN A 130 -9.19 -21.30 17.91
N ALA A 131 -9.61 -20.56 16.90
CA ALA A 131 -8.69 -19.66 16.20
C ALA A 131 -7.99 -18.71 17.16
N PHE A 132 -8.74 -18.14 18.08
CA PHE A 132 -8.16 -17.19 19.03
C PHE A 132 -7.33 -17.85 20.14
N ARG A 133 -7.92 -18.83 20.83
CA ARG A 133 -7.27 -19.54 21.92
C ARG A 133 -5.80 -19.80 21.63
N LEU A 134 -5.50 -20.19 20.40
CA LEU A 134 -4.14 -20.48 20.02
C LEU A 134 -3.20 -19.33 20.40
N GLN A 135 -3.76 -18.14 20.57
CA GLN A 135 -2.95 -16.97 20.91
C GLN A 135 -2.70 -16.77 22.41
N GLY A 136 -3.49 -17.42 23.24
CA GLY A 136 -3.34 -17.27 24.68
C GLY A 136 -3.97 -15.99 25.20
N PRO A 137 -5.03 -15.50 24.55
CA PRO A 137 -5.66 -14.27 25.04
C PRO A 137 -6.42 -14.55 26.32
N ARG A 138 -7.07 -13.52 26.84
CA ARG A 138 -7.88 -13.68 28.03
C ARG A 138 -9.28 -13.39 27.51
N PHE A 139 -10.18 -14.35 27.62
CA PHE A 139 -11.53 -14.18 27.11
C PHE A 139 -12.51 -13.47 28.04
N LEU A 140 -13.15 -12.45 27.48
CA LEU A 140 -14.17 -11.68 28.19
C LEU A 140 -15.41 -12.07 27.42
N THR A 141 -16.33 -12.77 28.07
CA THR A 141 -17.55 -13.16 27.39
C THR A 141 -18.74 -12.44 27.98
N VAL A 142 -19.77 -12.27 27.17
CA VAL A 142 -21.02 -11.62 27.59
C VAL A 142 -22.13 -12.55 27.10
N PRO A 143 -23.15 -12.81 27.93
CA PRO A 143 -24.25 -13.69 27.51
C PRO A 143 -25.02 -13.27 26.27
N ALA A 144 -25.33 -14.25 25.42
CA ALA A 144 -26.06 -14.02 24.17
C ALA A 144 -27.45 -14.65 24.21
N GLY A 145 -28.44 -13.94 23.68
CA GLY A 145 -29.80 -14.43 23.67
C GLY A 145 -30.51 -14.27 22.34
N GLU A 146 -31.82 -14.45 22.37
CA GLU A 146 -32.68 -14.36 21.19
C GLU A 146 -32.47 -13.03 20.47
N GLU A 147 -32.16 -11.98 21.24
CA GLU A 147 -31.95 -10.64 20.69
C GLU A 147 -30.47 -10.33 20.43
N GLY A 148 -29.58 -11.27 20.74
CA GLY A 148 -28.16 -11.05 20.51
C GLY A 148 -27.37 -10.84 21.78
N PRO A 149 -26.19 -10.19 21.70
CA PRO A 149 -25.37 -9.96 22.91
C PRO A 149 -26.02 -9.04 23.94
N ASP A 150 -25.91 -9.41 25.20
CA ASP A 150 -26.45 -8.62 26.31
C ASP A 150 -25.69 -7.30 26.36
N LEU A 151 -26.19 -6.28 25.67
CA LEU A 151 -25.51 -4.98 25.65
C LEU A 151 -25.24 -4.32 27.01
N ASP A 152 -26.04 -4.62 28.02
CA ASP A 152 -25.78 -4.03 29.34
C ASP A 152 -24.52 -4.66 29.89
N ALA A 153 -24.52 -5.98 30.00
CA ALA A 153 -23.35 -6.68 30.50
C ALA A 153 -22.12 -6.23 29.72
N LEU A 154 -22.32 -5.87 28.46
CA LEU A 154 -21.22 -5.43 27.61
C LEU A 154 -20.66 -4.07 28.00
N GLU A 155 -21.52 -3.05 28.11
CA GLU A 155 -21.06 -1.70 28.48
C GLU A 155 -20.42 -1.76 29.86
N GLU A 156 -20.89 -2.70 30.67
CA GLU A 156 -20.36 -2.88 32.01
C GLU A 156 -18.95 -3.49 31.94
N VAL A 157 -18.59 -4.02 30.78
CA VAL A 157 -17.28 -4.62 30.59
C VAL A 157 -16.35 -3.60 29.92
N LEU A 158 -16.92 -2.82 29.01
CA LEU A 158 -16.17 -1.78 28.32
C LEU A 158 -15.77 -0.68 29.30
N LYS A 159 -16.37 -0.70 30.49
CA LYS A 159 -16.07 0.30 31.51
C LYS A 159 -14.93 -0.14 32.42
N ARG A 160 -14.43 -1.36 32.20
CA ARG A 160 -13.35 -1.89 33.01
C ARG A 160 -12.27 -2.42 32.09
N GLU A 161 -12.67 -3.27 31.14
CA GLU A 161 -11.76 -3.88 30.20
C GLU A 161 -11.76 -3.19 28.84
N ARG A 162 -10.75 -3.46 28.04
CA ARG A 162 -10.64 -2.89 26.69
C ARG A 162 -10.11 -3.98 25.75
N PRO A 163 -11.02 -4.81 25.23
CA PRO A 163 -10.65 -5.90 24.33
C PRO A 163 -9.96 -5.45 23.04
N ARG A 164 -9.02 -6.28 22.57
CA ARG A 164 -8.29 -6.00 21.33
C ARG A 164 -9.28 -5.88 20.20
N PHE A 165 -10.42 -6.56 20.36
CA PHE A 165 -11.51 -6.54 19.40
C PHE A 165 -12.68 -7.34 19.92
N LEU A 166 -13.87 -7.03 19.42
CA LEU A 166 -15.08 -7.76 19.80
C LEU A 166 -15.46 -8.64 18.61
N TYR A 167 -15.73 -9.92 18.87
CA TYR A 167 -16.13 -10.87 17.83
C TYR A 167 -17.62 -11.13 17.93
N LEU A 168 -18.38 -10.73 16.91
CA LEU A 168 -19.83 -10.89 16.92
C LEU A 168 -20.44 -11.43 15.62
N ILE A 169 -21.54 -12.19 15.77
CA ILE A 169 -22.26 -12.76 14.64
C ILE A 169 -23.70 -12.23 14.78
N PRO A 170 -23.93 -10.97 14.40
CA PRO A 170 -25.25 -10.33 14.49
C PRO A 170 -26.42 -11.03 13.75
N SER A 171 -26.12 -11.93 12.84
CA SER A 171 -27.18 -12.59 12.09
C SER A 171 -27.20 -14.10 12.22
N PHE A 172 -28.10 -14.61 13.06
CA PHE A 172 -28.28 -16.05 13.25
C PHE A 172 -27.02 -16.70 13.77
N GLN A 173 -26.55 -16.17 14.88
CA GLN A 173 -25.32 -16.61 15.54
C GLN A 173 -25.22 -18.12 15.70
N ASN A 174 -24.01 -18.65 15.56
CA ASN A 174 -23.77 -20.06 15.77
C ASN A 174 -23.35 -20.00 17.23
N PRO A 175 -23.92 -20.85 18.11
CA PRO A 175 -24.91 -21.91 17.98
C PRO A 175 -26.37 -21.58 18.31
N THR A 176 -26.63 -20.39 18.84
CA THR A 176 -27.98 -20.02 19.24
C THR A 176 -28.99 -19.67 18.16
N GLY A 177 -28.56 -19.06 17.08
CA GLY A 177 -29.50 -18.70 16.04
C GLY A 177 -30.15 -17.36 16.36
N GLY A 178 -29.66 -16.71 17.41
CA GLY A 178 -30.20 -15.43 17.78
C GLY A 178 -29.95 -14.39 16.71
N LEU A 179 -30.83 -13.39 16.61
CA LEU A 179 -30.71 -12.32 15.61
C LEU A 179 -30.75 -10.95 16.29
N THR A 180 -29.67 -10.20 16.14
CA THR A 180 -29.55 -8.88 16.73
C THR A 180 -30.37 -7.85 15.94
N PRO A 181 -31.39 -7.26 16.57
CA PRO A 181 -32.22 -6.26 15.87
C PRO A 181 -31.47 -4.96 15.60
N LEU A 182 -31.83 -4.30 14.50
CA LEU A 182 -31.20 -3.04 14.08
C LEU A 182 -30.89 -2.08 15.25
N PRO A 183 -31.87 -1.80 16.11
CA PRO A 183 -31.65 -0.92 17.25
C PRO A 183 -30.48 -1.38 18.11
N ALA A 184 -30.43 -2.66 18.42
CA ALA A 184 -29.34 -3.18 19.23
C ALA A 184 -28.00 -2.93 18.52
N ARG A 185 -27.96 -3.15 17.21
CA ARG A 185 -26.74 -2.92 16.45
C ARG A 185 -26.36 -1.45 16.56
N LYS A 186 -27.31 -0.56 16.29
CA LYS A 186 -27.06 0.88 16.38
C LYS A 186 -26.38 1.19 17.72
N ARG A 187 -26.90 0.61 18.79
CA ARG A 187 -26.37 0.81 20.13
C ARG A 187 -24.94 0.29 20.21
N LEU A 188 -24.75 -0.97 19.84
CA LEU A 188 -23.43 -1.61 19.89
C LEU A 188 -22.37 -0.81 19.14
N LEU A 189 -22.72 -0.38 17.94
CA LEU A 189 -21.79 0.41 17.16
C LEU A 189 -21.50 1.71 17.91
N GLN A 190 -22.54 2.30 18.50
CA GLN A 190 -22.37 3.55 19.23
C GLN A 190 -21.37 3.35 20.36
N MET A 191 -21.31 2.14 20.88
CA MET A 191 -20.41 1.80 21.97
C MET A 191 -18.96 1.59 21.54
N VAL A 192 -18.73 0.99 20.37
CA VAL A 192 -17.36 0.77 19.95
C VAL A 192 -16.77 2.03 19.31
N MET A 193 -17.64 2.87 18.74
CA MET A 193 -17.16 4.11 18.13
C MET A 193 -16.75 5.08 19.23
N GLU A 194 -17.48 5.06 20.33
CA GLU A 194 -17.21 5.93 21.46
C GLU A 194 -15.87 5.55 22.08
N ARG A 195 -15.44 4.32 21.85
CA ARG A 195 -14.18 3.85 22.42
C ARG A 195 -13.14 3.41 21.42
N GLY A 196 -13.30 3.81 20.15
CA GLY A 196 -12.34 3.41 19.13
C GLY A 196 -11.95 1.94 19.24
N LEU A 197 -12.95 1.06 19.29
CA LEU A 197 -12.72 -0.38 19.41
C LEU A 197 -12.90 -1.14 18.10
N VAL A 198 -12.28 -2.30 18.00
CA VAL A 198 -12.37 -3.12 16.78
C VAL A 198 -13.47 -4.18 16.93
N VAL A 199 -14.21 -4.39 15.84
CA VAL A 199 -15.27 -5.39 15.81
C VAL A 199 -15.10 -6.31 14.60
N VAL A 200 -14.96 -7.59 14.87
CA VAL A 200 -14.84 -8.59 13.82
C VAL A 200 -16.27 -9.10 13.63
N GLU A 201 -16.86 -8.81 12.49
CA GLU A 201 -18.22 -9.21 12.20
C GLU A 201 -18.22 -10.42 11.27
N ASP A 202 -18.78 -11.52 11.76
CA ASP A 202 -18.87 -12.78 11.02
C ASP A 202 -20.27 -12.91 10.41
N ASP A 203 -20.37 -12.83 9.08
CA ASP A 203 -21.67 -12.94 8.42
C ASP A 203 -21.83 -14.20 7.59
N ALA A 204 -21.44 -15.34 8.14
CA ALA A 204 -21.55 -16.60 7.42
C ALA A 204 -22.97 -16.85 6.97
N TYR A 205 -23.93 -16.33 7.74
CA TYR A 205 -25.34 -16.52 7.46
C TYR A 205 -26.03 -15.29 6.90
N ARG A 206 -25.25 -14.36 6.35
CA ARG A 206 -25.81 -13.14 5.77
C ARG A 206 -27.09 -13.41 4.99
N GLU A 207 -26.99 -14.25 3.97
CA GLU A 207 -28.11 -14.57 3.09
C GLU A 207 -29.08 -15.67 3.51
N LEU A 208 -28.99 -16.19 4.73
CA LEU A 208 -29.92 -17.24 5.16
C LEU A 208 -31.06 -16.83 6.09
N TYR A 209 -31.67 -15.67 5.85
CA TYR A 209 -32.78 -15.19 6.67
C TYR A 209 -34.11 -15.77 6.16
N PHE A 210 -34.91 -16.33 7.07
CA PHE A 210 -36.19 -16.89 6.66
C PHE A 210 -37.25 -15.82 6.45
N GLY A 211 -36.92 -14.60 6.84
CA GLY A 211 -37.85 -13.48 6.67
C GLY A 211 -37.74 -13.02 5.22
N GLU A 212 -37.99 -11.74 4.96
CA GLU A 212 -37.90 -11.26 3.58
C GLU A 212 -36.95 -10.08 3.42
N ALA A 213 -36.09 -9.88 4.40
CA ALA A 213 -35.13 -8.77 4.37
C ALA A 213 -33.95 -9.02 5.31
N ARG A 214 -32.75 -8.72 4.82
CA ARG A 214 -31.52 -8.88 5.59
C ARG A 214 -31.39 -7.59 6.41
N LEU A 215 -30.89 -7.70 7.63
CA LEU A 215 -30.72 -6.54 8.50
C LEU A 215 -29.38 -5.84 8.25
N PRO A 216 -29.37 -4.49 8.29
CA PRO A 216 -28.14 -3.72 8.07
C PRO A 216 -27.02 -4.35 8.87
N SER A 217 -25.87 -4.57 8.23
CA SER A 217 -24.73 -5.16 8.92
C SER A 217 -23.97 -4.11 9.71
N LEU A 218 -23.23 -4.56 10.72
CA LEU A 218 -22.43 -3.65 11.54
C LEU A 218 -21.44 -2.93 10.63
N PHE A 219 -21.01 -3.63 9.57
CA PHE A 219 -20.07 -3.03 8.61
C PHE A 219 -20.80 -1.94 7.83
N GLU A 220 -22.08 -2.16 7.59
CA GLU A 220 -22.89 -1.20 6.85
C GLU A 220 -23.25 0.01 7.71
N LEU A 221 -23.68 -0.21 8.95
CA LEU A 221 -23.99 0.93 9.83
C LEU A 221 -22.72 1.75 10.09
N ALA A 222 -21.59 1.07 10.21
CA ALA A 222 -20.32 1.73 10.47
C ALA A 222 -19.82 2.54 9.28
N ARG A 223 -19.64 1.90 8.13
CA ARG A 223 -19.17 2.61 6.95
C ARG A 223 -20.00 3.88 6.74
N GLU A 224 -21.29 3.78 6.99
CA GLU A 224 -22.19 4.90 6.83
C GLU A 224 -21.89 5.97 7.87
N ALA A 225 -21.47 5.53 9.05
CA ALA A 225 -21.17 6.47 10.12
C ALA A 225 -19.79 7.08 9.94
N GLY A 226 -18.93 6.40 9.19
CA GLY A 226 -17.58 6.89 8.96
C GLY A 226 -16.50 6.16 9.75
N TYR A 227 -16.93 5.35 10.70
CA TYR A 227 -16.01 4.58 11.54
C TYR A 227 -15.43 3.39 10.76
N PRO A 228 -14.10 3.24 10.78
CA PRO A 228 -13.44 2.15 10.05
C PRO A 228 -12.96 1.03 10.98
N GLY A 229 -13.68 0.78 12.07
CA GLY A 229 -13.22 -0.25 12.99
C GLY A 229 -13.81 -1.64 12.84
N VAL A 230 -14.53 -1.86 11.74
CA VAL A 230 -15.13 -3.17 11.52
C VAL A 230 -14.46 -4.01 10.45
N ILE A 231 -14.21 -5.26 10.79
CA ILE A 231 -13.60 -6.20 9.85
C ILE A 231 -14.71 -7.20 9.51
N TYR A 232 -15.33 -6.98 8.34
CA TYR A 232 -16.42 -7.82 7.88
C TYR A 232 -15.94 -9.14 7.30
N LEU A 233 -16.38 -10.24 7.88
CA LEU A 233 -16.01 -11.56 7.41
C LEU A 233 -17.20 -12.16 6.67
N GLY A 234 -16.94 -12.73 5.50
CA GLY A 234 -17.98 -13.35 4.70
C GLY A 234 -17.51 -14.66 4.12
N SER A 235 -18.43 -15.61 3.92
CA SER A 235 -18.06 -16.88 3.35
C SER A 235 -18.93 -17.32 2.18
N PHE A 236 -18.51 -18.40 1.53
CA PHE A 236 -19.24 -18.97 0.41
C PHE A 236 -19.57 -20.40 0.77
N SER A 237 -19.31 -20.73 2.04
CA SER A 237 -19.55 -22.08 2.54
C SER A 237 -20.99 -22.43 2.80
N LYS A 238 -21.84 -21.43 3.01
CA LYS A 238 -23.25 -21.69 3.30
C LYS A 238 -24.19 -21.34 2.14
N VAL A 239 -23.63 -20.89 1.03
CA VAL A 239 -24.45 -20.52 -0.12
C VAL A 239 -24.00 -21.13 -1.45
N LEU A 240 -22.87 -21.82 -1.45
CA LEU A 240 -22.36 -22.44 -2.65
C LEU A 240 -21.76 -23.77 -2.23
N SER A 241 -20.60 -23.72 -1.59
CA SER A 241 -19.94 -24.93 -1.12
C SER A 241 -18.96 -24.67 0.01
N PRO A 242 -19.12 -25.40 1.13
CA PRO A 242 -18.22 -25.22 2.26
C PRO A 242 -16.85 -25.85 1.98
N GLY A 243 -16.86 -26.94 1.22
CA GLY A 243 -15.63 -27.65 0.88
C GLY A 243 -14.70 -26.97 -0.13
N LEU A 244 -15.15 -25.89 -0.77
CA LEU A 244 -14.31 -25.18 -1.72
C LEU A 244 -13.32 -24.29 -0.96
N ARG A 245 -13.62 -24.09 0.33
CA ARG A 245 -12.81 -23.26 1.23
C ARG A 245 -12.51 -21.91 0.61
N VAL A 246 -13.57 -21.21 0.22
CA VAL A 246 -13.41 -19.90 -0.39
C VAL A 246 -14.28 -18.87 0.35
N ALA A 247 -13.62 -17.87 0.93
CA ALA A 247 -14.33 -16.84 1.66
C ALA A 247 -13.60 -15.53 1.48
N PHE A 248 -14.01 -14.50 2.22
CA PHE A 248 -13.36 -13.20 2.12
C PHE A 248 -13.43 -12.39 3.41
N ALA A 249 -12.59 -11.37 3.46
CA ALA A 249 -12.53 -10.45 4.58
C ALA A 249 -12.54 -9.04 4.02
N VAL A 250 -13.42 -8.21 4.53
CA VAL A 250 -13.50 -6.83 4.07
C VAL A 250 -13.10 -5.99 5.26
N ALA A 251 -12.10 -5.14 5.07
CA ALA A 251 -11.65 -4.30 6.17
C ALA A 251 -10.97 -3.05 5.68
N HIS A 252 -10.59 -2.20 6.62
CA HIS A 252 -9.93 -0.96 6.27
C HIS A 252 -8.57 -1.26 5.67
N PRO A 253 -8.18 -0.52 4.63
CA PRO A 253 -6.90 -0.71 3.94
C PRO A 253 -5.68 -1.00 4.83
N GLU A 254 -5.46 -0.17 5.84
CA GLU A 254 -4.32 -0.36 6.72
C GLU A 254 -4.39 -1.64 7.53
N ALA A 255 -5.61 -2.13 7.75
CA ALA A 255 -5.80 -3.36 8.51
C ALA A 255 -5.81 -4.55 7.56
N LEU A 256 -6.10 -4.28 6.29
CA LEU A 256 -6.15 -5.33 5.28
C LEU A 256 -4.74 -5.81 4.94
N GLN A 257 -3.81 -4.86 4.82
CA GLN A 257 -2.42 -5.19 4.50
C GLN A 257 -1.84 -6.17 5.50
N LYS A 258 -1.99 -5.87 6.79
CA LYS A 258 -1.48 -6.76 7.81
C LYS A 258 -2.11 -8.15 7.67
N LEU A 259 -3.38 -8.19 7.28
CA LEU A 259 -4.06 -9.47 7.11
C LEU A 259 -3.49 -10.19 5.88
N VAL A 260 -3.15 -9.42 4.85
CA VAL A 260 -2.58 -9.97 3.62
C VAL A 260 -1.22 -10.57 3.94
N GLN A 261 -0.43 -9.81 4.69
CA GLN A 261 0.92 -10.21 5.09
C GLN A 261 0.87 -11.43 5.98
N ALA A 262 -0.20 -11.55 6.76
CA ALA A 262 -0.34 -12.69 7.64
C ALA A 262 -0.73 -13.93 6.81
N LYS A 263 -1.58 -13.73 5.81
CA LYS A 263 -2.03 -14.82 4.95
C LYS A 263 -0.93 -15.52 4.15
N GLN A 264 0.01 -14.74 3.62
CA GLN A 264 1.10 -15.31 2.85
C GLN A 264 1.87 -16.29 3.70
N GLY A 265 2.08 -15.95 4.97
CA GLY A 265 2.81 -16.86 5.82
C GLY A 265 1.97 -18.06 6.17
N ALA A 266 0.67 -17.97 5.87
CA ALA A 266 -0.29 -19.02 6.17
C ALA A 266 -0.37 -20.15 5.13
N ASP A 267 -0.61 -19.78 3.87
CA ASP A 267 -0.73 -20.75 2.77
C ASP A 267 -0.34 -20.14 1.42
N LEU A 268 0.31 -18.98 1.47
CA LEU A 268 0.76 -18.23 0.30
C LEU A 268 -0.38 -17.52 -0.39
N HIS A 269 -1.37 -18.29 -0.83
CA HIS A 269 -2.55 -17.76 -1.49
C HIS A 269 -3.63 -18.83 -1.47
N THR A 270 -4.87 -18.41 -1.66
CA THR A 270 -5.99 -19.34 -1.68
C THR A 270 -6.00 -20.03 -3.04
N PRO A 271 -6.19 -21.35 -3.07
CA PRO A 271 -6.18 -22.04 -4.37
C PRO A 271 -6.95 -21.25 -5.41
N MET A 272 -6.23 -20.82 -6.44
CA MET A 272 -6.80 -20.01 -7.51
C MET A 272 -7.83 -20.76 -8.34
N LEU A 273 -7.75 -22.09 -8.34
CA LEU A 273 -8.70 -22.90 -9.10
C LEU A 273 -10.04 -22.71 -8.45
N ASN A 274 -10.03 -22.79 -7.12
CA ASN A 274 -11.26 -22.66 -6.35
C ASN A 274 -11.89 -21.29 -6.46
N GLN A 275 -11.07 -20.24 -6.43
CA GLN A 275 -11.58 -18.87 -6.51
C GLN A 275 -12.27 -18.61 -7.83
N MET A 276 -11.63 -19.04 -8.93
CA MET A 276 -12.18 -18.87 -10.28
C MET A 276 -13.45 -19.71 -10.44
N LEU A 277 -13.45 -20.93 -9.90
CA LEU A 277 -14.63 -21.76 -10.01
C LEU A 277 -15.81 -21.06 -9.34
N VAL A 278 -15.61 -20.61 -8.10
CA VAL A 278 -16.67 -19.91 -7.38
C VAL A 278 -17.17 -18.74 -8.19
N HIS A 279 -16.26 -17.90 -8.69
CA HIS A 279 -16.68 -16.75 -9.47
C HIS A 279 -17.47 -17.16 -10.71
N GLU A 280 -17.02 -18.23 -11.37
CA GLU A 280 -17.67 -18.75 -12.57
C GLU A 280 -19.11 -19.12 -12.26
N LEU A 281 -19.32 -19.76 -11.11
CA LEU A 281 -20.65 -20.17 -10.70
C LEU A 281 -21.54 -19.03 -10.20
N LEU A 282 -20.94 -17.92 -9.78
CA LEU A 282 -21.78 -16.84 -9.26
C LEU A 282 -21.97 -15.63 -10.14
N LYS A 283 -21.30 -15.56 -11.29
CA LYS A 283 -21.50 -14.40 -12.15
C LYS A 283 -22.86 -14.55 -12.82
N GLU A 284 -23.50 -15.68 -12.56
CA GLU A 284 -24.81 -16.03 -13.12
C GLU A 284 -25.89 -16.30 -12.07
N GLY A 285 -27.07 -15.71 -12.26
CA GLY A 285 -28.19 -15.92 -11.35
C GLY A 285 -27.93 -16.20 -9.87
N PHE A 286 -27.17 -15.32 -9.24
CA PHE A 286 -26.84 -15.45 -7.83
C PHE A 286 -28.12 -15.34 -7.01
N SER A 287 -28.89 -14.28 -7.26
CA SER A 287 -30.13 -14.04 -6.55
C SER A 287 -31.01 -15.28 -6.47
N GLU A 288 -31.25 -15.94 -7.61
CA GLU A 288 -32.08 -17.14 -7.65
C GLU A 288 -31.47 -18.22 -6.77
N ARG A 289 -30.17 -18.41 -6.87
CA ARG A 289 -29.50 -19.42 -6.05
C ARG A 289 -29.74 -19.11 -4.59
N LEU A 290 -29.57 -17.85 -4.20
CA LEU A 290 -29.79 -17.45 -2.81
C LEU A 290 -31.21 -17.75 -2.34
N GLU A 291 -32.19 -17.51 -3.20
CA GLU A 291 -33.58 -17.78 -2.83
C GLU A 291 -33.79 -19.27 -2.64
N ARG A 292 -33.11 -20.08 -3.43
CA ARG A 292 -33.28 -21.51 -3.29
C ARG A 292 -32.82 -21.97 -1.91
N VAL A 293 -31.72 -21.42 -1.41
CA VAL A 293 -31.23 -21.83 -0.09
C VAL A 293 -32.15 -21.27 0.99
N ARG A 294 -32.46 -19.99 0.85
CA ARG A 294 -33.32 -19.31 1.80
C ARG A 294 -34.57 -20.16 2.02
N ARG A 295 -35.03 -20.81 0.96
CA ARG A 295 -36.23 -21.65 1.00
C ARG A 295 -35.98 -22.97 1.72
N VAL A 296 -34.91 -23.66 1.33
CA VAL A 296 -34.56 -24.95 1.92
C VAL A 296 -34.36 -24.90 3.43
N TYR A 297 -33.64 -23.90 3.93
CA TYR A 297 -33.42 -23.80 5.37
C TYR A 297 -34.70 -23.34 6.05
N ARG A 298 -35.43 -22.42 5.41
CA ARG A 298 -36.67 -21.95 5.99
C ARG A 298 -37.54 -23.18 6.11
N GLU A 299 -37.62 -23.92 5.00
CA GLU A 299 -38.41 -25.14 4.90
C GLU A 299 -37.99 -26.19 5.93
N LYS A 300 -36.69 -26.44 6.06
CA LYS A 300 -36.25 -27.44 7.03
C LYS A 300 -36.45 -26.97 8.46
N ALA A 301 -36.27 -25.68 8.69
CA ALA A 301 -36.42 -25.09 10.02
C ALA A 301 -37.85 -25.17 10.55
N GLN A 302 -38.83 -24.93 9.68
CA GLN A 302 -40.23 -25.02 10.09
C GLN A 302 -40.54 -26.45 10.50
N ALA A 303 -39.98 -27.41 9.76
CA ALA A 303 -40.19 -28.81 10.07
C ALA A 303 -39.49 -29.17 11.35
N MET A 304 -38.35 -28.53 11.61
CA MET A 304 -37.60 -28.80 12.83
C MET A 304 -38.38 -28.32 14.05
N LEU A 305 -38.87 -27.08 14.01
CA LEU A 305 -39.62 -26.57 15.13
C LEU A 305 -40.87 -27.41 15.37
N HIS A 306 -41.62 -27.69 14.31
CA HIS A 306 -42.83 -28.51 14.43
C HIS A 306 -42.54 -29.80 15.17
N ALA A 307 -41.57 -30.56 14.68
CA ALA A 307 -41.24 -31.82 15.34
C ALA A 307 -40.92 -31.56 16.81
N LEU A 308 -40.31 -30.42 17.10
CA LEU A 308 -39.95 -30.08 18.48
C LEU A 308 -41.15 -29.73 19.36
N ASP A 309 -42.08 -28.97 18.83
CA ASP A 309 -43.26 -28.58 19.59
C ASP A 309 -44.10 -29.81 19.90
N ARG A 310 -43.99 -30.81 19.05
CA ARG A 310 -44.74 -32.05 19.20
C ARG A 310 -44.04 -33.13 20.03
N GLU A 311 -42.72 -33.02 20.21
CA GLU A 311 -41.98 -34.03 20.95
C GLU A 311 -41.27 -33.61 22.23
N VAL A 312 -40.73 -32.40 22.25
CA VAL A 312 -40.00 -31.92 23.42
C VAL A 312 -40.89 -31.55 24.60
N PRO A 313 -40.50 -31.96 25.81
CA PRO A 313 -41.27 -31.65 27.02
C PRO A 313 -41.24 -30.14 27.26
N LYS A 314 -42.16 -29.63 28.08
CA LYS A 314 -42.24 -28.21 28.36
C LYS A 314 -41.14 -27.72 29.32
N GLU A 315 -40.55 -28.63 30.08
CA GLU A 315 -39.49 -28.32 31.06
C GLU A 315 -38.14 -28.05 30.41
N VAL A 316 -38.11 -28.13 29.08
CA VAL A 316 -36.89 -27.90 28.31
C VAL A 316 -37.17 -26.85 27.25
N ARG A 317 -36.23 -25.94 27.06
CA ARG A 317 -36.43 -24.89 26.07
C ARG A 317 -35.46 -24.97 24.90
N TYR A 318 -35.87 -24.39 23.78
CA TYR A 318 -35.07 -24.35 22.58
C TYR A 318 -35.44 -23.09 21.82
N THR A 319 -34.47 -22.50 21.15
CA THR A 319 -34.68 -21.27 20.39
C THR A 319 -35.49 -21.48 19.12
N ARG A 320 -36.18 -20.42 18.70
CA ARG A 320 -36.99 -20.41 17.49
C ARG A 320 -36.22 -19.43 16.59
N PRO A 321 -35.28 -19.95 15.78
CA PRO A 321 -34.45 -19.15 14.87
C PRO A 321 -35.17 -18.49 13.72
N LYS A 322 -34.84 -17.23 13.44
CA LYS A 322 -35.46 -16.52 12.34
C LYS A 322 -34.54 -16.54 11.12
N GLY A 323 -33.61 -17.51 11.09
CA GLY A 323 -32.68 -17.62 9.99
C GLY A 323 -31.58 -18.55 10.46
N GLY A 324 -30.58 -18.80 9.62
CA GLY A 324 -29.51 -19.69 10.03
C GLY A 324 -29.80 -21.16 9.80
N MET A 325 -29.11 -22.04 10.54
CA MET A 325 -29.29 -23.47 10.37
C MET A 325 -29.13 -24.25 11.68
N PHE A 326 -29.39 -23.60 12.81
CA PHE A 326 -29.27 -24.25 14.12
C PHE A 326 -30.46 -23.97 15.03
N VAL A 327 -30.56 -24.77 16.08
CA VAL A 327 -31.58 -24.63 17.11
C VAL A 327 -30.79 -24.95 18.37
N TRP A 328 -30.78 -24.01 19.30
CA TRP A 328 -30.04 -24.15 20.56
C TRP A 328 -30.96 -24.58 21.68
N MET A 329 -30.66 -25.72 22.31
CA MET A 329 -31.51 -26.22 23.38
C MET A 329 -30.85 -26.13 24.76
N GLU A 330 -31.65 -25.84 25.79
CA GLU A 330 -31.15 -25.72 27.17
C GLU A 330 -32.01 -26.49 28.18
N LEU A 331 -31.42 -27.51 28.80
CA LEU A 331 -32.13 -28.31 29.78
C LEU A 331 -32.18 -27.49 31.07
N PRO A 332 -33.14 -27.78 31.95
CA PRO A 332 -33.23 -27.04 33.21
C PRO A 332 -31.93 -27.22 34.02
N LYS A 333 -31.30 -26.10 34.37
CA LYS A 333 -30.04 -26.10 35.10
C LYS A 333 -29.83 -27.32 36.00
N GLY A 334 -28.60 -27.83 36.02
CA GLY A 334 -28.29 -28.99 36.82
C GLY A 334 -28.32 -30.27 36.01
N LEU A 335 -29.13 -30.30 34.95
CA LEU A 335 -29.24 -31.47 34.09
C LEU A 335 -28.18 -31.38 32.99
N SER A 336 -27.36 -32.42 32.88
CA SER A 336 -26.30 -32.45 31.90
C SER A 336 -26.77 -32.72 30.47
N ALA A 337 -26.13 -32.04 29.51
CA ALA A 337 -26.47 -32.24 28.11
C ALA A 337 -25.50 -33.29 27.61
N GLU A 338 -24.45 -33.52 28.38
CA GLU A 338 -23.45 -34.51 28.03
C GLU A 338 -23.97 -35.87 28.51
N GLY A 339 -24.80 -35.84 29.54
CA GLY A 339 -25.37 -37.07 30.04
C GLY A 339 -26.43 -37.48 29.05
N LEU A 340 -27.25 -36.50 28.64
CA LEU A 340 -28.32 -36.73 27.66
C LEU A 340 -27.69 -37.40 26.43
N PHE A 341 -26.52 -36.91 26.05
CA PHE A 341 -25.83 -37.44 24.90
C PHE A 341 -25.68 -38.96 24.96
N ARG A 342 -25.84 -39.52 26.15
CA ARG A 342 -25.70 -40.96 26.32
C ARG A 342 -27.03 -41.68 26.16
N ARG A 343 -28.12 -41.02 26.56
CA ARG A 343 -29.45 -41.61 26.45
C ARG A 343 -29.97 -41.32 25.04
N ALA A 344 -29.26 -40.44 24.32
CA ALA A 344 -29.63 -40.07 22.97
C ALA A 344 -29.11 -41.14 22.02
N LEU A 345 -27.97 -41.74 22.39
CA LEU A 345 -27.40 -42.80 21.57
C LEU A 345 -28.28 -44.05 21.76
N GLU A 346 -28.72 -44.29 22.98
CA GLU A 346 -29.60 -45.41 23.28
C GLU A 346 -30.81 -45.27 22.37
N GLU A 347 -31.10 -44.04 21.97
CA GLU A 347 -32.24 -43.76 21.12
C GLU A 347 -31.85 -43.54 19.66
N ASN A 348 -30.57 -43.73 19.36
CA ASN A 348 -30.07 -43.58 17.99
C ASN A 348 -30.18 -42.18 17.40
N VAL A 349 -29.80 -41.18 18.19
CA VAL A 349 -29.85 -39.80 17.73
C VAL A 349 -28.73 -39.04 18.45
N ALA A 350 -28.20 -38.00 17.84
CA ALA A 350 -27.13 -37.26 18.50
C ALA A 350 -27.21 -35.75 18.30
N PHE A 351 -26.40 -35.03 19.06
CA PHE A 351 -26.33 -33.57 19.00
C PHE A 351 -24.97 -33.11 19.53
N VAL A 352 -24.77 -31.79 19.59
CA VAL A 352 -23.50 -31.27 20.09
C VAL A 352 -23.65 -30.69 21.50
N PRO A 353 -22.88 -31.22 22.46
CA PRO A 353 -23.01 -30.65 23.80
C PRO A 353 -22.50 -29.20 23.75
N GLY A 354 -23.11 -28.31 24.53
CA GLY A 354 -22.72 -26.90 24.51
C GLY A 354 -21.42 -26.41 25.12
N GLY A 355 -20.85 -27.20 26.02
CA GLY A 355 -19.62 -26.83 26.69
C GLY A 355 -18.59 -26.13 25.82
N PRO A 356 -18.16 -26.77 24.72
CA PRO A 356 -17.17 -26.21 23.81
C PRO A 356 -17.53 -24.86 23.22
N PHE A 357 -18.80 -24.47 23.33
CA PHE A 357 -19.24 -23.19 22.79
C PHE A 357 -19.05 -22.07 23.78
N PHE A 358 -18.57 -22.41 24.97
CA PHE A 358 -18.35 -21.41 26.01
C PHE A 358 -16.84 -21.20 26.23
N ALA A 359 -16.33 -20.09 25.69
CA ALA A 359 -14.92 -19.75 25.80
C ALA A 359 -14.35 -19.95 27.20
N ASN A 360 -15.11 -19.60 28.23
CA ASN A 360 -14.64 -19.74 29.61
C ASN A 360 -15.36 -20.81 30.42
N GLY A 361 -15.79 -21.88 29.77
CA GLY A 361 -16.46 -22.95 30.48
C GLY A 361 -17.90 -22.67 30.88
N GLY A 362 -18.57 -23.69 31.39
CA GLY A 362 -19.95 -23.56 31.81
C GLY A 362 -20.99 -24.00 30.80
N GLY A 363 -22.25 -23.67 31.08
CA GLY A 363 -23.35 -23.99 30.19
C GLY A 363 -23.35 -25.45 29.75
N GLU A 364 -23.12 -26.35 30.68
CA GLU A 364 -23.10 -27.77 30.37
C GLU A 364 -24.49 -28.40 30.41
N ASN A 365 -25.52 -27.57 30.40
CA ASN A 365 -26.90 -28.04 30.42
C ASN A 365 -27.56 -27.63 29.11
N THR A 366 -26.74 -27.28 28.12
CA THR A 366 -27.26 -26.85 26.83
C THR A 366 -26.62 -27.64 25.71
N LEU A 367 -27.17 -27.52 24.51
CA LEU A 367 -26.61 -28.24 23.37
C LEU A 367 -27.15 -27.68 22.08
N ARG A 368 -26.39 -27.85 20.99
CA ARG A 368 -26.80 -27.35 19.68
C ARG A 368 -27.41 -28.42 18.76
N LEU A 369 -28.40 -28.00 17.99
CA LEU A 369 -29.08 -28.90 17.06
C LEU A 369 -29.01 -28.35 15.65
N SER A 370 -28.43 -29.11 14.73
CA SER A 370 -28.35 -28.70 13.32
C SER A 370 -29.26 -29.62 12.51
N TYR A 371 -29.90 -29.08 11.47
CA TYR A 371 -30.82 -29.86 10.65
C TYR A 371 -30.54 -29.82 9.14
N ALA A 372 -29.76 -28.84 8.71
CA ALA A 372 -29.44 -28.68 7.30
C ALA A 372 -29.13 -29.96 6.49
N THR A 373 -28.61 -30.99 7.14
CA THR A 373 -28.28 -32.21 6.40
C THR A 373 -29.43 -33.20 6.25
N LEU A 374 -30.25 -33.31 7.28
CA LEU A 374 -31.39 -34.21 7.25
C LEU A 374 -32.49 -33.71 6.33
N ASP A 375 -33.50 -34.53 6.08
CA ASP A 375 -34.63 -34.14 5.25
C ASP A 375 -35.88 -34.27 6.11
N ARG A 376 -37.04 -33.92 5.55
CA ARG A 376 -38.30 -33.98 6.28
C ARG A 376 -38.52 -35.18 7.20
N GLU A 377 -38.17 -36.38 6.76
CA GLU A 377 -38.37 -37.55 7.63
C GLU A 377 -37.33 -37.64 8.73
N GLY A 378 -36.05 -37.37 8.39
CA GLY A 378 -35.00 -37.41 9.40
C GLY A 378 -35.31 -36.42 10.50
N ILE A 379 -35.73 -35.21 10.11
CA ILE A 379 -36.07 -34.18 11.09
C ILE A 379 -37.09 -34.77 12.05
N ALA A 380 -38.24 -35.16 11.51
CA ALA A 380 -39.32 -35.71 12.30
C ALA A 380 -38.93 -36.96 13.09
N GLU A 381 -38.22 -37.87 12.44
CA GLU A 381 -37.80 -39.09 13.10
C GLU A 381 -36.81 -38.81 14.23
N GLY A 382 -35.78 -38.02 13.94
CA GLY A 382 -34.77 -37.68 14.93
C GLY A 382 -35.33 -36.89 16.12
N VAL A 383 -36.15 -35.88 15.83
CA VAL A 383 -36.75 -35.07 16.88
C VAL A 383 -37.65 -35.93 17.74
N ARG A 384 -38.08 -37.05 17.17
CA ARG A 384 -38.94 -37.99 17.87
C ARG A 384 -38.10 -38.83 18.82
N ARG A 385 -36.89 -39.17 18.39
CA ARG A 385 -35.96 -39.96 19.20
C ARG A 385 -35.33 -39.05 20.25
N LEU A 386 -35.06 -37.81 19.85
CA LEU A 386 -34.47 -36.84 20.76
C LEU A 386 -35.54 -36.56 21.79
N GLY A 387 -36.77 -36.35 21.30
CA GLY A 387 -37.89 -36.07 22.20
C GLY A 387 -38.11 -37.17 23.21
N ARG A 388 -37.72 -38.38 22.84
CA ARG A 388 -37.86 -39.55 23.71
C ARG A 388 -36.74 -39.57 24.74
N ALA A 389 -35.50 -39.45 24.26
CA ALA A 389 -34.34 -39.44 25.15
C ALA A 389 -34.57 -38.41 26.25
N LEU A 390 -35.13 -37.28 25.88
CA LEU A 390 -35.42 -36.20 26.83
C LEU A 390 -36.36 -36.67 27.96
N LYS A 391 -37.39 -37.43 27.62
CA LYS A 391 -38.33 -37.95 28.61
C LYS A 391 -37.54 -38.82 29.58
N GLY A 392 -36.54 -39.53 29.07
CA GLY A 392 -35.73 -40.37 29.91
C GLY A 392 -35.02 -39.55 30.96
N LEU A 393 -34.37 -38.47 30.53
CA LEU A 393 -33.64 -37.60 31.45
C LEU A 393 -34.63 -36.96 32.42
N LEU A 394 -35.81 -36.59 31.91
CA LEU A 394 -36.83 -35.99 32.75
C LEU A 394 -37.56 -37.07 33.54
N ALA A 395 -36.97 -38.26 33.56
CA ALA A 395 -37.51 -39.40 34.31
C ALA A 395 -36.58 -39.60 35.50
N LEU A 396 -35.96 -38.50 35.93
CA LEU A 396 -35.02 -38.48 37.06
C LEU A 396 -33.89 -39.48 36.89
N LYS B 2 -12.24 8.01 21.02
CA LYS B 2 -11.28 8.65 20.08
C LYS B 2 -11.00 7.80 18.82
N PRO B 3 -10.43 8.42 17.77
CA PRO B 3 -10.11 7.74 16.50
C PRO B 3 -9.38 6.40 16.61
N LEU B 4 -9.24 5.75 15.47
CA LEU B 4 -8.57 4.46 15.41
C LEU B 4 -7.16 4.56 14.87
N SER B 5 -6.20 4.06 15.64
CA SER B 5 -4.82 4.06 15.20
C SER B 5 -4.50 2.59 15.05
N TRP B 6 -4.64 2.09 13.84
CA TRP B 6 -4.37 0.70 13.57
C TRP B 6 -2.99 0.31 14.08
N SER B 7 -2.00 1.09 13.68
CA SER B 7 -0.61 0.85 14.07
C SER B 7 -0.42 0.42 15.52
N GLU B 8 -1.36 0.78 16.37
CA GLU B 8 -1.31 0.43 17.79
C GLU B 8 -2.43 -0.53 18.17
N ALA B 9 -3.40 -0.68 17.28
CA ALA B 9 -4.54 -1.57 17.52
C ALA B 9 -4.04 -3.01 17.40
N PHE B 10 -3.04 -3.19 16.56
CA PHE B 10 -2.44 -4.50 16.31
C PHE B 10 -1.73 -5.02 17.54
N GLY B 11 -1.36 -6.29 17.49
CA GLY B 11 -0.64 -6.91 18.59
C GLY B 11 0.84 -6.92 18.23
N LYS B 12 1.61 -7.84 18.80
CA LYS B 12 3.03 -7.89 18.50
C LYS B 12 3.26 -8.56 17.16
N GLY B 13 2.66 -9.73 16.97
CA GLY B 13 2.82 -10.45 15.72
C GLY B 13 2.64 -9.60 14.48
N ALA B 14 1.87 -8.52 14.58
CA ALA B 14 1.64 -7.66 13.44
C ALA B 14 2.95 -7.09 12.92
N GLY B 15 3.89 -6.86 13.83
CA GLY B 15 5.17 -6.30 13.46
C GLY B 15 6.21 -7.32 13.03
N ARG B 16 5.91 -8.59 13.22
CA ARG B 16 6.83 -9.66 12.84
C ARG B 16 6.56 -10.21 11.46
N ILE B 17 5.79 -9.49 10.64
CA ILE B 17 5.50 -9.96 9.29
C ILE B 17 5.30 -8.83 8.29
N GLN B 18 6.04 -7.73 8.47
CA GLN B 18 5.90 -6.60 7.56
C GLN B 18 6.01 -7.00 6.09
N ALA B 19 7.11 -7.67 5.73
CA ALA B 19 7.32 -8.09 4.34
C ALA B 19 7.13 -6.90 3.41
N SER B 20 7.97 -5.88 3.60
CA SER B 20 7.89 -4.67 2.78
C SER B 20 9.27 -4.21 2.30
N THR B 21 9.75 -4.86 1.24
CA THR B 21 11.04 -4.58 0.63
C THR B 21 11.28 -5.75 -0.30
N ILE B 22 10.74 -6.89 0.10
CA ILE B 22 10.82 -8.13 -0.67
C ILE B 22 9.54 -8.22 -1.48
N ARG B 23 8.84 -7.09 -1.56
CA ARG B 23 7.59 -6.96 -2.30
C ARG B 23 7.74 -5.81 -3.29
N GLU B 24 8.38 -4.73 -2.82
CA GLU B 24 8.63 -3.54 -3.63
C GLU B 24 9.75 -3.87 -4.62
N LEU B 25 10.63 -4.78 -4.21
CA LEU B 25 11.74 -5.20 -5.04
C LEU B 25 11.32 -6.31 -6.00
N LEU B 26 10.37 -7.15 -5.59
CA LEU B 26 9.91 -8.23 -6.47
C LEU B 26 8.84 -7.65 -7.39
N LYS B 27 8.54 -6.37 -7.20
CA LYS B 27 7.54 -5.69 -8.01
C LYS B 27 8.21 -4.91 -9.13
N LEU B 28 9.28 -4.19 -8.79
CA LEU B 28 10.03 -3.40 -9.77
C LEU B 28 10.28 -4.21 -11.03
N THR B 29 10.43 -5.52 -10.88
CA THR B 29 10.66 -6.42 -12.00
C THR B 29 9.34 -6.63 -12.74
N GLN B 30 9.23 -7.76 -13.44
CA GLN B 30 8.01 -8.12 -14.17
C GLN B 30 7.41 -6.98 -15.01
N ARG B 31 8.24 -6.06 -15.45
CA ARG B 31 7.78 -4.92 -16.27
C ARG B 31 7.73 -5.24 -17.77
N PRO B 32 8.14 -4.27 -18.59
CA PRO B 32 8.13 -4.42 -20.05
C PRO B 32 8.91 -5.65 -20.52
N GLY B 33 9.97 -5.42 -21.29
CA GLY B 33 10.79 -6.51 -21.80
C GLY B 33 11.90 -6.83 -20.82
N ILE B 34 11.51 -7.42 -19.69
CA ILE B 34 12.46 -7.74 -18.64
C ILE B 34 12.51 -9.22 -18.32
N LEU B 35 13.65 -9.84 -18.58
CA LEU B 35 13.85 -11.24 -18.28
C LEU B 35 14.18 -11.32 -16.80
N SER B 36 13.44 -12.16 -16.07
CA SER B 36 13.63 -12.28 -14.64
C SER B 36 14.05 -13.65 -14.12
N PHE B 37 14.98 -13.64 -13.16
CA PHE B 37 15.46 -14.85 -12.54
C PHE B 37 15.02 -14.86 -11.08
N ALA B 38 14.16 -13.92 -10.73
CA ALA B 38 13.60 -13.79 -9.38
C ALA B 38 12.43 -14.75 -9.27
N GLY B 39 11.83 -14.86 -8.09
CA GLY B 39 10.69 -15.74 -7.97
C GLY B 39 10.92 -17.23 -8.22
N GLY B 40 10.18 -18.06 -7.50
CA GLY B 40 10.32 -19.50 -7.65
C GLY B 40 9.10 -20.15 -8.27
N LEU B 41 8.66 -19.64 -9.41
CA LEU B 41 7.51 -20.18 -10.10
C LEU B 41 7.92 -21.38 -10.92
N PRO B 42 7.33 -22.56 -10.65
CA PRO B 42 7.60 -23.81 -11.35
C PRO B 42 7.37 -23.69 -12.86
N ALA B 43 8.02 -24.57 -13.61
CA ALA B 43 7.87 -24.60 -15.06
C ALA B 43 6.39 -24.78 -15.42
N PRO B 44 5.78 -23.77 -16.06
CA PRO B 44 4.36 -23.84 -16.44
C PRO B 44 4.01 -24.89 -17.49
N GLU B 45 4.90 -25.12 -18.45
CA GLU B 45 4.64 -26.10 -19.49
C GLU B 45 4.34 -27.51 -19.00
N LEU B 46 4.69 -27.82 -17.75
CA LEU B 46 4.44 -29.15 -17.21
C LEU B 46 3.05 -29.32 -16.61
N PHE B 47 2.33 -28.22 -16.42
CA PHE B 47 0.98 -28.26 -15.86
C PHE B 47 0.08 -29.14 -16.72
N PRO B 48 -0.48 -30.22 -16.15
CA PRO B 48 -1.35 -31.13 -16.88
C PRO B 48 -2.78 -30.60 -17.05
N LYS B 49 -2.96 -29.57 -17.86
CA LYS B 49 -4.29 -29.00 -18.06
C LYS B 49 -5.34 -30.04 -18.46
N GLU B 50 -5.40 -30.35 -19.74
CA GLU B 50 -6.37 -31.30 -20.28
C GLU B 50 -6.86 -32.41 -19.34
N GLU B 51 -5.96 -33.19 -18.75
CA GLU B 51 -6.40 -34.26 -17.85
C GLU B 51 -6.76 -33.78 -16.43
N ALA B 52 -6.52 -32.50 -16.17
CA ALA B 52 -6.86 -31.91 -14.89
C ALA B 52 -8.32 -31.50 -15.08
N ALA B 53 -8.62 -30.99 -16.26
CA ALA B 53 -9.97 -30.56 -16.61
C ALA B 53 -10.87 -31.78 -16.63
N GLU B 54 -10.37 -32.87 -17.22
CA GLU B 54 -11.13 -34.11 -17.30
C GLU B 54 -11.36 -34.70 -15.92
N ALA B 55 -10.29 -34.81 -15.13
CA ALA B 55 -10.41 -35.37 -13.79
C ALA B 55 -11.27 -34.52 -12.87
N ALA B 56 -11.24 -33.21 -13.08
CA ALA B 56 -12.03 -32.30 -12.25
C ALA B 56 -13.51 -32.50 -12.51
N ALA B 57 -13.90 -32.56 -13.78
CA ALA B 57 -15.31 -32.74 -14.14
C ALA B 57 -15.81 -34.11 -13.69
N ARG B 58 -15.06 -35.15 -14.00
CA ARG B 58 -15.42 -36.50 -13.62
C ARG B 58 -15.65 -36.55 -12.11
N ILE B 59 -14.78 -35.86 -11.38
CA ILE B 59 -14.85 -35.80 -9.91
C ILE B 59 -16.07 -35.04 -9.42
N LEU B 60 -16.26 -33.83 -9.92
CA LEU B 60 -17.38 -33.00 -9.49
C LEU B 60 -18.72 -33.59 -9.89
N ARG B 61 -18.75 -34.20 -11.07
CA ARG B 61 -19.96 -34.80 -11.61
C ARG B 61 -20.33 -36.12 -10.92
N GLU B 62 -19.34 -36.98 -10.69
CA GLU B 62 -19.55 -38.27 -10.05
C GLU B 62 -19.50 -38.29 -8.51
N LYS B 63 -18.90 -37.27 -7.91
CA LYS B 63 -18.79 -37.21 -6.45
C LYS B 63 -18.88 -35.79 -5.91
N GLY B 64 -19.68 -34.95 -6.55
CA GLY B 64 -19.80 -33.56 -6.12
C GLY B 64 -20.27 -33.27 -4.70
N GLU B 65 -20.99 -34.23 -4.11
CA GLU B 65 -21.52 -34.09 -2.75
C GLU B 65 -20.46 -34.48 -1.73
N VAL B 66 -19.21 -34.54 -2.16
CA VAL B 66 -18.12 -34.90 -1.27
C VAL B 66 -17.03 -33.87 -1.48
N ALA B 67 -16.80 -33.52 -2.74
CA ALA B 67 -15.78 -32.53 -3.08
C ALA B 67 -16.21 -31.14 -2.62
N LEU B 68 -17.51 -30.90 -2.59
CA LEU B 68 -18.08 -29.61 -2.20
C LEU B 68 -18.56 -29.53 -0.74
N GLN B 69 -18.49 -30.64 -0.02
CA GLN B 69 -18.95 -30.69 1.36
C GLN B 69 -17.78 -30.62 2.33
N TYR B 70 -18.03 -30.18 3.57
CA TYR B 70 -16.95 -30.14 4.55
C TYR B 70 -16.39 -31.56 4.59
N SER B 71 -15.08 -31.67 4.76
CA SER B 71 -14.41 -32.95 4.79
C SER B 71 -13.48 -33.04 5.98
N PRO B 72 -13.02 -34.25 6.31
CA PRO B 72 -12.11 -34.44 7.45
C PRO B 72 -10.87 -33.55 7.37
N THR B 73 -10.33 -33.18 8.54
CA THR B 73 -9.15 -32.32 8.62
C THR B 73 -7.86 -33.00 8.19
N GLU B 74 -7.66 -34.25 8.62
CA GLU B 74 -6.46 -35.01 8.26
C GLU B 74 -6.23 -35.01 6.76
N GLY B 75 -7.33 -34.98 6.00
CA GLY B 75 -7.24 -34.97 4.55
C GLY B 75 -8.07 -36.04 3.86
N TYR B 76 -8.15 -35.95 2.55
CA TYR B 76 -8.90 -36.91 1.73
C TYR B 76 -8.27 -38.30 1.86
N ALA B 77 -9.07 -39.26 2.34
CA ALA B 77 -8.65 -40.65 2.55
C ALA B 77 -7.67 -41.24 1.53
N PRO B 78 -8.09 -41.42 0.27
CA PRO B 78 -7.17 -41.98 -0.72
C PRO B 78 -5.86 -41.20 -0.91
N LEU B 79 -5.94 -39.87 -0.86
CA LEU B 79 -4.74 -39.07 -1.05
C LEU B 79 -3.72 -39.46 0.02
N ARG B 80 -4.21 -39.58 1.24
CA ARG B 80 -3.35 -39.98 2.35
C ARG B 80 -2.75 -41.36 2.08
N ALA B 81 -3.58 -42.29 1.61
CA ALA B 81 -3.12 -43.64 1.31
C ALA B 81 -2.01 -43.56 0.27
N PHE B 82 -2.23 -42.76 -0.77
CA PHE B 82 -1.23 -42.61 -1.82
C PHE B 82 0.10 -42.04 -1.30
N VAL B 83 0.03 -40.98 -0.48
CA VAL B 83 1.24 -40.37 0.06
C VAL B 83 1.97 -41.35 0.98
N ALA B 84 1.21 -42.11 1.77
CA ALA B 84 1.79 -43.09 2.67
C ALA B 84 2.52 -44.14 1.82
N GLU B 85 1.81 -44.70 0.85
CA GLU B 85 2.37 -45.72 -0.03
C GLU B 85 3.58 -45.19 -0.80
N TRP B 86 3.63 -43.89 -1.02
CA TRP B 86 4.75 -43.28 -1.74
C TRP B 86 5.95 -43.05 -0.85
N ILE B 87 5.78 -42.25 0.20
CA ILE B 87 6.87 -41.99 1.12
C ILE B 87 7.35 -43.31 1.71
N GLY B 88 6.42 -44.07 2.28
CA GLY B 88 6.76 -45.34 2.87
C GLY B 88 6.31 -45.47 4.32
N VAL B 89 5.10 -45.01 4.61
CA VAL B 89 4.56 -45.07 5.97
C VAL B 89 3.06 -45.34 5.95
N ARG B 90 2.44 -45.39 7.14
CA ARG B 90 1.01 -45.63 7.21
C ARG B 90 0.21 -44.33 7.04
N PRO B 91 -1.03 -44.43 6.55
CA PRO B 91 -1.90 -43.27 6.34
C PRO B 91 -2.07 -42.35 7.55
N GLU B 92 -2.19 -42.95 8.73
CA GLU B 92 -2.38 -42.18 9.97
C GLU B 92 -1.15 -41.35 10.34
N GLU B 93 -0.13 -41.42 9.50
CA GLU B 93 1.09 -40.65 9.74
C GLU B 93 1.19 -39.54 8.71
N VAL B 94 0.12 -39.34 7.96
CA VAL B 94 0.08 -38.31 6.93
C VAL B 94 -1.01 -37.27 7.16
N LEU B 95 -0.61 -36.00 7.09
CA LEU B 95 -1.53 -34.88 7.27
C LEU B 95 -1.49 -34.04 6.02
N ILE B 96 -2.59 -34.01 5.27
CA ILE B 96 -2.64 -33.20 4.05
C ILE B 96 -2.74 -31.75 4.50
N THR B 97 -1.99 -30.87 3.84
CA THR B 97 -2.00 -29.46 4.20
C THR B 97 -2.21 -28.60 2.96
N THR B 98 -2.56 -27.35 3.17
CA THR B 98 -2.77 -26.41 2.08
C THR B 98 -1.41 -25.84 1.69
N GLY B 99 -0.53 -26.74 1.25
CA GLY B 99 0.79 -26.37 0.84
C GLY B 99 1.75 -26.56 2.00
N SER B 100 3.05 -26.65 1.69
CA SER B 100 4.04 -26.80 2.74
C SER B 100 4.13 -25.52 3.55
N GLN B 101 3.68 -24.42 2.94
CA GLN B 101 3.68 -23.14 3.61
C GLN B 101 2.81 -23.23 4.85
N GLN B 102 1.66 -23.89 4.74
CA GLN B 102 0.80 -24.04 5.91
C GLN B 102 1.49 -24.96 6.93
N ALA B 103 1.96 -26.11 6.48
CA ALA B 103 2.63 -27.04 7.39
C ALA B 103 3.72 -26.31 8.16
N LEU B 104 4.42 -25.40 7.48
CA LEU B 104 5.47 -24.63 8.12
C LEU B 104 4.83 -23.80 9.24
N ASP B 105 3.74 -23.13 8.90
CA ASP B 105 3.00 -22.31 9.86
C ASP B 105 2.56 -23.16 11.03
N LEU B 106 1.97 -24.33 10.75
CA LEU B 106 1.52 -25.22 11.82
C LEU B 106 2.69 -25.55 12.72
N VAL B 107 3.77 -26.03 12.10
CA VAL B 107 4.99 -26.40 12.81
C VAL B 107 5.40 -25.29 13.77
N GLY B 108 5.38 -24.05 13.30
CA GLY B 108 5.75 -22.92 14.15
C GLY B 108 4.78 -22.69 15.31
N LYS B 109 3.49 -22.83 15.03
CA LYS B 109 2.46 -22.66 16.04
C LYS B 109 2.60 -23.65 17.20
N VAL B 110 2.85 -24.92 16.90
CA VAL B 110 2.94 -25.93 17.96
C VAL B 110 4.35 -26.13 18.53
N PHE B 111 5.35 -25.54 17.91
CA PHE B 111 6.72 -25.69 18.40
C PHE B 111 7.40 -24.44 18.91
N LEU B 112 7.09 -23.28 18.35
CA LEU B 112 7.72 -22.05 18.79
C LEU B 112 6.92 -21.20 19.76
N ASP B 113 7.65 -20.48 20.61
CA ASP B 113 7.10 -19.57 21.61
C ASP B 113 7.97 -18.33 21.52
N GLU B 114 7.46 -17.19 21.97
CA GLU B 114 8.23 -15.96 21.91
C GLU B 114 9.57 -16.16 22.64
N GLY B 115 10.67 -15.97 21.93
CA GLY B 115 11.97 -16.14 22.57
C GLY B 115 12.56 -17.52 22.36
N SER B 116 11.74 -18.46 21.92
CA SER B 116 12.22 -19.81 21.68
C SER B 116 13.38 -19.87 20.69
N PRO B 117 14.22 -20.90 20.83
CA PRO B 117 15.37 -21.11 19.96
C PRO B 117 14.92 -21.94 18.76
N VAL B 118 15.23 -21.47 17.56
CA VAL B 118 14.89 -22.18 16.33
C VAL B 118 16.13 -22.26 15.49
N LEU B 119 16.52 -23.48 15.10
CA LEU B 119 17.70 -23.62 14.28
C LEU B 119 17.37 -23.87 12.82
N LEU B 120 18.06 -23.16 11.94
CA LEU B 120 17.88 -23.32 10.51
C LEU B 120 19.18 -22.83 9.87
N GLU B 121 19.22 -22.80 8.55
CA GLU B 121 20.43 -22.39 7.87
C GLU B 121 20.41 -20.93 7.49
N ALA B 122 21.55 -20.46 7.00
CA ALA B 122 21.71 -19.10 6.57
C ALA B 122 22.52 -19.17 5.29
N PRO B 123 21.89 -18.85 4.15
CA PRO B 123 20.49 -18.44 4.06
C PRO B 123 19.51 -19.64 4.04
N SER B 124 18.21 -19.33 4.02
CA SER B 124 17.18 -20.36 3.96
C SER B 124 15.94 -19.91 3.17
N TYR B 125 14.90 -20.73 3.20
CA TYR B 125 13.65 -20.48 2.49
C TYR B 125 12.82 -19.39 3.18
N MET B 126 12.48 -18.33 2.45
CA MET B 126 11.71 -17.23 3.03
C MET B 126 10.37 -17.69 3.59
N GLY B 127 9.93 -18.86 3.17
CA GLY B 127 8.66 -19.39 3.65
C GLY B 127 8.76 -19.78 5.10
N ALA B 128 9.77 -20.59 5.43
CA ALA B 128 9.96 -21.02 6.79
C ALA B 128 10.22 -19.79 7.69
N ILE B 129 11.11 -18.91 7.22
CA ILE B 129 11.45 -17.69 7.95
C ILE B 129 10.19 -16.87 8.25
N GLN B 130 9.41 -16.60 7.22
CA GLN B 130 8.19 -15.82 7.41
C GLN B 130 7.27 -16.47 8.43
N ALA B 131 6.92 -17.74 8.22
CA ALA B 131 6.04 -18.45 9.13
C ALA B 131 6.58 -18.49 10.55
N PHE B 132 7.83 -18.88 10.71
CA PHE B 132 8.43 -18.95 12.03
C PHE B 132 8.51 -17.57 12.72
N ARG B 133 9.02 -16.59 12.00
CA ARG B 133 9.15 -15.23 12.52
C ARG B 133 7.88 -14.76 13.23
N LEU B 134 6.73 -15.20 12.72
CA LEU B 134 5.43 -14.86 13.29
C LEU B 134 5.33 -15.25 14.76
N GLN B 135 6.19 -16.16 15.18
CA GLN B 135 6.19 -16.62 16.57
C GLN B 135 7.33 -15.97 17.35
N GLY B 136 7.91 -14.91 16.79
CA GLY B 136 9.01 -14.20 17.44
C GLY B 136 10.06 -15.07 18.13
N PRO B 137 10.59 -16.09 17.45
CA PRO B 137 11.60 -16.91 18.10
C PRO B 137 12.95 -16.24 17.96
N ARG B 138 13.98 -16.90 18.48
CA ARG B 138 15.35 -16.40 18.38
C ARG B 138 15.98 -17.33 17.34
N PHE B 139 16.34 -16.79 16.19
CA PHE B 139 16.91 -17.60 15.13
C PHE B 139 18.38 -17.97 15.24
N LEU B 140 18.63 -19.24 15.52
CA LEU B 140 19.99 -19.75 15.62
C LEU B 140 20.33 -20.18 14.22
N THR B 141 21.53 -19.84 13.75
CA THR B 141 21.91 -20.22 12.39
C THR B 141 23.29 -20.82 12.22
N VAL B 142 23.47 -21.44 11.07
CA VAL B 142 24.73 -22.06 10.67
C VAL B 142 24.77 -21.78 9.17
N PRO B 143 25.94 -21.48 8.61
CA PRO B 143 25.99 -21.19 7.17
C PRO B 143 25.86 -22.46 6.33
N ALA B 144 25.40 -22.31 5.09
CA ALA B 144 25.22 -23.44 4.20
C ALA B 144 25.99 -23.27 2.90
N GLY B 145 26.62 -24.37 2.48
CA GLY B 145 27.38 -24.37 1.25
C GLY B 145 26.99 -25.57 0.41
N GLU B 146 27.61 -25.72 -0.77
CA GLU B 146 27.31 -26.81 -1.68
C GLU B 146 27.30 -28.22 -1.09
N GLU B 147 27.82 -28.38 0.13
CA GLU B 147 27.83 -29.70 0.79
C GLU B 147 26.74 -29.76 1.86
N GLY B 148 25.85 -28.78 1.86
CA GLY B 148 24.78 -28.74 2.84
C GLY B 148 25.10 -27.75 3.94
N PRO B 149 24.66 -28.00 5.19
CA PRO B 149 24.93 -27.09 6.31
C PRO B 149 26.27 -27.40 6.96
N ASP B 150 26.89 -26.37 7.55
CA ASP B 150 28.17 -26.55 8.23
C ASP B 150 27.97 -27.37 9.51
N LEU B 151 28.11 -28.69 9.42
CA LEU B 151 27.90 -29.57 10.56
C LEU B 151 28.77 -29.30 11.80
N ASP B 152 29.95 -28.70 11.61
CA ASP B 152 30.79 -28.41 12.76
C ASP B 152 30.16 -27.24 13.47
N ALA B 153 29.96 -26.14 12.74
CA ALA B 153 29.35 -24.95 13.30
C ALA B 153 28.11 -25.34 14.05
N LEU B 154 27.41 -26.35 13.53
CA LEU B 154 26.18 -26.84 14.13
C LEU B 154 26.39 -27.57 15.44
N GLU B 155 27.54 -28.22 15.57
CA GLU B 155 27.83 -28.96 16.78
C GLU B 155 28.03 -28.00 17.95
N GLU B 156 28.78 -26.92 17.71
CA GLU B 156 29.03 -25.93 18.74
C GLU B 156 27.77 -25.13 19.09
N VAL B 157 26.86 -24.97 18.13
CA VAL B 157 25.61 -24.24 18.41
C VAL B 157 24.68 -25.17 19.19
N LEU B 158 24.74 -26.46 18.89
CA LEU B 158 23.88 -27.42 19.57
C LEU B 158 24.31 -27.65 21.02
N LYS B 159 25.61 -27.59 21.28
CA LYS B 159 26.11 -27.79 22.63
C LYS B 159 25.81 -26.58 23.51
N ARG B 160 25.72 -25.41 22.89
CA ARG B 160 25.44 -24.19 23.63
C ARG B 160 23.96 -23.98 23.90
N GLU B 161 23.11 -24.45 23.00
CA GLU B 161 21.67 -24.24 23.16
C GLU B 161 20.82 -25.31 22.52
N ARG B 162 19.66 -25.56 23.12
CA ARG B 162 18.75 -26.57 22.60
C ARG B 162 17.58 -25.90 21.89
N PRO B 163 17.61 -25.88 20.55
CA PRO B 163 16.57 -25.28 19.72
C PRO B 163 15.34 -26.19 19.57
N ARG B 164 14.15 -25.59 19.64
CA ARG B 164 12.91 -26.33 19.53
C ARG B 164 12.94 -27.34 18.39
N PHE B 165 13.66 -26.99 17.32
CA PHE B 165 13.77 -27.89 16.18
C PHE B 165 14.68 -27.29 15.12
N LEU B 166 15.15 -28.15 14.22
CA LEU B 166 16.02 -27.71 13.13
C LEU B 166 15.22 -27.82 11.83
N TYR B 167 15.22 -26.75 11.05
CA TYR B 167 14.53 -26.75 9.77
C TYR B 167 15.62 -26.89 8.74
N LEU B 168 15.60 -28.04 8.06
CA LEU B 168 16.59 -28.33 7.04
C LEU B 168 15.94 -28.52 5.68
N ILE B 169 16.75 -28.41 4.64
CA ILE B 169 16.28 -28.61 3.28
C ILE B 169 17.41 -29.37 2.60
N PRO B 170 17.64 -30.62 3.02
CA PRO B 170 18.66 -31.56 2.55
C PRO B 170 18.86 -31.63 1.06
N SER B 171 17.78 -31.85 0.33
CA SER B 171 17.85 -31.97 -1.12
C SER B 171 17.59 -30.70 -1.92
N PHE B 172 18.67 -30.11 -2.43
CA PHE B 172 18.60 -28.91 -3.26
C PHE B 172 17.96 -27.73 -2.55
N GLN B 173 18.56 -27.38 -1.42
CA GLN B 173 18.09 -26.29 -0.60
C GLN B 173 17.83 -25.01 -1.37
N ASN B 174 16.81 -24.29 -0.93
CA ASN B 174 16.44 -23.00 -1.50
C ASN B 174 17.05 -22.07 -0.45
N PRO B 175 17.79 -21.04 -0.86
CA PRO B 175 18.13 -20.60 -2.21
C PRO B 175 19.50 -21.04 -2.77
N THR B 176 20.34 -21.70 -1.98
CA THR B 176 21.65 -22.09 -2.48
C THR B 176 21.63 -23.18 -3.56
N GLY B 177 20.69 -24.10 -3.45
CA GLY B 177 20.63 -25.18 -4.42
C GLY B 177 21.63 -26.23 -3.97
N GLY B 178 22.05 -26.12 -2.71
CA GLY B 178 23.00 -27.06 -2.17
C GLY B 178 22.42 -28.45 -1.96
N LEU B 179 23.30 -29.43 -1.83
CA LEU B 179 22.87 -30.81 -1.60
C LEU B 179 23.70 -31.35 -0.45
N THR B 180 23.05 -32.00 0.51
CA THR B 180 23.76 -32.57 1.64
C THR B 180 24.07 -34.02 1.32
N PRO B 181 25.37 -34.37 1.22
CA PRO B 181 25.84 -35.73 0.90
C PRO B 181 25.39 -36.76 1.92
N LEU B 182 25.10 -37.97 1.45
CA LEU B 182 24.66 -39.05 2.33
C LEU B 182 25.48 -39.15 3.62
N PRO B 183 26.79 -38.85 3.57
CA PRO B 183 27.59 -38.93 4.79
C PRO B 183 27.12 -37.87 5.78
N ALA B 184 27.20 -36.61 5.35
CA ALA B 184 26.80 -35.47 6.16
C ALA B 184 25.41 -35.71 6.78
N ARG B 185 24.53 -36.34 6.01
CA ARG B 185 23.18 -36.63 6.50
C ARG B 185 23.20 -37.60 7.67
N LYS B 186 24.06 -38.61 7.60
CA LYS B 186 24.17 -39.59 8.68
C LYS B 186 24.79 -38.95 9.93
N ARG B 187 25.72 -38.03 9.74
CA ARG B 187 26.38 -37.33 10.84
C ARG B 187 25.36 -36.41 11.49
N LEU B 188 24.57 -35.76 10.65
CA LEU B 188 23.54 -34.83 11.11
C LEU B 188 22.43 -35.56 11.84
N LEU B 189 22.27 -36.85 11.55
CA LEU B 189 21.24 -37.64 12.21
C LEU B 189 21.72 -37.99 13.61
N GLN B 190 22.98 -38.38 13.72
CA GLN B 190 23.54 -38.73 15.01
C GLN B 190 23.54 -37.54 15.96
N MET B 191 23.88 -36.36 15.43
CA MET B 191 23.89 -35.16 16.26
C MET B 191 22.50 -34.91 16.82
N VAL B 192 21.48 -35.29 16.04
CA VAL B 192 20.10 -35.11 16.44
C VAL B 192 19.66 -36.15 17.47
N MET B 193 19.96 -37.42 17.22
CA MET B 193 19.58 -38.47 18.16
C MET B 193 20.43 -38.30 19.43
N GLU B 194 21.63 -37.75 19.24
CA GLU B 194 22.57 -37.51 20.33
C GLU B 194 22.02 -36.49 21.32
N ARG B 195 21.01 -35.73 20.91
CA ARG B 195 20.42 -34.72 21.77
C ARG B 195 18.89 -34.68 21.72
N GLY B 196 18.29 -35.79 21.25
CA GLY B 196 16.84 -35.88 21.17
C GLY B 196 16.14 -34.71 20.50
N LEU B 197 16.84 -34.07 19.56
CA LEU B 197 16.29 -32.91 18.87
C LEU B 197 15.34 -33.24 17.72
N VAL B 198 14.39 -32.34 17.51
CA VAL B 198 13.42 -32.49 16.44
C VAL B 198 13.96 -31.86 15.16
N VAL B 199 13.78 -32.57 14.05
CA VAL B 199 14.25 -32.13 12.75
C VAL B 199 13.07 -32.01 11.79
N VAL B 200 12.90 -30.81 11.21
CA VAL B 200 11.83 -30.61 10.23
C VAL B 200 12.52 -30.65 8.87
N GLU B 201 12.17 -31.67 8.10
CA GLU B 201 12.74 -31.87 6.78
C GLU B 201 11.80 -31.45 5.67
N ASP B 202 12.20 -30.40 4.97
CA ASP B 202 11.45 -29.87 3.85
C ASP B 202 12.04 -30.49 2.59
N ASP B 203 11.30 -31.42 1.98
CA ASP B 203 11.78 -32.09 0.78
C ASP B 203 10.94 -31.73 -0.46
N ALA B 204 10.64 -30.44 -0.59
CA ALA B 204 9.85 -29.93 -1.69
C ALA B 204 10.43 -30.31 -3.05
N TYR B 205 11.75 -30.45 -3.11
CA TYR B 205 12.40 -30.78 -4.35
C TYR B 205 12.83 -32.23 -4.43
N ARG B 206 12.25 -33.06 -3.57
CA ARG B 206 12.58 -34.47 -3.56
C ARG B 206 12.86 -35.07 -4.93
N GLU B 207 11.87 -34.98 -5.82
CA GLU B 207 11.97 -35.55 -7.17
C GLU B 207 12.69 -34.73 -8.24
N LEU B 208 13.31 -33.61 -7.88
CA LEU B 208 14.02 -32.82 -8.88
C LEU B 208 15.53 -33.03 -8.85
N TYR B 209 15.95 -34.29 -8.80
CA TYR B 209 17.36 -34.65 -8.77
C TYR B 209 17.87 -34.89 -10.18
N PHE B 210 18.90 -34.16 -10.57
CA PHE B 210 19.45 -34.31 -11.90
C PHE B 210 20.22 -35.61 -12.08
N GLY B 211 20.75 -36.14 -10.97
CA GLY B 211 21.52 -37.38 -11.03
C GLY B 211 20.70 -38.59 -11.42
N GLU B 212 21.29 -39.78 -11.24
CA GLU B 212 20.62 -41.02 -11.58
C GLU B 212 19.77 -41.56 -10.42
N ALA B 213 19.75 -40.84 -9.30
CA ALA B 213 18.97 -41.25 -8.14
C ALA B 213 18.84 -40.20 -7.04
N ARG B 214 17.92 -40.45 -6.13
CA ARG B 214 17.64 -39.57 -5.01
C ARG B 214 18.29 -40.09 -3.73
N LEU B 215 19.13 -39.26 -3.13
CA LEU B 215 19.79 -39.65 -1.89
C LEU B 215 18.73 -39.79 -0.81
N PRO B 216 18.82 -40.82 0.04
CA PRO B 216 17.81 -40.98 1.10
C PRO B 216 17.63 -39.71 1.93
N SER B 217 16.54 -39.63 2.67
CA SER B 217 16.23 -38.46 3.48
C SER B 217 16.43 -38.66 4.98
N LEU B 218 16.55 -37.55 5.70
CA LEU B 218 16.72 -37.59 7.14
C LEU B 218 15.62 -38.43 7.72
N PHE B 219 14.43 -38.31 7.12
CA PHE B 219 13.26 -39.06 7.58
C PHE B 219 13.49 -40.55 7.37
N GLU B 220 13.95 -40.93 6.18
CA GLU B 220 14.21 -42.33 5.89
C GLU B 220 15.34 -42.85 6.76
N LEU B 221 16.48 -42.18 6.74
CA LEU B 221 17.62 -42.59 7.55
C LEU B 221 17.21 -42.76 9.02
N ALA B 222 16.50 -41.75 9.54
CA ALA B 222 16.05 -41.76 10.93
C ALA B 222 15.02 -42.86 11.20
N ARG B 223 14.11 -43.08 10.26
CA ARG B 223 13.09 -44.10 10.45
C ARG B 223 13.70 -45.49 10.43
N GLU B 224 14.75 -45.69 9.65
CA GLU B 224 15.41 -47.00 9.58
C GLU B 224 16.40 -47.15 10.71
N ALA B 225 16.26 -46.30 11.72
CA ALA B 225 17.10 -46.32 12.91
C ALA B 225 16.16 -46.55 14.09
N GLY B 226 14.94 -46.02 13.96
CA GLY B 226 13.94 -46.16 15.01
C GLY B 226 13.54 -44.85 15.66
N TYR B 227 14.28 -43.79 15.34
CA TYR B 227 14.06 -42.45 15.87
C TYR B 227 12.91 -41.73 15.18
N PRO B 228 11.92 -41.24 15.95
CA PRO B 228 10.76 -40.53 15.38
C PRO B 228 10.78 -39.03 15.63
N GLY B 229 11.94 -38.40 15.58
CA GLY B 229 11.99 -36.97 15.84
C GLY B 229 12.04 -36.11 14.60
N VAL B 230 11.88 -36.73 13.43
CA VAL B 230 11.90 -36.04 12.16
C VAL B 230 10.50 -35.84 11.60
N ILE B 231 10.22 -34.62 11.15
CA ILE B 231 8.92 -34.28 10.57
C ILE B 231 9.14 -34.02 9.08
N TYR B 232 8.63 -34.91 8.24
CA TYR B 232 8.80 -34.79 6.79
C TYR B 232 7.71 -33.93 6.12
N LEU B 233 8.15 -32.92 5.36
CA LEU B 233 7.21 -32.05 4.67
C LEU B 233 7.34 -32.18 3.16
N GLY B 234 6.39 -32.91 2.56
CA GLY B 234 6.40 -33.09 1.12
C GLY B 234 5.35 -32.22 0.47
N SER B 235 5.55 -31.91 -0.82
CA SER B 235 4.61 -31.07 -1.57
C SER B 235 4.45 -31.47 -3.04
N PHE B 236 3.36 -30.99 -3.66
CA PHE B 236 3.07 -31.27 -5.05
C PHE B 236 3.20 -29.99 -5.89
N SER B 237 3.75 -28.94 -5.29
CA SER B 237 3.88 -27.66 -5.97
C SER B 237 5.02 -27.61 -6.98
N LYS B 238 5.86 -28.64 -6.96
CA LYS B 238 7.01 -28.66 -7.85
C LYS B 238 7.06 -29.88 -8.76
N VAL B 239 5.96 -30.61 -8.80
CA VAL B 239 5.85 -31.81 -9.62
C VAL B 239 4.54 -31.82 -10.40
N LEU B 240 3.48 -31.32 -9.75
CA LEU B 240 2.16 -31.26 -10.35
C LEU B 240 1.75 -29.79 -10.57
N SER B 241 1.28 -29.14 -9.51
CA SER B 241 0.86 -27.75 -9.60
C SER B 241 0.96 -26.98 -8.30
N PRO B 242 1.68 -25.85 -8.31
CA PRO B 242 1.86 -25.01 -7.12
C PRO B 242 0.56 -24.29 -6.76
N GLY B 243 -0.27 -24.02 -7.76
CA GLY B 243 -1.52 -23.34 -7.52
C GLY B 243 -2.57 -24.14 -6.75
N LEU B 244 -2.62 -25.45 -6.98
CA LEU B 244 -3.60 -26.29 -6.30
C LEU B 244 -3.52 -26.20 -4.78
N ARG B 245 -2.35 -25.83 -4.26
CA ARG B 245 -2.14 -25.69 -2.83
C ARG B 245 -2.49 -26.99 -2.14
N VAL B 246 -1.70 -28.03 -2.41
CA VAL B 246 -1.92 -29.34 -1.80
C VAL B 246 -0.58 -29.94 -1.42
N ALA B 247 -0.34 -30.07 -0.12
CA ALA B 247 0.91 -30.62 0.38
C ALA B 247 0.57 -31.59 1.51
N PHE B 248 1.57 -31.96 2.30
CA PHE B 248 1.37 -32.87 3.41
C PHE B 248 2.55 -32.86 4.37
N ALA B 249 2.32 -33.33 5.58
CA ALA B 249 3.35 -33.41 6.61
C ALA B 249 3.32 -34.82 7.20
N VAL B 250 4.46 -35.49 7.22
CA VAL B 250 4.53 -36.84 7.77
C VAL B 250 5.30 -36.80 9.08
N ALA B 251 4.70 -37.30 10.15
CA ALA B 251 5.36 -37.29 11.44
C ALA B 251 4.85 -38.37 12.40
N HIS B 252 5.48 -38.44 13.56
CA HIS B 252 5.10 -39.41 14.58
C HIS B 252 3.76 -38.93 15.14
N PRO B 253 2.82 -39.87 15.38
CA PRO B 253 1.50 -39.52 15.92
C PRO B 253 1.45 -38.42 16.98
N GLU B 254 2.31 -38.52 18.00
CA GLU B 254 2.33 -37.53 19.06
C GLU B 254 2.33 -36.10 18.51
N ALA B 255 3.25 -35.82 17.59
CA ALA B 255 3.34 -34.49 17.00
C ALA B 255 2.25 -34.29 15.95
N LEU B 256 1.97 -35.35 15.20
CA LEU B 256 0.95 -35.30 14.16
C LEU B 256 -0.34 -34.77 14.76
N GLN B 257 -0.75 -35.35 15.89
CA GLN B 257 -1.96 -34.96 16.61
C GLN B 257 -2.01 -33.45 16.80
N LYS B 258 -0.88 -32.89 17.22
CA LYS B 258 -0.79 -31.45 17.45
C LYS B 258 -1.00 -30.63 16.17
N LEU B 259 -0.41 -31.08 15.08
CA LEU B 259 -0.54 -30.38 13.80
C LEU B 259 -1.99 -30.43 13.29
N VAL B 260 -2.65 -31.56 13.46
CA VAL B 260 -4.04 -31.73 13.02
C VAL B 260 -4.94 -30.70 13.69
N GLN B 261 -4.78 -30.55 15.01
CA GLN B 261 -5.58 -29.61 15.80
C GLN B 261 -5.22 -28.17 15.48
N ALA B 262 -3.99 -27.93 15.08
CA ALA B 262 -3.57 -26.59 14.72
C ALA B 262 -4.16 -26.33 13.34
N LYS B 263 -4.05 -27.32 12.47
CA LYS B 263 -4.56 -27.24 11.10
C LYS B 263 -6.04 -26.87 11.10
N GLN B 264 -6.80 -27.60 11.90
CA GLN B 264 -8.23 -27.36 12.03
C GLN B 264 -8.54 -25.88 12.28
N GLY B 265 -7.81 -25.27 13.20
CA GLY B 265 -8.04 -23.87 13.50
C GLY B 265 -7.53 -22.94 12.42
N ALA B 266 -6.70 -23.46 11.53
CA ALA B 266 -6.13 -22.68 10.44
C ALA B 266 -7.11 -22.50 9.28
N ASP B 267 -7.72 -23.60 8.83
CA ASP B 267 -8.70 -23.51 7.73
C ASP B 267 -9.67 -24.69 7.65
N LEU B 268 -9.91 -25.33 8.79
CA LEU B 268 -10.80 -26.48 8.90
C LEU B 268 -10.23 -27.68 8.16
N HIS B 269 -10.03 -27.54 6.86
CA HIS B 269 -9.45 -28.62 6.06
C HIS B 269 -9.03 -28.07 4.70
N THR B 270 -8.15 -28.81 4.03
CA THR B 270 -7.66 -28.44 2.70
C THR B 270 -8.79 -28.71 1.70
N PRO B 271 -9.01 -27.78 0.74
CA PRO B 271 -10.08 -27.99 -0.25
C PRO B 271 -10.14 -29.44 -0.70
N MET B 272 -11.34 -30.03 -0.72
CA MET B 272 -11.50 -31.42 -1.13
C MET B 272 -11.23 -31.66 -2.61
N LEU B 273 -11.77 -30.79 -3.46
CA LEU B 273 -11.57 -30.91 -4.89
C LEU B 273 -10.07 -31.07 -5.12
N ASN B 274 -9.33 -30.03 -4.73
CA ASN B 274 -7.89 -30.03 -4.91
C ASN B 274 -7.25 -31.35 -4.47
N GLN B 275 -7.68 -31.91 -3.36
CA GLN B 275 -7.09 -33.16 -2.88
C GLN B 275 -7.42 -34.34 -3.80
N MET B 276 -8.70 -34.49 -4.13
CA MET B 276 -9.13 -35.58 -5.01
C MET B 276 -8.54 -35.38 -6.42
N LEU B 277 -8.48 -34.13 -6.87
CA LEU B 277 -7.92 -33.82 -8.17
C LEU B 277 -6.48 -34.28 -8.25
N VAL B 278 -5.66 -33.83 -7.29
CA VAL B 278 -4.26 -34.21 -7.25
C VAL B 278 -4.09 -35.73 -7.27
N HIS B 279 -5.00 -36.44 -6.61
CA HIS B 279 -4.95 -37.89 -6.54
C HIS B 279 -5.22 -38.49 -7.93
N GLU B 280 -6.31 -38.07 -8.56
CA GLU B 280 -6.70 -38.56 -9.88
C GLU B 280 -5.66 -38.27 -10.97
N LEU B 281 -4.53 -37.68 -10.60
CA LEU B 281 -3.50 -37.37 -11.58
C LEU B 281 -2.22 -38.12 -11.26
N LEU B 282 -2.09 -38.55 -10.01
CA LEU B 282 -0.89 -39.25 -9.58
C LEU B 282 -1.10 -40.75 -9.48
N LYS B 283 -2.35 -41.18 -9.57
CA LYS B 283 -2.64 -42.61 -9.51
C LYS B 283 -2.38 -43.19 -10.91
N GLU B 284 -2.21 -42.30 -11.88
CA GLU B 284 -1.96 -42.69 -13.26
C GLU B 284 -0.70 -42.08 -13.88
N GLY B 285 0.35 -42.89 -13.97
CA GLY B 285 1.60 -42.45 -14.57
C GLY B 285 2.45 -41.44 -13.81
N PHE B 286 2.51 -41.58 -12.49
CA PHE B 286 3.28 -40.65 -11.68
C PHE B 286 4.76 -40.80 -11.99
N SER B 287 5.18 -42.03 -12.25
CA SER B 287 6.57 -42.35 -12.55
C SER B 287 7.11 -41.58 -13.74
N GLU B 288 6.37 -41.59 -14.85
CA GLU B 288 6.79 -40.91 -16.06
C GLU B 288 6.61 -39.41 -15.94
N ARG B 289 5.72 -39.00 -15.05
CA ARG B 289 5.50 -37.57 -14.84
C ARG B 289 6.73 -37.03 -14.13
N LEU B 290 7.18 -37.77 -13.12
CA LEU B 290 8.39 -37.38 -12.41
C LEU B 290 9.51 -37.35 -13.42
N GLU B 291 9.70 -38.49 -14.09
CA GLU B 291 10.73 -38.63 -15.11
C GLU B 291 10.70 -37.42 -16.05
N ARG B 292 9.51 -37.03 -16.49
CA ARG B 292 9.38 -35.91 -17.42
C ARG B 292 9.82 -34.57 -16.85
N VAL B 293 9.68 -34.39 -15.54
CA VAL B 293 10.05 -33.13 -14.90
C VAL B 293 11.56 -32.98 -14.67
N ARG B 294 12.21 -34.09 -14.34
CA ARG B 294 13.65 -34.09 -14.10
C ARG B 294 14.37 -33.53 -15.32
N ARG B 295 14.04 -34.07 -16.49
CA ARG B 295 14.63 -33.64 -17.75
C ARG B 295 14.46 -32.15 -18.06
N VAL B 296 13.27 -31.63 -17.77
CA VAL B 296 12.96 -30.23 -18.04
C VAL B 296 13.81 -29.26 -17.23
N TYR B 297 14.00 -29.54 -15.94
CA TYR B 297 14.81 -28.68 -15.09
C TYR B 297 16.30 -28.93 -15.32
N ARG B 298 16.64 -30.18 -15.58
CA ARG B 298 18.03 -30.54 -15.83
C ARG B 298 18.49 -29.76 -17.05
N GLU B 299 17.63 -29.73 -18.06
CA GLU B 299 17.91 -29.04 -19.30
C GLU B 299 18.11 -27.53 -19.08
N LYS B 300 17.16 -26.90 -18.39
CA LYS B 300 17.28 -25.46 -18.12
C LYS B 300 18.49 -25.17 -17.25
N ALA B 301 18.84 -26.13 -16.41
CA ALA B 301 19.99 -25.99 -15.52
C ALA B 301 21.27 -25.98 -16.34
N GLN B 302 21.48 -27.03 -17.13
CA GLN B 302 22.66 -27.13 -17.99
C GLN B 302 22.79 -25.85 -18.81
N ALA B 303 21.66 -25.31 -19.26
CA ALA B 303 21.65 -24.10 -20.08
C ALA B 303 22.04 -22.89 -19.27
N MET B 304 21.48 -22.79 -18.07
CA MET B 304 21.77 -21.68 -17.16
C MET B 304 23.28 -21.64 -16.90
N LEU B 305 23.87 -22.80 -16.65
CA LEU B 305 25.30 -22.87 -16.40
C LEU B 305 26.18 -22.51 -17.60
N HIS B 306 25.91 -23.10 -18.76
CA HIS B 306 26.71 -22.82 -19.96
C HIS B 306 26.71 -21.35 -20.34
N ALA B 307 25.69 -20.62 -19.91
CA ALA B 307 25.58 -19.20 -20.23
C ALA B 307 26.34 -18.40 -19.18
N LEU B 308 26.30 -18.87 -17.94
CA LEU B 308 26.98 -18.21 -16.84
C LEU B 308 28.48 -18.24 -17.09
N ASP B 309 28.94 -19.41 -17.54
CA ASP B 309 30.36 -19.64 -17.84
C ASP B 309 30.91 -18.74 -18.95
N ARG B 310 30.05 -18.30 -19.86
CA ARG B 310 30.48 -17.43 -20.95
C ARG B 310 30.44 -15.95 -20.61
N GLU B 311 29.36 -15.52 -19.98
CA GLU B 311 29.19 -14.12 -19.66
C GLU B 311 29.61 -13.68 -18.26
N VAL B 312 29.72 -14.63 -17.34
CA VAL B 312 30.08 -14.26 -15.99
C VAL B 312 31.57 -14.36 -15.68
N PRO B 313 32.22 -13.21 -15.41
CA PRO B 313 33.66 -13.21 -15.10
C PRO B 313 33.86 -14.15 -13.91
N LYS B 314 35.03 -14.79 -13.79
CA LYS B 314 35.21 -15.72 -12.69
C LYS B 314 35.63 -15.08 -11.37
N GLU B 315 35.49 -13.75 -11.31
CA GLU B 315 35.81 -13.01 -10.10
C GLU B 315 34.64 -13.22 -9.15
N VAL B 316 33.54 -13.72 -9.70
CA VAL B 316 32.32 -14.00 -8.94
C VAL B 316 32.00 -15.50 -9.03
N ARG B 317 31.57 -16.07 -7.92
CA ARG B 317 31.26 -17.50 -7.86
C ARG B 317 29.77 -17.78 -7.98
N TYR B 318 29.46 -18.93 -8.57
CA TYR B 318 28.08 -19.37 -8.72
C TYR B 318 28.01 -20.88 -8.58
N THR B 319 27.08 -21.34 -7.76
CA THR B 319 26.89 -22.76 -7.54
C THR B 319 26.59 -23.53 -8.83
N ARG B 320 26.84 -24.83 -8.82
CA ARG B 320 26.57 -25.68 -9.97
C ARG B 320 25.52 -26.66 -9.43
N PRO B 321 24.22 -26.34 -9.60
CA PRO B 321 23.09 -27.17 -9.14
C PRO B 321 23.01 -28.59 -9.67
N LYS B 322 22.81 -29.54 -8.76
CA LYS B 322 22.67 -30.94 -9.14
C LYS B 322 21.19 -31.33 -9.07
N GLY B 323 20.35 -30.34 -8.78
CA GLY B 323 18.92 -30.60 -8.70
C GLY B 323 18.18 -29.37 -8.21
N GLY B 324 16.90 -29.26 -8.53
CA GLY B 324 16.16 -28.10 -8.10
C GLY B 324 16.10 -27.04 -9.17
N MET B 325 15.78 -25.81 -8.78
CA MET B 325 15.67 -24.73 -9.75
C MET B 325 16.42 -23.48 -9.37
N PHE B 326 17.49 -23.63 -8.60
CA PHE B 326 18.24 -22.46 -8.18
C PHE B 326 19.74 -22.47 -8.41
N VAL B 327 20.26 -21.26 -8.55
CA VAL B 327 21.67 -21.00 -8.73
C VAL B 327 21.93 -19.85 -7.75
N TRP B 328 22.77 -20.10 -6.76
CA TRP B 328 23.14 -19.11 -5.76
C TRP B 328 24.42 -18.41 -6.19
N MET B 329 24.32 -17.12 -6.46
CA MET B 329 25.49 -16.36 -6.90
C MET B 329 26.12 -15.51 -5.79
N GLU B 330 27.44 -15.41 -5.83
CA GLU B 330 28.18 -14.64 -4.83
C GLU B 330 29.16 -13.65 -5.45
N LEU B 331 28.91 -12.37 -5.23
CA LEU B 331 29.77 -11.30 -5.75
C LEU B 331 30.96 -11.17 -4.81
N PRO B 332 32.07 -10.58 -5.29
CA PRO B 332 33.22 -10.43 -4.37
C PRO B 332 32.84 -9.58 -3.17
N LYS B 333 33.41 -9.91 -2.01
CA LYS B 333 33.12 -9.19 -0.78
C LYS B 333 33.24 -7.67 -0.87
N GLY B 334 32.33 -6.98 -0.20
CA GLY B 334 32.34 -5.53 -0.24
C GLY B 334 31.41 -4.99 -1.30
N LEU B 335 30.95 -5.86 -2.21
CA LEU B 335 30.04 -5.45 -3.28
C LEU B 335 28.61 -5.79 -2.89
N SER B 336 27.68 -4.92 -3.28
CA SER B 336 26.27 -5.13 -2.92
C SER B 336 25.38 -5.66 -4.03
N ALA B 337 24.35 -6.41 -3.62
CA ALA B 337 23.39 -6.97 -4.55
C ALA B 337 22.34 -5.91 -4.88
N GLU B 338 22.01 -5.05 -3.92
CA GLU B 338 21.02 -4.00 -4.15
C GLU B 338 21.51 -3.13 -5.30
N GLY B 339 22.81 -2.94 -5.35
CA GLY B 339 23.41 -2.15 -6.40
C GLY B 339 23.37 -2.93 -7.70
N LEU B 340 23.74 -4.21 -7.63
CA LEU B 340 23.74 -5.07 -8.81
C LEU B 340 22.31 -5.15 -9.32
N PHE B 341 21.36 -5.26 -8.40
CA PHE B 341 19.95 -5.34 -8.75
C PHE B 341 19.48 -4.15 -9.60
N ARG B 342 19.76 -2.93 -9.16
CA ARG B 342 19.33 -1.75 -9.93
C ARG B 342 20.11 -1.59 -11.22
N ARG B 343 21.31 -2.14 -11.26
CA ARG B 343 22.17 -2.11 -12.44
C ARG B 343 21.55 -3.09 -13.44
N ALA B 344 21.10 -4.23 -12.92
CA ALA B 344 20.48 -5.27 -13.74
C ALA B 344 19.19 -4.77 -14.39
N LEU B 345 18.30 -4.16 -13.61
CA LEU B 345 17.03 -3.65 -14.16
C LEU B 345 17.26 -2.71 -15.33
N GLU B 346 18.36 -1.97 -15.30
CA GLU B 346 18.69 -1.05 -16.37
C GLU B 346 19.03 -1.86 -17.62
N GLU B 347 19.48 -3.09 -17.42
CA GLU B 347 19.83 -3.99 -18.54
C GLU B 347 18.63 -4.91 -18.81
N ASN B 348 17.54 -4.65 -18.09
CA ASN B 348 16.31 -5.41 -18.23
C ASN B 348 16.39 -6.87 -17.78
N VAL B 349 17.01 -7.09 -16.64
CA VAL B 349 17.12 -8.43 -16.10
C VAL B 349 16.89 -8.34 -14.59
N ALA B 350 16.43 -9.43 -13.99
CA ALA B 350 16.17 -9.39 -12.57
C ALA B 350 16.51 -10.66 -11.83
N PHE B 351 16.70 -10.51 -10.52
CA PHE B 351 17.01 -11.60 -9.61
C PHE B 351 16.54 -11.14 -8.21
N VAL B 352 16.82 -11.93 -7.20
CA VAL B 352 16.44 -11.59 -5.82
C VAL B 352 17.69 -11.39 -4.99
N PRO B 353 17.88 -10.20 -4.42
CA PRO B 353 19.10 -10.04 -3.62
C PRO B 353 19.07 -11.13 -2.56
N GLY B 354 20.22 -11.51 -2.02
CA GLY B 354 20.24 -12.57 -1.03
C GLY B 354 19.65 -12.19 0.32
N GLY B 355 19.83 -10.93 0.70
CA GLY B 355 19.34 -10.44 1.97
C GLY B 355 18.13 -11.10 2.63
N PRO B 356 16.97 -11.12 1.96
CA PRO B 356 15.78 -11.72 2.57
C PRO B 356 15.82 -13.23 2.87
N PHE B 357 16.87 -13.93 2.44
CA PHE B 357 16.97 -15.36 2.73
C PHE B 357 17.75 -15.60 4.03
N PHE B 358 18.20 -14.52 4.65
CA PHE B 358 18.96 -14.60 5.89
C PHE B 358 18.09 -14.27 7.08
N ALA B 359 17.70 -15.29 7.83
CA ALA B 359 16.86 -15.09 9.00
C ALA B 359 17.26 -13.85 9.81
N ASN B 360 18.55 -13.70 10.10
CA ASN B 360 19.01 -12.55 10.88
C ASN B 360 19.67 -11.45 10.07
N GLY B 361 19.45 -11.49 8.75
CA GLY B 361 20.04 -10.51 7.85
C GLY B 361 21.41 -10.98 7.41
N GLY B 362 21.86 -10.52 6.25
CA GLY B 362 23.16 -10.92 5.75
C GLY B 362 23.22 -11.04 4.23
N GLY B 363 24.15 -11.86 3.75
CA GLY B 363 24.30 -12.07 2.32
C GLY B 363 24.25 -10.80 1.49
N GLU B 364 24.74 -9.69 2.03
CA GLU B 364 24.70 -8.42 1.31
C GLU B 364 25.35 -8.46 -0.07
N ASN B 365 26.21 -9.44 -0.31
CA ASN B 365 26.89 -9.58 -1.59
C ASN B 365 26.40 -10.79 -2.39
N THR B 366 25.37 -11.47 -1.89
CA THR B 366 24.86 -12.64 -2.59
C THR B 366 23.49 -12.38 -3.20
N LEU B 367 23.04 -13.31 -4.03
CA LEU B 367 21.75 -13.19 -4.68
C LEU B 367 21.34 -14.53 -5.27
N ARG B 368 20.04 -14.73 -5.41
CA ARG B 368 19.53 -15.97 -5.95
C ARG B 368 19.06 -15.83 -7.40
N LEU B 369 19.21 -16.90 -8.16
CA LEU B 369 18.79 -16.93 -9.55
C LEU B 369 17.95 -18.17 -9.78
N SER B 370 16.82 -18.00 -10.46
CA SER B 370 15.94 -19.12 -10.78
C SER B 370 15.91 -19.22 -12.30
N TYR B 371 15.87 -20.44 -12.80
CA TYR B 371 15.87 -20.69 -14.25
C TYR B 371 14.73 -21.62 -14.67
N ALA B 372 13.74 -21.78 -13.81
CA ALA B 372 12.65 -22.71 -14.10
C ALA B 372 11.50 -22.15 -14.91
N THR B 373 11.42 -20.83 -15.02
CA THR B 373 10.31 -20.23 -15.76
C THR B 373 10.66 -19.73 -17.15
N LEU B 374 11.95 -19.62 -17.46
CA LEU B 374 12.38 -19.12 -18.76
C LEU B 374 12.75 -20.17 -19.82
N ASP B 375 13.01 -19.66 -21.03
CA ASP B 375 13.41 -20.44 -22.20
C ASP B 375 14.91 -20.65 -22.25
N ARG B 376 15.35 -21.60 -23.09
CA ARG B 376 16.78 -21.85 -23.24
C ARG B 376 17.35 -20.62 -23.94
N GLU B 377 16.46 -19.73 -24.37
CA GLU B 377 16.83 -18.48 -25.02
C GLU B 377 16.74 -17.35 -24.01
N GLY B 378 15.68 -17.37 -23.20
CA GLY B 378 15.52 -16.35 -22.18
C GLY B 378 16.68 -16.55 -21.21
N ILE B 379 16.88 -17.80 -20.81
CA ILE B 379 17.97 -18.18 -19.92
C ILE B 379 19.22 -17.48 -20.44
N ALA B 380 19.61 -17.88 -21.64
CA ALA B 380 20.79 -17.33 -22.31
C ALA B 380 20.77 -15.81 -22.47
N GLU B 381 19.66 -15.28 -22.98
CA GLU B 381 19.50 -13.84 -23.17
C GLU B 381 19.54 -13.14 -21.81
N GLY B 382 19.09 -13.84 -20.78
CA GLY B 382 19.08 -13.27 -19.46
C GLY B 382 20.48 -13.17 -18.93
N VAL B 383 21.21 -14.28 -19.00
CA VAL B 383 22.59 -14.31 -18.51
C VAL B 383 23.46 -13.29 -19.22
N ARG B 384 23.20 -13.04 -20.50
CA ARG B 384 23.96 -12.07 -21.27
C ARG B 384 23.85 -10.71 -20.60
N ARG B 385 22.62 -10.33 -20.30
CA ARG B 385 22.30 -9.06 -19.67
C ARG B 385 22.81 -8.93 -18.24
N LEU B 386 22.68 -10.01 -17.48
CA LEU B 386 23.10 -10.03 -16.09
C LEU B 386 24.60 -9.77 -16.08
N GLY B 387 25.34 -10.69 -16.66
CA GLY B 387 26.79 -10.59 -16.71
C GLY B 387 27.26 -9.27 -17.29
N ARG B 388 26.38 -8.62 -18.02
CA ARG B 388 26.69 -7.33 -18.64
C ARG B 388 26.64 -6.27 -17.54
N ALA B 389 25.56 -6.31 -16.75
CA ALA B 389 25.35 -5.39 -15.64
C ALA B 389 26.32 -5.79 -14.54
N LEU B 390 26.50 -7.09 -14.40
CA LEU B 390 27.40 -7.65 -13.41
C LEU B 390 28.78 -7.04 -13.68
N LYS B 391 29.09 -6.84 -14.96
CA LYS B 391 30.37 -6.27 -15.39
C LYS B 391 30.42 -4.77 -15.16
N GLY B 392 29.26 -4.12 -15.26
CA GLY B 392 29.20 -2.68 -15.05
C GLY B 392 29.33 -2.31 -13.58
N LEU B 393 29.09 -3.28 -12.70
CA LEU B 393 29.18 -3.03 -11.26
C LEU B 393 30.62 -3.17 -10.80
N LEU B 394 31.36 -4.05 -11.46
CA LEU B 394 32.75 -4.25 -11.09
C LEU B 394 33.56 -3.03 -11.54
N ALA B 395 33.89 -2.19 -10.58
CA ALA B 395 34.66 -0.95 -10.80
C ALA B 395 34.61 -0.08 -9.53
N LYS C 2 -9.60 -2.31 -25.80
CA LYS C 2 -10.82 -1.74 -25.18
C LYS C 2 -10.65 -1.58 -23.67
N PRO C 3 -10.44 -2.70 -22.94
CA PRO C 3 -10.27 -2.58 -21.48
C PRO C 3 -9.09 -1.68 -21.12
N LEU C 4 -9.22 -0.94 -20.02
CA LEU C 4 -8.17 -0.03 -19.59
C LEU C 4 -7.17 -0.72 -18.67
N SER C 5 -5.89 -0.42 -18.90
CA SER C 5 -4.79 -0.96 -18.12
C SER C 5 -3.94 0.23 -17.72
N TRP C 6 -3.62 0.36 -16.43
CA TRP C 6 -2.82 1.50 -16.00
C TRP C 6 -1.34 1.45 -16.32
N SER C 7 -0.68 0.36 -15.94
CA SER C 7 0.76 0.23 -16.20
C SER C 7 1.12 0.47 -17.67
N GLU C 8 0.16 0.18 -18.56
CA GLU C 8 0.39 0.38 -19.99
C GLU C 8 -0.14 1.73 -20.46
N ALA C 9 -0.71 2.48 -19.52
CA ALA C 9 -1.25 3.81 -19.81
C ALA C 9 -0.27 4.89 -19.38
N PHE C 10 0.57 4.56 -18.39
CA PHE C 10 1.55 5.50 -17.87
C PHE C 10 2.69 5.75 -18.86
N GLY C 11 3.60 6.64 -18.50
CA GLY C 11 4.73 6.96 -19.34
C GLY C 11 6.01 6.41 -18.75
N LYS C 12 7.14 6.73 -19.37
CA LYS C 12 8.44 6.26 -18.87
C LYS C 12 8.68 6.84 -17.49
N GLY C 13 8.09 8.02 -17.26
CA GLY C 13 8.24 8.70 -15.99
C GLY C 13 7.57 7.98 -14.85
N ALA C 14 6.59 7.15 -15.17
CA ALA C 14 5.91 6.41 -14.13
C ALA C 14 6.93 5.44 -13.53
N GLY C 15 7.69 4.79 -14.40
CA GLY C 15 8.70 3.85 -13.95
C GLY C 15 9.84 4.45 -13.17
N ARG C 16 9.95 5.78 -13.20
CA ARG C 16 11.02 6.47 -12.48
C ARG C 16 10.59 6.87 -11.07
N ILE C 17 9.29 6.82 -10.79
CA ILE C 17 8.81 7.16 -9.45
C ILE C 17 8.72 5.82 -8.70
N GLN C 18 9.02 5.83 -7.41
CA GLN C 18 8.99 4.58 -6.66
C GLN C 18 8.86 4.69 -5.15
N ALA C 19 9.12 5.89 -4.61
CA ALA C 19 9.06 6.16 -3.17
C ALA C 19 8.45 5.02 -2.37
N SER C 20 9.21 4.51 -1.40
CA SER C 20 8.74 3.39 -0.58
C SER C 20 9.05 3.57 0.91
N THR C 21 10.27 3.25 1.32
CA THR C 21 10.68 3.36 2.72
C THR C 21 10.60 4.78 3.28
N ILE C 22 9.50 5.08 3.95
CA ILE C 22 9.29 6.38 4.57
C ILE C 22 7.92 6.46 5.25
N ARG C 23 6.88 5.97 4.57
CA ARG C 23 5.54 5.97 5.12
C ARG C 23 5.34 4.71 5.94
N GLU C 24 5.81 3.59 5.40
CA GLU C 24 5.69 2.30 6.09
C GLU C 24 6.52 2.31 7.37
N LEU C 25 7.67 2.96 7.33
CA LEU C 25 8.53 3.04 8.50
C LEU C 25 7.74 3.65 9.64
N LEU C 26 7.26 4.86 9.43
CA LEU C 26 6.48 5.56 10.45
C LEU C 26 5.22 4.80 10.82
N LYS C 27 4.76 3.93 9.91
CA LYS C 27 3.56 3.13 10.17
C LYS C 27 3.88 2.17 11.32
N LEU C 28 5.13 1.72 11.36
CA LEU C 28 5.60 0.81 12.40
C LEU C 28 6.05 1.63 13.61
N THR C 29 6.94 2.58 13.35
CA THR C 29 7.50 3.45 14.38
C THR C 29 6.48 4.23 15.21
N GLN C 30 5.25 4.36 14.73
CA GLN C 30 4.23 5.09 15.47
C GLN C 30 3.40 4.18 16.38
N ARG C 31 4.01 3.06 16.76
CA ARG C 31 3.42 2.06 17.65
C ARG C 31 3.23 2.69 19.03
N PRO C 32 2.84 1.88 20.01
CA PRO C 32 2.62 2.36 21.36
C PRO C 32 3.94 2.79 22.03
N GLY C 33 4.61 1.85 22.68
CA GLY C 33 5.86 2.17 23.35
C GLY C 33 7.08 1.87 22.52
N ILE C 34 7.41 2.79 21.62
CA ILE C 34 8.55 2.60 20.76
C ILE C 34 9.25 3.92 20.50
N LEU C 35 10.56 3.93 20.66
CA LEU C 35 11.35 5.13 20.44
C LEU C 35 11.92 5.04 19.02
N SER C 36 11.60 6.06 18.22
CA SER C 36 12.05 6.09 16.83
C SER C 36 13.18 7.06 16.57
N PHE C 37 14.22 6.56 15.90
CA PHE C 37 15.38 7.35 15.52
C PHE C 37 15.33 7.49 14.01
N ALA C 38 14.25 6.97 13.44
CA ALA C 38 14.01 7.01 12.01
C ALA C 38 13.32 8.33 11.68
N GLY C 39 13.31 8.72 10.42
CA GLY C 39 12.66 9.97 10.10
C GLY C 39 13.51 11.20 10.32
N GLY C 40 13.17 12.28 9.62
CA GLY C 40 13.92 13.51 9.74
C GLY C 40 13.05 14.70 10.08
N LEU C 41 12.32 14.57 11.19
CA LEU C 41 11.44 15.64 11.65
C LEU C 41 12.18 16.55 12.62
N PRO C 42 12.14 17.87 12.38
CA PRO C 42 12.80 18.83 13.25
C PRO C 42 12.12 18.85 14.61
N ALA C 43 12.83 19.30 15.64
CA ALA C 43 12.26 19.35 16.99
C ALA C 43 10.97 20.15 17.09
N PRO C 44 9.87 19.47 17.44
CA PRO C 44 8.53 20.07 17.59
C PRO C 44 8.55 21.23 18.57
N GLU C 45 9.06 20.98 19.77
CA GLU C 45 9.14 22.00 20.83
C GLU C 45 9.64 23.36 20.39
N LEU C 46 10.13 23.47 19.16
CA LEU C 46 10.64 24.75 18.68
C LEU C 46 9.62 25.58 17.90
N PHE C 47 8.58 24.94 17.39
CA PHE C 47 7.54 25.63 16.61
C PHE C 47 6.87 26.71 17.44
N PRO C 48 6.88 27.97 16.94
CA PRO C 48 6.23 29.04 17.70
C PRO C 48 4.72 28.89 17.59
N LYS C 49 4.18 27.83 18.17
CA LYS C 49 2.75 27.58 18.11
C LYS C 49 1.86 28.79 18.42
N GLU C 50 1.93 29.28 19.66
CA GLU C 50 1.11 30.41 20.09
C GLU C 50 1.47 31.74 19.41
N GLU C 51 2.71 31.85 18.96
CA GLU C 51 3.19 33.06 18.31
C GLU C 51 2.69 33.17 16.87
N ALA C 52 2.48 32.00 16.24
CA ALA C 52 2.01 31.95 14.87
C ALA C 52 0.52 32.17 14.80
N ALA C 53 -0.19 31.74 15.84
CA ALA C 53 -1.63 31.93 15.88
C ALA C 53 -1.93 33.42 15.79
N GLU C 54 -1.23 34.23 16.57
CA GLU C 54 -1.42 35.66 16.54
C GLU C 54 -1.12 36.19 15.15
N ALA C 55 0.05 35.84 14.63
CA ALA C 55 0.46 36.29 13.29
C ALA C 55 -0.59 35.95 12.23
N ALA C 56 -0.85 34.67 12.03
CA ALA C 56 -1.82 34.22 11.04
C ALA C 56 -3.10 35.04 11.07
N ALA C 57 -3.70 35.16 12.25
CA ALA C 57 -4.94 35.90 12.43
C ALA C 57 -4.79 37.39 12.09
N ARG C 58 -3.68 37.97 12.49
CA ARG C 58 -3.44 39.38 12.19
C ARG C 58 -3.32 39.59 10.69
N ILE C 59 -2.42 38.85 10.07
CA ILE C 59 -2.19 38.94 8.63
C ILE C 59 -3.44 38.60 7.82
N LEU C 60 -4.35 37.83 8.42
CA LEU C 60 -5.58 37.45 7.73
C LEU C 60 -6.65 38.53 7.83
N ARG C 61 -6.60 39.32 8.90
CA ARG C 61 -7.57 40.40 9.08
C ARG C 61 -7.08 41.68 8.43
N GLU C 62 -5.80 42.00 8.65
CA GLU C 62 -5.22 43.21 8.11
C GLU C 62 -4.85 43.16 6.64
N LYS C 63 -4.37 42.01 6.18
CA LYS C 63 -3.97 41.86 4.78
C LYS C 63 -4.70 40.73 4.08
N GLY C 64 -5.67 40.14 4.75
CA GLY C 64 -6.44 39.04 4.19
C GLY C 64 -6.62 38.92 2.68
N GLU C 65 -6.99 40.01 2.01
CA GLU C 65 -7.21 39.96 0.57
C GLU C 65 -5.98 39.62 -0.25
N VAL C 66 -4.81 40.02 0.23
CA VAL C 66 -3.57 39.76 -0.48
C VAL C 66 -3.09 38.34 -0.18
N ALA C 67 -3.36 37.88 1.02
CA ALA C 67 -2.96 36.55 1.46
C ALA C 67 -3.82 35.43 0.88
N LEU C 68 -5.08 35.76 0.59
CA LEU C 68 -6.02 34.78 0.06
C LEU C 68 -6.16 34.78 -1.45
N GLN C 69 -5.67 35.83 -2.10
CA GLN C 69 -5.76 35.93 -3.57
C GLN C 69 -4.51 35.42 -4.26
N TYR C 70 -4.66 35.01 -5.52
CA TYR C 70 -3.54 34.52 -6.32
C TYR C 70 -2.36 35.48 -6.13
N SER C 71 -1.20 34.91 -5.86
CA SER C 71 0.00 35.69 -5.63
C SER C 71 1.03 35.54 -6.75
N PRO C 72 1.88 36.56 -6.96
CA PRO C 72 2.90 36.49 -8.00
C PRO C 72 3.79 35.27 -7.83
N THR C 73 4.25 34.70 -8.95
CA THR C 73 5.10 33.50 -8.94
C THR C 73 6.45 33.71 -8.25
N GLU C 74 6.96 34.95 -8.30
CA GLU C 74 8.23 35.30 -7.68
C GLU C 74 8.17 35.09 -6.17
N GLY C 75 7.05 35.47 -5.59
CA GLY C 75 6.86 35.31 -4.15
C GLY C 75 6.56 36.63 -3.46
N TYR C 76 6.25 36.51 -2.17
CA TYR C 76 5.91 37.65 -1.31
C TYR C 76 7.10 38.61 -1.25
N ALA C 77 7.00 39.71 -2.00
CA ALA C 77 8.07 40.72 -2.07
C ALA C 77 8.91 40.91 -0.80
N PRO C 78 8.30 41.39 0.30
CA PRO C 78 9.05 41.61 1.55
C PRO C 78 9.76 40.38 2.12
N LEU C 79 9.23 39.19 1.85
CA LEU C 79 9.87 37.98 2.35
C LEU C 79 11.16 37.72 1.58
N ARG C 80 11.27 38.33 0.40
CA ARG C 80 12.46 38.16 -0.43
C ARG C 80 13.55 39.15 -0.03
N ALA C 81 13.14 40.36 0.33
CA ALA C 81 14.09 41.39 0.76
C ALA C 81 14.70 40.87 2.06
N PHE C 82 13.88 40.13 2.80
CA PHE C 82 14.32 39.55 4.04
C PHE C 82 15.39 38.49 3.77
N VAL C 83 15.08 37.56 2.86
CA VAL C 83 16.01 36.48 2.49
C VAL C 83 17.34 37.06 2.03
N ALA C 84 17.30 38.26 1.46
CA ALA C 84 18.50 38.92 0.98
C ALA C 84 19.55 39.01 2.08
N GLU C 85 19.42 39.98 2.99
CA GLU C 85 20.40 40.16 4.08
C GLU C 85 20.94 38.84 4.63
N TRP C 86 20.07 38.12 5.33
CA TRP C 86 20.42 36.83 5.92
C TRP C 86 21.36 36.04 5.01
N ILE C 87 21.03 35.97 3.72
CA ILE C 87 21.85 35.25 2.74
C ILE C 87 22.96 36.11 2.15
N GLY C 88 22.71 37.41 2.05
CA GLY C 88 23.70 38.33 1.50
C GLY C 88 23.63 38.55 0.00
N VAL C 89 22.42 38.66 -0.54
CA VAL C 89 22.23 38.88 -1.97
C VAL C 89 21.13 39.90 -2.22
N ARG C 90 20.75 40.09 -3.47
CA ARG C 90 19.71 41.03 -3.82
C ARG C 90 18.36 40.33 -3.98
N PRO C 91 17.26 41.04 -3.69
CA PRO C 91 15.90 40.49 -3.80
C PRO C 91 15.56 39.80 -5.12
N GLU C 92 16.16 40.27 -6.21
CA GLU C 92 15.90 39.70 -7.53
C GLU C 92 16.64 38.39 -7.74
N GLU C 93 17.56 38.09 -6.83
CA GLU C 93 18.33 36.85 -6.92
C GLU C 93 17.58 35.71 -6.24
N VAL C 94 16.57 36.04 -5.46
CA VAL C 94 15.79 35.03 -4.73
C VAL C 94 14.45 34.63 -5.34
N LEU C 95 14.10 33.36 -5.15
CA LEU C 95 12.85 32.78 -5.63
C LEU C 95 12.29 31.90 -4.53
N ILE C 96 11.09 32.20 -4.08
CA ILE C 96 10.47 31.41 -3.02
C ILE C 96 9.89 30.12 -3.60
N THR C 97 10.22 29.00 -2.97
CA THR C 97 9.75 27.70 -3.44
C THR C 97 8.83 27.04 -2.41
N THR C 98 8.00 26.11 -2.88
CA THR C 98 7.09 25.40 -1.99
C THR C 98 7.91 24.28 -1.34
N GLY C 99 8.95 24.69 -0.63
CA GLY C 99 9.83 23.73 0.03
C GLY C 99 11.05 23.49 -0.83
N SER C 100 12.19 23.22 -0.21
CA SER C 100 13.39 22.95 -0.98
C SER C 100 13.19 21.71 -1.85
N GLN C 101 12.18 20.91 -1.50
CA GLN C 101 11.86 19.72 -2.27
C GLN C 101 11.38 20.14 -3.66
N GLN C 102 10.74 21.30 -3.72
CA GLN C 102 10.26 21.81 -4.99
C GLN C 102 11.44 22.34 -5.79
N ALA C 103 12.33 23.06 -5.11
CA ALA C 103 13.50 23.61 -5.79
C ALA C 103 14.21 22.44 -6.46
N LEU C 104 14.28 21.33 -5.73
CA LEU C 104 14.92 20.13 -6.26
C LEU C 104 14.19 19.63 -7.51
N ASP C 105 12.87 19.74 -7.51
CA ASP C 105 12.07 19.31 -8.65
C ASP C 105 12.25 20.27 -9.84
N LEU C 106 12.38 21.57 -9.56
CA LEU C 106 12.58 22.57 -10.60
C LEU C 106 13.98 22.45 -11.17
N VAL C 107 14.96 22.30 -10.29
CA VAL C 107 16.34 22.14 -10.71
C VAL C 107 16.49 20.95 -11.68
N GLY C 108 15.85 19.83 -11.35
CA GLY C 108 15.94 18.67 -12.22
C GLY C 108 15.23 18.90 -13.54
N LYS C 109 14.04 19.50 -13.46
CA LYS C 109 13.25 19.77 -14.65
C LYS C 109 13.95 20.59 -15.70
N VAL C 110 14.65 21.66 -15.29
CA VAL C 110 15.33 22.51 -16.27
C VAL C 110 16.78 22.12 -16.58
N PHE C 111 17.33 21.16 -15.84
CA PHE C 111 18.71 20.75 -16.06
C PHE C 111 18.94 19.33 -16.61
N LEU C 112 18.14 18.36 -16.19
CA LEU C 112 18.36 16.99 -16.67
C LEU C 112 17.55 16.56 -17.89
N ASP C 113 17.83 15.33 -18.33
CA ASP C 113 17.17 14.69 -19.47
C ASP C 113 17.40 13.20 -19.29
N GLU C 114 16.64 12.40 -20.03
CA GLU C 114 16.80 10.95 -19.94
C GLU C 114 18.22 10.60 -20.36
N GLY C 115 18.96 9.99 -19.46
CA GLY C 115 20.33 9.63 -19.76
C GLY C 115 21.36 10.67 -19.33
N SER C 116 20.90 11.89 -19.07
CA SER C 116 21.79 12.96 -18.66
C SER C 116 22.49 12.56 -17.35
N PRO C 117 23.78 12.90 -17.22
CA PRO C 117 24.51 12.55 -16.00
C PRO C 117 24.47 13.62 -14.90
N VAL C 118 24.17 13.19 -13.67
CA VAL C 118 24.14 14.08 -12.50
C VAL C 118 25.05 13.47 -11.47
N LEU C 119 25.82 14.33 -10.81
CA LEU C 119 26.73 13.83 -9.80
C LEU C 119 26.27 14.19 -8.41
N LEU C 120 26.16 13.18 -7.56
CA LEU C 120 25.78 13.41 -6.18
C LEU C 120 26.51 12.38 -5.33
N GLU C 121 26.57 12.63 -4.04
CA GLU C 121 27.25 11.74 -3.12
C GLU C 121 26.50 10.43 -2.87
N ALA C 122 27.18 9.50 -2.20
CA ALA C 122 26.61 8.20 -1.87
C ALA C 122 27.08 7.82 -0.46
N PRO C 123 26.15 7.79 0.51
CA PRO C 123 24.72 8.08 0.40
C PRO C 123 24.45 9.57 0.29
N SER C 124 23.22 9.93 -0.03
CA SER C 124 22.82 11.32 -0.14
C SER C 124 21.37 11.47 0.27
N TYR C 125 20.88 12.71 0.19
CA TYR C 125 19.51 13.06 0.56
C TYR C 125 18.51 12.38 -0.36
N MET C 126 17.55 11.63 0.20
CA MET C 126 16.61 10.95 -0.67
C MET C 126 15.58 11.85 -1.32
N GLY C 127 15.49 13.09 -0.85
CA GLY C 127 14.56 14.03 -1.44
C GLY C 127 15.07 14.42 -2.81
N ALA C 128 16.39 14.50 -2.95
CA ALA C 128 16.99 14.86 -4.22
C ALA C 128 17.05 13.64 -5.15
N ILE C 129 17.16 12.46 -4.58
CA ILE C 129 17.21 11.25 -5.39
C ILE C 129 15.85 11.03 -6.03
N GLN C 130 14.78 11.37 -5.32
CA GLN C 130 13.45 11.21 -5.90
C GLN C 130 13.22 12.33 -6.90
N ALA C 131 13.55 13.55 -6.50
CA ALA C 131 13.36 14.70 -7.38
C ALA C 131 14.04 14.47 -8.72
N PHE C 132 15.31 14.08 -8.68
CA PHE C 132 16.10 13.86 -9.88
C PHE C 132 15.71 12.63 -10.66
N ARG C 133 15.60 11.51 -9.96
CA ARG C 133 15.25 10.23 -10.57
C ARG C 133 14.13 10.34 -11.59
N LEU C 134 13.19 11.24 -11.37
CA LEU C 134 12.06 11.41 -12.27
C LEU C 134 12.53 11.64 -13.70
N GLN C 135 13.57 12.45 -13.84
CA GLN C 135 14.10 12.76 -15.16
C GLN C 135 14.81 11.58 -15.79
N GLY C 136 15.02 10.53 -14.99
CA GLY C 136 15.71 9.35 -15.48
C GLY C 136 17.13 9.65 -15.92
N PRO C 137 17.93 10.30 -15.06
CA PRO C 137 19.31 10.62 -15.43
C PRO C 137 20.22 9.47 -15.02
N ARG C 138 21.50 9.63 -15.35
CA ARG C 138 22.51 8.63 -15.01
C ARG C 138 23.22 9.18 -13.78
N PHE C 139 23.03 8.50 -12.65
CA PHE C 139 23.60 8.90 -11.36
C PHE C 139 25.06 8.51 -11.15
N LEU C 140 25.93 9.50 -11.14
CA LEU C 140 27.36 9.28 -10.92
C LEU C 140 27.63 9.68 -9.47
N THR C 141 28.25 8.79 -8.70
CA THR C 141 28.53 9.07 -7.30
C THR C 141 29.99 9.01 -6.89
N VAL C 142 30.28 9.67 -5.78
CA VAL C 142 31.61 9.74 -5.20
C VAL C 142 31.36 9.68 -3.69
N PRO C 143 31.96 8.71 -3.00
CA PRO C 143 31.79 8.53 -1.55
C PRO C 143 31.67 9.77 -0.67
N ALA C 144 30.83 9.66 0.36
CA ALA C 144 30.60 10.73 1.32
C ALA C 144 31.17 10.31 2.67
N GLY C 145 32.19 11.04 3.12
CA GLY C 145 32.84 10.72 4.40
C GLY C 145 32.78 11.81 5.45
N GLU C 146 33.49 11.60 6.55
CA GLU C 146 33.51 12.55 7.68
C GLU C 146 33.93 13.98 7.32
N GLU C 147 34.74 14.12 6.28
CA GLU C 147 35.19 15.44 5.87
C GLU C 147 34.42 15.95 4.67
N GLY C 148 33.49 15.15 4.16
CA GLY C 148 32.71 15.56 3.02
C GLY C 148 32.88 14.64 1.81
N PRO C 149 32.54 15.10 0.60
CA PRO C 149 32.69 14.24 -0.58
C PRO C 149 34.15 13.89 -0.83
N ASP C 150 34.38 12.71 -1.39
CA ASP C 150 35.73 12.29 -1.71
C ASP C 150 36.18 13.20 -2.85
N LEU C 151 36.91 14.26 -2.51
CA LEU C 151 37.37 15.23 -3.50
C LEU C 151 38.33 14.67 -4.55
N ASP C 152 39.01 13.59 -4.21
CA ASP C 152 39.95 12.97 -5.14
C ASP C 152 39.18 12.15 -6.16
N ALA C 153 38.41 11.19 -5.67
CA ALA C 153 37.61 10.35 -6.57
C ALA C 153 36.71 11.24 -7.41
N LEU C 154 36.40 12.42 -6.89
CA LEU C 154 35.56 13.37 -7.58
C LEU C 154 36.26 14.08 -8.74
N GLU C 155 37.57 14.29 -8.62
CA GLU C 155 38.32 14.95 -9.68
C GLU C 155 38.50 13.98 -10.83
N GLU C 156 38.41 12.68 -10.53
CA GLU C 156 38.56 11.68 -11.56
C GLU C 156 37.26 11.51 -12.32
N VAL C 157 36.12 11.65 -11.64
CA VAL C 157 34.83 11.56 -12.32
C VAL C 157 34.69 12.72 -13.29
N LEU C 158 35.17 13.88 -12.85
CA LEU C 158 35.10 15.10 -13.65
C LEU C 158 35.99 15.09 -14.88
N LYS C 159 36.89 14.13 -14.97
CA LYS C 159 37.77 14.02 -16.13
C LYS C 159 37.07 13.18 -17.19
N ARG C 160 36.63 11.99 -16.81
CA ARG C 160 35.93 11.08 -17.72
C ARG C 160 34.56 11.62 -18.10
N GLU C 161 33.87 12.22 -17.13
CA GLU C 161 32.52 12.73 -17.34
C GLU C 161 32.27 14.22 -17.09
N ARG C 162 31.16 14.73 -17.63
CA ARG C 162 30.78 16.13 -17.46
C ARG C 162 29.35 16.19 -16.92
N PRO C 163 29.18 16.19 -15.59
CA PRO C 163 27.88 16.23 -14.92
C PRO C 163 26.98 17.41 -15.27
N ARG C 164 25.69 17.15 -15.34
CA ARG C 164 24.71 18.18 -15.65
C ARG C 164 24.83 19.24 -14.58
N PHE C 165 25.24 18.79 -13.40
CA PHE C 165 25.46 19.64 -12.24
C PHE C 165 25.89 18.77 -11.07
N LEU C 166 26.43 19.40 -10.04
CA LEU C 166 26.88 18.70 -8.84
C LEU C 166 25.95 19.02 -7.68
N TYR C 167 25.25 18.01 -7.16
CA TYR C 167 24.36 18.25 -6.03
C TYR C 167 25.08 17.93 -4.73
N LEU C 168 25.27 18.96 -3.91
CA LEU C 168 25.98 18.79 -2.65
C LEU C 168 25.31 19.45 -1.47
N ILE C 169 25.49 18.82 -0.31
CA ILE C 169 24.98 19.32 0.97
C ILE C 169 26.27 19.45 1.79
N PRO C 170 27.01 20.56 1.60
CA PRO C 170 28.27 20.84 2.29
C PRO C 170 28.21 20.94 3.82
N SER C 171 27.09 21.43 4.35
CA SER C 171 26.96 21.59 5.79
C SER C 171 26.06 20.60 6.51
N PHE C 172 26.64 19.51 7.00
CA PHE C 172 25.89 18.50 7.75
C PHE C 172 25.00 17.67 6.83
N GLN C 173 25.64 17.07 5.85
CA GLN C 173 24.98 16.25 4.84
C GLN C 173 23.98 15.23 5.39
N ASN C 174 22.83 15.15 4.73
CA ASN C 174 21.78 14.20 5.05
C ASN C 174 22.14 13.03 4.13
N PRO C 175 22.24 11.80 4.66
CA PRO C 175 22.05 11.27 6.02
C PRO C 175 23.29 11.12 6.87
N THR C 176 24.47 11.32 6.29
CA THR C 176 25.72 11.14 7.03
C THR C 176 25.97 12.14 8.15
N GLY C 177 25.73 13.42 7.87
CA GLY C 177 25.96 14.42 8.89
C GLY C 177 27.35 15.00 8.74
N GLY C 178 28.10 14.48 7.78
CA GLY C 178 29.45 14.95 7.54
C GLY C 178 29.48 16.43 7.24
N LEU C 179 30.66 17.03 7.38
CA LEU C 179 30.83 18.47 7.14
C LEU C 179 32.06 18.69 6.25
N THR C 180 31.91 19.49 5.20
CA THR C 180 33.03 19.74 4.32
C THR C 180 33.80 20.96 4.85
N PRO C 181 35.09 20.76 5.19
CA PRO C 181 36.00 21.78 5.73
C PRO C 181 36.21 22.94 4.75
N LEU C 182 36.55 24.11 5.29
CA LEU C 182 36.77 25.27 4.42
C LEU C 182 37.79 24.91 3.31
N PRO C 183 38.90 24.25 3.68
CA PRO C 183 39.92 23.84 2.72
C PRO C 183 39.35 23.00 1.59
N ALA C 184 38.46 22.07 1.93
CA ALA C 184 37.82 21.18 0.96
C ALA C 184 36.83 21.86 0.02
N ARG C 185 36.20 22.93 0.50
CA ARG C 185 35.24 23.65 -0.31
C ARG C 185 35.97 24.49 -1.35
N LYS C 186 37.04 25.17 -0.92
CA LYS C 186 37.84 25.99 -1.83
C LYS C 186 38.40 25.10 -2.94
N ARG C 187 38.75 23.88 -2.57
CA ARG C 187 39.28 22.87 -3.49
C ARG C 187 38.22 22.46 -4.49
N LEU C 188 36.99 22.30 -4.01
CA LEU C 188 35.87 21.91 -4.86
C LEU C 188 35.46 23.04 -5.79
N LEU C 189 35.38 24.25 -5.24
CA LEU C 189 34.99 25.43 -6.02
C LEU C 189 35.84 25.64 -7.27
N GLN C 190 37.16 25.58 -7.11
CA GLN C 190 38.08 25.78 -8.24
C GLN C 190 37.99 24.58 -9.17
N MET C 191 37.97 23.40 -8.57
CA MET C 191 37.86 22.16 -9.31
C MET C 191 36.62 22.26 -10.20
N VAL C 192 35.65 23.03 -9.73
CA VAL C 192 34.39 23.25 -10.44
C VAL C 192 34.52 24.29 -11.55
N MET C 193 34.67 25.56 -11.17
CA MET C 193 34.78 26.63 -12.16
C MET C 193 35.89 26.40 -13.18
N GLU C 194 36.73 25.40 -12.92
CA GLU C 194 37.80 25.07 -13.84
C GLU C 194 37.12 24.41 -15.04
N ARG C 195 36.37 23.35 -14.77
CA ARG C 195 35.66 22.62 -15.81
C ARG C 195 34.32 23.26 -16.12
N GLY C 196 34.10 24.48 -15.63
CA GLY C 196 32.85 25.19 -15.86
C GLY C 196 31.60 24.37 -15.59
N LEU C 197 31.49 23.81 -14.38
CA LEU C 197 30.35 22.99 -14.00
C LEU C 197 29.38 23.69 -13.05
N VAL C 198 28.13 23.23 -13.06
CA VAL C 198 27.09 23.81 -12.21
C VAL C 198 26.97 23.02 -10.91
N VAL C 199 26.74 23.74 -9.81
CA VAL C 199 26.61 23.12 -8.50
C VAL C 199 25.33 23.52 -7.76
N VAL C 200 24.54 22.53 -7.37
CA VAL C 200 23.30 22.79 -6.62
C VAL C 200 23.61 22.57 -5.15
N GLU C 201 23.73 23.67 -4.41
CA GLU C 201 24.04 23.60 -3.00
C GLU C 201 22.85 23.62 -2.07
N ASP C 202 22.65 22.52 -1.38
CA ASP C 202 21.55 22.34 -0.44
C ASP C 202 22.07 22.72 0.95
N ASP C 203 21.65 23.88 1.45
CA ASP C 203 22.09 24.33 2.76
C ASP C 203 20.90 24.45 3.69
N ALA C 204 20.24 23.32 3.93
CA ALA C 204 19.07 23.28 4.77
C ALA C 204 19.44 23.41 6.24
N TYR C 205 20.70 23.12 6.56
CA TYR C 205 21.18 23.17 7.94
C TYR C 205 22.16 24.30 8.16
N ARG C 206 22.07 25.33 7.32
CA ARG C 206 22.94 26.49 7.41
C ARG C 206 23.03 27.06 8.82
N GLU C 207 21.94 26.97 9.59
CA GLU C 207 21.95 27.54 10.94
C GLU C 207 21.98 26.51 12.06
N LEU C 208 22.21 25.25 11.76
CA LEU C 208 22.24 24.25 12.82
C LEU C 208 23.65 23.74 13.08
N TYR C 209 24.59 24.66 13.13
CA TYR C 209 25.98 24.30 13.40
C TYR C 209 26.19 24.31 14.91
N PHE C 210 26.97 23.36 15.41
CA PHE C 210 27.22 23.28 16.85
C PHE C 210 28.46 24.05 17.25
N GLY C 211 29.32 24.33 16.28
CA GLY C 211 30.53 25.08 16.55
C GLY C 211 30.23 26.55 16.78
N GLU C 212 31.26 27.39 16.75
CA GLU C 212 31.08 28.82 16.98
C GLU C 212 30.77 29.59 15.72
N ALA C 213 30.76 28.89 14.59
CA ALA C 213 30.46 29.53 13.32
C ALA C 213 30.22 28.52 12.21
N ARG C 214 29.68 29.00 11.09
CA ARG C 214 29.42 28.14 9.95
C ARG C 214 30.44 28.48 8.87
N LEU C 215 30.90 27.45 8.16
CA LEU C 215 31.88 27.63 7.10
C LEU C 215 31.22 28.32 5.93
N PRO C 216 31.97 29.12 5.15
CA PRO C 216 31.39 29.82 4.00
C PRO C 216 30.76 28.78 3.07
N SER C 217 29.81 29.23 2.25
CA SER C 217 29.11 28.33 1.33
C SER C 217 29.71 28.42 -0.07
N LEU C 218 29.62 27.32 -0.83
CA LEU C 218 30.15 27.31 -2.17
C LEU C 218 29.59 28.52 -2.91
N PHE C 219 28.33 28.82 -2.67
CA PHE C 219 27.70 29.97 -3.32
C PHE C 219 28.48 31.22 -2.94
N GLU C 220 28.65 31.42 -1.65
CA GLU C 220 29.39 32.57 -1.14
C GLU C 220 30.78 32.62 -1.72
N LEU C 221 31.58 31.58 -1.46
CA LEU C 221 32.94 31.53 -1.99
C LEU C 221 32.89 31.93 -3.45
N ALA C 222 32.18 31.12 -4.25
CA ALA C 222 32.04 31.39 -5.68
C ALA C 222 31.60 32.81 -5.98
N ARG C 223 31.04 33.50 -5.00
CA ARG C 223 30.59 34.87 -5.21
C ARG C 223 31.77 35.79 -5.44
N GLU C 224 32.65 35.89 -4.46
CA GLU C 224 33.82 36.74 -4.57
C GLU C 224 34.67 36.28 -5.75
N ALA C 225 34.79 34.96 -5.90
CA ALA C 225 35.56 34.36 -6.97
C ALA C 225 35.04 34.77 -8.33
N GLY C 226 33.81 35.26 -8.38
CA GLY C 226 33.23 35.68 -9.63
C GLY C 226 32.51 34.58 -10.40
N TYR C 227 32.41 33.40 -9.81
CA TYR C 227 31.75 32.29 -10.46
C TYR C 227 30.24 32.29 -10.15
N PRO C 228 29.41 32.36 -11.20
CA PRO C 228 27.95 32.38 -11.03
C PRO C 228 27.27 31.01 -11.20
N GLY C 229 28.06 29.95 -11.33
CA GLY C 229 27.48 28.62 -11.53
C GLY C 229 27.05 27.79 -10.34
N VAL C 230 26.59 28.44 -9.27
CA VAL C 230 26.15 27.71 -8.09
C VAL C 230 24.68 28.04 -7.76
N ILE C 231 23.86 26.99 -7.61
CA ILE C 231 22.45 27.18 -7.26
C ILE C 231 22.35 26.96 -5.74
N TYR C 232 22.08 28.03 -4.99
CA TYR C 232 21.97 27.96 -3.53
C TYR C 232 20.54 27.71 -3.09
N LEU C 233 20.35 26.61 -2.35
CA LEU C 233 19.03 26.23 -1.86
C LEU C 233 18.93 26.34 -0.34
N GLY C 234 18.02 27.20 0.12
CA GLY C 234 17.81 27.37 1.54
C GLY C 234 16.36 27.02 1.87
N SER C 235 16.05 26.89 3.15
CA SER C 235 14.70 26.53 3.58
C SER C 235 14.39 27.04 4.99
N PHE C 236 13.11 26.99 5.35
CA PHE C 236 12.66 27.42 6.67
C PHE C 236 12.12 26.21 7.41
N SER C 237 12.27 25.05 6.81
CA SER C 237 11.78 23.80 7.39
C SER C 237 12.51 23.39 8.65
N LYS C 238 13.82 23.65 8.71
CA LYS C 238 14.62 23.24 9.85
C LYS C 238 14.92 24.28 10.92
N VAL C 239 14.52 25.53 10.69
CA VAL C 239 14.75 26.59 11.67
C VAL C 239 13.44 27.20 12.16
N LEU C 240 12.39 27.10 11.35
CA LEU C 240 11.09 27.64 11.72
C LEU C 240 10.02 26.54 11.69
N SER C 241 9.66 26.08 10.49
CA SER C 241 8.65 25.04 10.35
C SER C 241 8.75 24.25 9.06
N PRO C 242 8.81 22.92 9.14
CA PRO C 242 8.89 22.11 7.92
C PRO C 242 7.50 21.93 7.34
N GLY C 243 6.49 22.11 8.19
CA GLY C 243 5.12 21.97 7.76
C GLY C 243 4.60 23.05 6.85
N LEU C 244 4.91 24.32 7.16
CA LEU C 244 4.47 25.44 6.35
C LEU C 244 4.91 25.35 4.89
N ARG C 245 5.90 24.51 4.60
CA ARG C 245 6.42 24.34 3.24
C ARG C 245 6.88 25.64 2.57
N VAL C 246 7.81 26.36 3.18
CA VAL C 246 8.30 27.60 2.59
C VAL C 246 9.82 27.66 2.53
N ALA C 247 10.35 27.57 1.32
CA ALA C 247 11.78 27.59 1.08
C ALA C 247 12.16 28.58 0.00
N PHE C 248 13.45 28.70 -0.27
CA PHE C 248 13.92 29.63 -1.29
C PHE C 248 15.07 29.06 -2.12
N ALA C 249 15.36 29.75 -3.23
CA ALA C 249 16.43 29.37 -4.13
C ALA C 249 17.06 30.65 -4.64
N VAL C 250 18.39 30.67 -4.75
CA VAL C 250 19.10 31.85 -5.22
C VAL C 250 20.01 31.47 -6.37
N ALA C 251 19.98 32.24 -7.45
CA ALA C 251 20.83 31.92 -8.59
C ALA C 251 21.00 33.03 -9.62
N HIS C 252 21.93 32.81 -10.52
CA HIS C 252 22.24 33.73 -11.61
C HIS C 252 20.94 34.02 -12.33
N PRO C 253 20.73 35.27 -12.75
CA PRO C 253 19.50 35.66 -13.46
C PRO C 253 19.03 34.66 -14.52
N GLU C 254 19.89 34.41 -15.50
CA GLU C 254 19.56 33.48 -16.58
C GLU C 254 19.09 32.11 -16.08
N ALA C 255 19.65 31.65 -14.97
CA ALA C 255 19.27 30.35 -14.42
C ALA C 255 18.03 30.52 -13.55
N LEU C 256 17.99 31.61 -12.79
CA LEU C 256 16.87 31.89 -11.90
C LEU C 256 15.56 32.02 -12.67
N GLN C 257 15.61 32.40 -13.94
CA GLN C 257 14.40 32.55 -14.73
C GLN C 257 13.78 31.22 -15.15
N LYS C 258 14.60 30.26 -15.54
CA LYS C 258 14.07 28.96 -15.93
C LYS C 258 13.42 28.28 -14.72
N LEU C 259 13.79 28.72 -13.52
CA LEU C 259 13.23 28.14 -12.31
C LEU C 259 11.89 28.77 -12.01
N VAL C 260 11.78 30.08 -12.23
CA VAL C 260 10.54 30.81 -11.99
C VAL C 260 9.47 30.30 -12.94
N GLN C 261 9.83 30.20 -14.21
CA GLN C 261 8.91 29.74 -15.23
C GLN C 261 8.48 28.30 -14.99
N ALA C 262 9.41 27.48 -14.49
CA ALA C 262 9.14 26.06 -14.22
C ALA C 262 8.33 25.92 -12.95
N LYS C 263 8.56 26.86 -12.04
CA LYS C 263 7.87 26.88 -10.76
C LYS C 263 6.43 27.27 -11.00
N GLN C 264 6.23 28.25 -11.87
CA GLN C 264 4.90 28.71 -12.17
C GLN C 264 4.01 27.58 -12.66
N GLY C 265 4.54 26.72 -13.53
CA GLY C 265 3.77 25.62 -14.08
C GLY C 265 3.62 24.39 -13.19
N ALA C 266 4.24 24.43 -12.01
CA ALA C 266 4.19 23.32 -11.06
C ALA C 266 3.14 23.58 -9.97
N ASP C 267 2.96 24.85 -9.61
CA ASP C 267 1.98 25.20 -8.59
C ASP C 267 1.59 26.67 -8.64
N LEU C 268 1.90 27.33 -9.76
CA LEU C 268 1.58 28.74 -9.96
C LEU C 268 2.36 29.62 -8.98
N HIS C 269 2.09 29.47 -7.70
CA HIS C 269 2.80 30.24 -6.69
C HIS C 269 2.67 29.57 -5.34
N THR C 270 3.60 29.91 -4.46
CA THR C 270 3.64 29.37 -3.11
C THR C 270 2.63 30.15 -2.28
N PRO C 271 1.81 29.43 -1.50
CA PRO C 271 0.80 30.08 -0.65
C PRO C 271 1.33 31.43 -0.17
N MET C 272 0.50 32.47 -0.25
CA MET C 272 0.94 33.79 0.19
C MET C 272 0.83 33.88 1.71
N LEU C 273 -0.19 33.21 2.25
CA LEU C 273 -0.43 33.20 3.68
C LEU C 273 0.81 32.67 4.37
N ASN C 274 1.31 31.55 3.88
CA ASN C 274 2.49 30.94 4.47
C ASN C 274 3.72 31.84 4.35
N GLN C 275 3.92 32.46 3.19
CA GLN C 275 5.07 33.33 3.00
C GLN C 275 5.01 34.53 3.94
N MET C 276 3.80 35.01 4.20
CA MET C 276 3.63 36.15 5.08
C MET C 276 3.86 35.73 6.53
N LEU C 277 3.30 34.59 6.91
CA LEU C 277 3.45 34.07 8.27
C LEU C 277 4.91 33.83 8.62
N VAL C 278 5.69 33.34 7.64
CA VAL C 278 7.10 33.08 7.88
C VAL C 278 7.84 34.40 8.05
N HIS C 279 7.49 35.41 7.26
CA HIS C 279 8.14 36.70 7.38
C HIS C 279 7.83 37.27 8.76
N GLU C 280 6.55 37.46 9.02
CA GLU C 280 6.11 38.01 10.30
C GLU C 280 6.84 37.35 11.47
N LEU C 281 6.81 36.01 11.52
CA LEU C 281 7.46 35.30 12.59
C LEU C 281 8.92 35.64 12.82
N LEU C 282 9.69 35.88 11.75
CA LEU C 282 11.08 36.22 11.97
C LEU C 282 11.59 37.56 11.42
N LYS C 283 10.70 38.53 11.30
CA LYS C 283 11.13 39.83 10.81
C LYS C 283 11.88 40.53 11.94
N GLU C 284 11.97 39.84 13.08
CA GLU C 284 12.67 40.34 14.24
C GLU C 284 12.80 39.24 15.30
N GLY C 285 13.92 39.24 16.02
CA GLY C 285 14.15 38.22 17.04
C GLY C 285 14.53 36.91 16.39
N PHE C 286 15.13 37.02 15.21
CA PHE C 286 15.55 35.86 14.44
C PHE C 286 16.80 35.19 14.98
N SER C 287 17.76 36.00 15.44
CA SER C 287 19.01 35.47 15.96
C SER C 287 18.83 34.59 17.19
N GLU C 288 18.04 35.05 18.14
CA GLU C 288 17.78 34.31 19.37
C GLU C 288 17.08 33.01 19.05
N ARG C 289 16.14 33.06 18.10
CA ARG C 289 15.41 31.86 17.70
C ARG C 289 16.42 30.90 17.09
N LEU C 290 17.32 31.46 16.30
CA LEU C 290 18.36 30.70 15.64
C LEU C 290 19.35 30.11 16.63
N GLU C 291 19.59 30.82 17.73
CA GLU C 291 20.53 30.33 18.72
C GLU C 291 19.86 29.27 19.58
N ARG C 292 18.55 29.40 19.78
CA ARG C 292 17.81 28.44 20.58
C ARG C 292 17.84 27.08 19.90
N VAL C 293 17.55 27.05 18.60
CA VAL C 293 17.56 25.80 17.85
C VAL C 293 18.94 25.15 17.92
N ARG C 294 19.99 25.98 17.85
CA ARG C 294 21.36 25.51 17.91
C ARG C 294 21.64 24.75 19.20
N ARG C 295 21.31 25.36 20.34
CA ARG C 295 21.56 24.72 21.63
C ARG C 295 20.76 23.44 21.78
N VAL C 296 19.47 23.52 21.51
CA VAL C 296 18.61 22.36 21.66
C VAL C 296 19.13 21.12 20.97
N TYR C 297 19.51 21.27 19.70
CA TYR C 297 20.03 20.14 18.93
C TYR C 297 21.40 19.69 19.42
N ARG C 298 22.28 20.64 19.72
CA ARG C 298 23.62 20.29 20.20
C ARG C 298 23.54 19.34 21.38
N GLU C 299 22.76 19.70 22.39
CA GLU C 299 22.62 18.85 23.57
C GLU C 299 21.91 17.55 23.23
N LYS C 300 21.03 17.57 22.24
CA LYS C 300 20.34 16.36 21.84
C LYS C 300 21.42 15.45 21.24
N ALA C 301 22.24 16.04 20.36
CA ALA C 301 23.30 15.30 19.71
C ALA C 301 24.26 14.73 20.75
N GLN C 302 24.78 15.61 21.60
CA GLN C 302 25.72 15.20 22.63
C GLN C 302 25.13 14.13 23.53
N ALA C 303 23.81 14.17 23.70
CA ALA C 303 23.12 13.20 24.54
C ALA C 303 23.21 11.83 23.88
N MET C 304 23.17 11.83 22.54
CA MET C 304 23.24 10.61 21.75
C MET C 304 24.64 10.04 21.70
N LEU C 305 25.61 10.90 21.39
CA LEU C 305 27.01 10.49 21.33
C LEU C 305 27.39 9.74 22.60
N HIS C 306 27.17 10.37 23.75
CA HIS C 306 27.49 9.74 25.02
C HIS C 306 26.72 8.45 25.19
N ALA C 307 25.46 8.44 24.77
CA ALA C 307 24.63 7.25 24.88
C ALA C 307 25.19 6.14 23.99
N LEU C 308 25.47 6.46 22.73
CA LEU C 308 26.01 5.47 21.80
C LEU C 308 27.34 4.96 22.32
N ASP C 309 28.28 5.88 22.52
CA ASP C 309 29.61 5.56 23.05
C ASP C 309 29.51 4.55 24.20
N ARG C 310 28.43 4.70 24.96
CA ARG C 310 28.16 3.89 26.14
C ARG C 310 27.52 2.53 25.87
N GLU C 311 26.54 2.48 24.97
CA GLU C 311 25.80 1.24 24.69
C GLU C 311 26.14 0.37 23.47
N VAL C 312 26.57 0.96 22.36
CA VAL C 312 26.85 0.16 21.17
C VAL C 312 28.24 -0.47 21.17
N PRO C 313 28.33 -1.78 20.88
CA PRO C 313 29.61 -2.49 20.85
C PRO C 313 30.61 -1.79 19.92
N LYS C 314 31.90 -2.04 20.12
CA LYS C 314 32.95 -1.37 19.34
C LYS C 314 33.15 -1.82 17.89
N GLU C 315 32.56 -2.96 17.53
CA GLU C 315 32.66 -3.49 16.17
C GLU C 315 31.92 -2.57 15.19
N VAL C 316 30.90 -1.86 15.69
CA VAL C 316 30.11 -0.96 14.85
C VAL C 316 30.63 0.48 14.91
N ARG C 317 30.49 1.19 13.79
CA ARG C 317 30.96 2.56 13.67
C ARG C 317 29.80 3.54 13.51
N TYR C 318 30.06 4.81 13.80
CA TYR C 318 29.06 5.86 13.66
C TYR C 318 29.72 7.23 13.73
N THR C 319 29.29 8.10 12.83
CA THR C 319 29.81 9.46 12.74
C THR C 319 29.52 10.30 13.99
N ARG C 320 30.25 11.40 14.13
CA ARG C 320 30.08 12.29 15.28
C ARG C 320 29.81 13.72 14.76
N PRO C 321 28.54 14.01 14.47
CA PRO C 321 27.99 15.28 13.94
C PRO C 321 28.49 16.55 14.60
N LYS C 322 28.67 17.58 13.79
CA LYS C 322 29.09 18.89 14.28
C LYS C 322 27.99 19.86 13.86
N GLY C 323 26.80 19.32 13.68
CA GLY C 323 25.65 20.10 13.27
C GLY C 323 24.58 19.19 12.70
N GLY C 324 23.38 19.75 12.47
CA GLY C 324 22.30 18.96 11.92
C GLY C 324 21.58 18.08 12.92
N MET C 325 20.95 17.03 12.41
CA MET C 325 20.18 16.13 13.25
C MET C 325 20.37 14.64 12.95
N PHE C 326 21.48 14.31 12.31
CA PHE C 326 21.74 12.91 11.97
C PHE C 326 23.06 12.32 12.46
N VAL C 327 23.04 11.02 12.70
CA VAL C 327 24.22 10.27 13.08
C VAL C 327 24.19 9.08 12.13
N TRP C 328 25.15 9.05 11.20
CA TRP C 328 25.24 7.97 10.22
C TRP C 328 25.98 6.81 10.88
N MET C 329 25.44 5.60 10.77
CA MET C 329 26.05 4.42 11.39
C MET C 329 26.37 3.34 10.37
N GLU C 330 27.43 2.57 10.64
CA GLU C 330 27.84 1.48 9.73
C GLU C 330 28.09 0.17 10.47
N LEU C 331 27.47 -0.89 9.99
CA LEU C 331 27.62 -2.21 10.61
C LEU C 331 28.68 -3.03 9.88
N PRO C 332 29.25 -4.04 10.57
CA PRO C 332 30.26 -4.89 9.95
C PRO C 332 29.55 -5.89 9.05
N LYS C 333 30.21 -6.30 7.97
CA LYS C 333 29.60 -7.27 7.07
C LYS C 333 29.08 -8.45 7.90
N GLY C 334 27.96 -9.02 7.49
CA GLY C 334 27.39 -10.12 8.24
C GLY C 334 26.20 -9.58 9.00
N LEU C 335 26.33 -8.37 9.54
CA LEU C 335 25.26 -7.70 10.28
C LEU C 335 24.69 -6.61 9.37
N SER C 336 23.51 -6.84 8.82
CA SER C 336 22.88 -5.88 7.92
C SER C 336 21.84 -5.02 8.60
N ALA C 337 21.58 -3.86 8.01
CA ALA C 337 20.60 -2.93 8.55
C ALA C 337 19.22 -3.60 8.62
N GLU C 338 18.81 -4.26 7.53
CA GLU C 338 17.51 -4.94 7.51
C GLU C 338 17.35 -5.92 8.65
N GLY C 339 18.37 -6.74 8.88
CA GLY C 339 18.31 -7.70 9.97
C GLY C 339 18.25 -6.97 11.31
N LEU C 340 19.12 -5.98 11.47
CA LEU C 340 19.19 -5.17 12.71
C LEU C 340 17.84 -4.52 12.95
N PHE C 341 17.24 -4.02 11.86
CA PHE C 341 15.95 -3.38 11.95
C PHE C 341 14.96 -4.30 12.64
N ARG C 342 14.74 -5.49 12.07
CA ARG C 342 13.81 -6.44 12.66
C ARG C 342 14.07 -6.66 14.14
N ARG C 343 15.33 -6.77 14.54
CA ARG C 343 15.61 -6.97 15.96
C ARG C 343 15.26 -5.69 16.71
N ALA C 344 15.65 -4.55 16.14
CA ALA C 344 15.39 -3.26 16.75
C ALA C 344 13.92 -3.10 17.14
N LEU C 345 13.03 -3.64 16.31
CA LEU C 345 11.59 -3.57 16.58
C LEU C 345 11.20 -4.44 17.76
N GLU C 346 11.92 -5.53 18.00
CA GLU C 346 11.57 -6.36 19.14
C GLU C 346 12.00 -5.69 20.44
N GLU C 347 13.06 -4.87 20.38
CA GLU C 347 13.53 -4.15 21.55
C GLU C 347 12.91 -2.76 21.58
N ASN C 348 11.88 -2.60 20.77
CA ASN C 348 11.13 -1.35 20.66
C ASN C 348 11.87 -0.06 20.36
N VAL C 349 12.64 -0.08 19.28
CA VAL C 349 13.38 1.09 18.83
C VAL C 349 13.46 0.98 17.32
N ALA C 350 13.54 2.12 16.65
CA ALA C 350 13.59 2.11 15.21
C ALA C 350 14.56 3.09 14.63
N PHE C 351 14.94 2.83 13.39
CA PHE C 351 15.87 3.65 12.63
C PHE C 351 15.55 3.44 11.15
N VAL C 352 16.31 4.09 10.27
CA VAL C 352 16.09 3.99 8.84
C VAL C 352 17.26 3.29 8.15
N PRO C 353 17.00 2.12 7.54
CA PRO C 353 18.13 1.47 6.86
C PRO C 353 18.69 2.45 5.81
N GLY C 354 19.97 2.31 5.48
CA GLY C 354 20.59 3.22 4.54
C GLY C 354 20.44 2.99 3.05
N GLY C 355 19.72 1.95 2.68
CA GLY C 355 19.52 1.65 1.27
C GLY C 355 18.91 2.76 0.44
N PRO C 356 17.74 3.28 0.81
CA PRO C 356 17.13 4.36 0.03
C PRO C 356 17.96 5.63 -0.08
N PHE C 357 19.12 5.65 0.55
CA PHE C 357 19.98 6.83 0.51
C PHE C 357 21.03 6.74 -0.59
N PHE C 358 21.10 5.57 -1.23
CA PHE C 358 22.05 5.35 -2.30
C PHE C 358 21.35 5.42 -3.66
N ALA C 359 21.64 6.47 -4.40
CA ALA C 359 21.03 6.67 -5.71
C ALA C 359 21.10 5.43 -6.61
N ASN C 360 22.17 4.65 -6.50
CA ASN C 360 22.33 3.45 -7.33
C ASN C 360 22.20 2.13 -6.57
N GLY C 361 21.74 2.21 -5.33
CA GLY C 361 21.59 1.01 -4.52
C GLY C 361 22.80 0.75 -3.65
N GLY C 362 22.62 -0.12 -2.66
CA GLY C 362 23.71 -0.44 -1.75
C GLY C 362 23.43 0.11 -0.37
N GLY C 363 24.39 -0.06 0.53
CA GLY C 363 24.24 0.42 1.89
C GLY C 363 23.54 -0.54 2.82
N GLU C 364 23.49 -1.82 2.46
CA GLU C 364 22.81 -2.77 3.32
C GLU C 364 23.43 -2.88 4.69
N ASN C 365 24.59 -2.25 4.87
CA ASN C 365 25.27 -2.31 6.15
C ASN C 365 25.18 -0.99 6.91
N THR C 366 24.51 -0.01 6.33
CA THR C 366 24.40 1.28 6.99
C THR C 366 22.98 1.57 7.45
N LEU C 367 22.84 2.64 8.24
CA LEU C 367 21.55 3.08 8.74
C LEU C 367 21.66 4.52 9.24
N ARG C 368 20.51 5.18 9.37
CA ARG C 368 20.49 6.55 9.83
C ARG C 368 19.74 6.71 11.13
N LEU C 369 20.26 7.61 11.97
CA LEU C 369 19.66 7.89 13.28
C LEU C 369 19.46 9.38 13.44
N SER C 370 18.32 9.75 14.00
CA SER C 370 18.04 11.15 14.25
C SER C 370 17.60 11.29 15.68
N TYR C 371 17.94 12.43 16.27
CA TYR C 371 17.63 12.74 17.65
C TYR C 371 16.85 14.04 17.71
N ALA C 372 16.63 14.65 16.55
CA ALA C 372 15.93 15.92 16.48
C ALA C 372 14.62 15.95 17.25
N THR C 373 13.92 14.83 17.29
CA THR C 373 12.62 14.74 17.95
C THR C 373 12.61 14.42 19.44
N LEU C 374 13.03 13.21 19.78
CA LEU C 374 13.04 12.71 21.15
C LEU C 374 13.64 13.60 22.26
N ASP C 375 13.41 13.19 23.51
CA ASP C 375 13.92 13.88 24.70
C ASP C 375 15.31 13.37 25.01
N ARG C 376 16.01 14.04 25.92
CA ARG C 376 17.34 13.58 26.27
C ARG C 376 17.21 12.17 26.84
N GLU C 377 16.19 11.96 27.67
CA GLU C 377 15.95 10.66 28.29
C GLU C 377 15.39 9.69 27.26
N GLY C 378 14.77 10.25 26.22
CA GLY C 378 14.21 9.44 25.17
C GLY C 378 15.32 8.86 24.32
N ILE C 379 16.35 9.69 24.09
CA ILE C 379 17.51 9.30 23.30
C ILE C 379 18.33 8.25 24.05
N ALA C 380 18.33 8.34 25.37
CA ALA C 380 19.08 7.40 26.19
C ALA C 380 18.41 6.02 26.22
N GLU C 381 17.10 6.00 26.43
CA GLU C 381 16.38 4.73 26.45
C GLU C 381 16.39 4.14 25.05
N GLY C 382 16.26 5.01 24.05
CA GLY C 382 16.28 4.57 22.68
C GLY C 382 17.58 3.88 22.36
N VAL C 383 18.69 4.52 22.74
CA VAL C 383 20.01 3.97 22.47
C VAL C 383 20.33 2.71 23.26
N ARG C 384 19.80 2.58 24.45
CA ARG C 384 20.06 1.38 25.25
C ARG C 384 19.45 0.16 24.56
N ARG C 385 18.32 0.40 23.90
CA ARG C 385 17.59 -0.62 23.17
C ARG C 385 18.34 -1.00 21.90
N LEU C 386 18.67 -0.01 21.08
CA LEU C 386 19.41 -0.26 19.85
C LEU C 386 20.62 -1.12 20.20
N GLY C 387 21.29 -0.76 21.30
CA GLY C 387 22.47 -1.49 21.74
C GLY C 387 22.24 -2.96 22.02
N ARG C 388 21.06 -3.30 22.53
CA ARG C 388 20.71 -4.68 22.84
C ARG C 388 20.41 -5.44 21.55
N ALA C 389 19.92 -4.73 20.55
CA ALA C 389 19.64 -5.36 19.27
C ALA C 389 20.99 -5.67 18.69
N LEU C 390 21.87 -4.65 18.68
CA LEU C 390 23.22 -4.80 18.16
C LEU C 390 23.97 -5.94 18.86
N LYS C 391 24.00 -5.94 20.18
CA LYS C 391 24.71 -6.98 20.90
C LYS C 391 24.02 -8.34 20.82
N GLY C 392 22.69 -8.34 20.89
CA GLY C 392 21.96 -9.58 20.84
C GLY C 392 22.10 -10.26 19.49
N LEU C 393 22.09 -9.45 18.44
CA LEU C 393 22.19 -9.94 17.07
C LEU C 393 23.60 -10.38 16.72
N LEU C 394 24.60 -9.66 17.24
CA LEU C 394 25.99 -9.97 16.98
C LEU C 394 26.41 -11.38 17.40
N ALA C 395 25.65 -11.99 18.30
CA ALA C 395 25.96 -13.33 18.77
C ALA C 395 25.37 -14.43 17.89
N LEU C 396 24.30 -14.09 17.17
CA LEU C 396 23.63 -15.05 16.31
C LEU C 396 24.15 -14.99 14.88
N VAL C 397 24.48 -13.78 14.43
CA VAL C 397 24.98 -13.56 13.08
C VAL C 397 26.27 -14.33 12.79
N SER D 5 27.29 28.95 -22.10
CA SER D 5 27.62 28.34 -20.79
C SER D 5 26.32 27.84 -20.14
N TRP D 6 25.50 28.77 -19.67
CA TRP D 6 24.22 28.42 -19.03
C TRP D 6 23.34 27.58 -19.95
N SER D 7 23.18 28.03 -21.19
CA SER D 7 22.36 27.36 -22.19
C SER D 7 22.84 25.93 -22.48
N GLU D 8 24.14 25.71 -22.32
CA GLU D 8 24.73 24.40 -22.56
C GLU D 8 24.36 23.42 -21.45
N ALA D 9 24.05 23.96 -20.27
CA ALA D 9 23.68 23.14 -19.11
C ALA D 9 22.21 22.78 -19.10
N PHE D 10 21.34 23.75 -19.39
CA PHE D 10 19.91 23.53 -19.41
C PHE D 10 19.53 22.31 -20.23
N GLY D 11 18.61 21.50 -19.68
CA GLY D 11 18.17 20.31 -20.39
C GLY D 11 17.09 20.72 -21.35
N LYS D 12 16.45 19.74 -21.99
CA LYS D 12 15.39 20.04 -22.94
C LYS D 12 14.17 20.69 -22.32
N GLY D 13 13.92 20.39 -21.05
CA GLY D 13 12.78 20.96 -20.37
C GLY D 13 12.93 22.47 -20.32
N ALA D 14 14.18 22.94 -20.29
CA ALA D 14 14.44 24.37 -20.24
C ALA D 14 13.82 25.05 -21.45
N GLY D 15 13.99 24.45 -22.62
CA GLY D 15 13.43 25.01 -23.84
C GLY D 15 11.94 24.78 -24.07
N ARG D 16 11.27 24.15 -23.11
CA ARG D 16 9.84 23.89 -23.26
C ARG D 16 8.99 24.72 -22.28
N ILE D 17 9.50 24.92 -21.07
CA ILE D 17 8.74 25.70 -20.09
C ILE D 17 8.50 27.10 -20.63
N GLN D 18 9.42 27.56 -21.49
CA GLN D 18 9.30 28.87 -22.12
C GLN D 18 8.98 30.04 -21.17
N ALA D 19 8.90 31.23 -21.75
CA ALA D 19 8.63 32.45 -20.98
C ALA D 19 7.18 32.50 -20.50
N SER D 20 6.74 33.68 -20.07
CA SER D 20 5.37 33.85 -19.60
C SER D 20 4.98 35.33 -19.44
N THR D 21 3.86 35.70 -20.06
CA THR D 21 3.34 37.08 -20.00
C THR D 21 2.25 37.13 -18.92
N ILE D 22 2.61 36.67 -17.73
CA ILE D 22 1.69 36.64 -16.60
C ILE D 22 1.62 37.96 -15.83
N ARG D 23 2.74 38.67 -15.79
CA ARG D 23 2.78 39.96 -15.10
C ARG D 23 3.03 41.09 -16.11
N GLU D 24 3.17 40.72 -17.38
CA GLU D 24 3.40 41.70 -18.44
C GLU D 24 2.06 42.37 -18.76
N LEU D 25 0.98 41.65 -18.48
CA LEU D 25 -0.38 42.14 -18.71
C LEU D 25 -0.86 42.98 -17.53
N LEU D 26 -0.03 43.02 -16.49
CA LEU D 26 -0.35 43.78 -15.28
C LEU D 26 0.57 44.98 -15.18
N LYS D 27 1.64 44.95 -15.96
CA LYS D 27 2.63 46.03 -15.97
C LYS D 27 2.05 47.29 -16.61
N LEU D 28 1.49 47.11 -17.79
CA LEU D 28 0.87 48.20 -18.53
C LEU D 28 -0.65 48.10 -18.41
N THR D 29 -1.11 47.47 -17.34
CA THR D 29 -2.54 47.31 -17.12
C THR D 29 -2.93 47.21 -15.65
N GLN D 30 -2.90 48.37 -14.96
CA GLN D 30 -3.26 48.48 -13.54
C GLN D 30 -2.53 49.70 -12.95
N ARG D 31 -2.06 50.56 -13.84
CA ARG D 31 -1.31 51.75 -13.48
C ARG D 31 -2.07 53.03 -13.15
N PRO D 32 -3.30 53.18 -13.65
CA PRO D 32 -4.04 54.41 -13.36
C PRO D 32 -5.55 54.28 -13.50
N GLY D 33 -6.12 55.18 -14.28
CA GLY D 33 -7.56 55.15 -14.51
C GLY D 33 -7.87 54.09 -15.55
N ILE D 34 -7.22 52.93 -15.40
CA ILE D 34 -7.41 51.83 -16.32
C ILE D 34 -8.30 50.76 -15.69
N LEU D 35 -9.22 50.25 -16.49
CA LEU D 35 -10.13 49.19 -16.06
C LEU D 35 -9.69 47.92 -16.78
N SER D 36 -9.30 46.91 -16.03
CA SER D 36 -8.83 45.67 -16.63
C SER D 36 -9.79 44.49 -16.63
N PHE D 37 -9.92 43.87 -17.80
CA PHE D 37 -10.79 42.69 -17.97
C PHE D 37 -9.87 41.49 -18.15
N ALA D 38 -8.57 41.75 -18.08
CA ALA D 38 -7.55 40.73 -18.21
C ALA D 38 -7.36 40.08 -16.86
N GLY D 39 -6.86 38.86 -16.85
CA GLY D 39 -6.64 38.19 -15.58
C GLY D 39 -7.72 37.19 -15.24
N GLY D 40 -7.40 36.28 -14.32
CA GLY D 40 -8.34 35.27 -13.88
C GLY D 40 -8.40 35.20 -12.38
N LEU D 41 -8.45 36.35 -11.73
CA LEU D 41 -8.52 36.42 -10.27
C LEU D 41 -9.96 36.28 -9.79
N PRO D 42 -10.20 35.43 -8.78
CA PRO D 42 -11.58 35.30 -8.30
C PRO D 42 -11.98 36.62 -7.66
N ALA D 43 -13.27 36.77 -7.37
CA ALA D 43 -13.77 37.98 -6.73
C ALA D 43 -13.24 38.04 -5.30
N PRO D 44 -12.48 39.08 -4.95
CA PRO D 44 -11.91 39.24 -3.60
C PRO D 44 -12.94 39.33 -2.47
N GLU D 45 -14.13 39.81 -2.79
CA GLU D 45 -15.19 39.94 -1.79
C GLU D 45 -15.60 38.61 -1.18
N LEU D 46 -15.68 37.56 -1.98
CA LEU D 46 -16.06 36.25 -1.47
C LEU D 46 -15.11 35.71 -0.40
N PHE D 47 -13.82 36.06 -0.49
CA PHE D 47 -12.83 35.61 0.47
C PHE D 47 -13.28 35.78 1.92
N PRO D 48 -13.52 34.67 2.62
CA PRO D 48 -13.95 34.78 4.01
C PRO D 48 -12.84 35.50 4.75
N LYS D 49 -13.12 36.13 5.88
CA LYS D 49 -12.04 36.80 6.57
C LYS D 49 -12.03 36.55 8.07
N GLU D 50 -12.93 37.20 8.79
CA GLU D 50 -12.97 37.00 10.23
C GLU D 50 -13.03 35.49 10.47
N GLU D 51 -13.72 34.77 9.60
CA GLU D 51 -13.84 33.32 9.72
C GLU D 51 -12.48 32.64 9.59
N ALA D 52 -11.72 33.08 8.59
CA ALA D 52 -10.39 32.54 8.30
C ALA D 52 -9.37 32.91 9.37
N ALA D 53 -9.25 34.20 9.66
CA ALA D 53 -8.29 34.66 10.66
C ALA D 53 -8.55 33.97 12.00
N GLU D 54 -9.82 33.76 12.32
CA GLU D 54 -10.18 33.12 13.56
C GLU D 54 -9.76 31.66 13.51
N ALA D 55 -10.18 30.95 12.48
CA ALA D 55 -9.86 29.53 12.34
C ALA D 55 -8.35 29.27 12.30
N ALA D 56 -7.61 30.13 11.63
CA ALA D 56 -6.16 29.94 11.53
C ALA D 56 -5.54 30.02 12.91
N ALA D 57 -5.96 30.99 13.71
CA ALA D 57 -5.41 31.14 15.05
C ALA D 57 -5.77 29.95 15.94
N ARG D 58 -6.95 29.37 15.72
CA ARG D 58 -7.39 28.24 16.50
C ARG D 58 -6.68 26.96 16.07
N ILE D 59 -6.31 26.89 14.79
CA ILE D 59 -5.60 25.71 14.27
C ILE D 59 -4.16 25.73 14.76
N LEU D 60 -3.54 26.91 14.67
CA LEU D 60 -2.17 27.10 15.09
C LEU D 60 -2.02 26.96 16.60
N ARG D 61 -2.97 27.52 17.33
CA ARG D 61 -2.96 27.49 18.79
C ARG D 61 -3.40 26.17 19.44
N GLU D 62 -4.22 25.39 18.74
CA GLU D 62 -4.68 24.12 19.28
C GLU D 62 -3.85 22.96 18.78
N LYS D 63 -3.73 22.86 17.47
CA LYS D 63 -2.95 21.79 16.84
C LYS D 63 -1.78 22.32 16.02
N GLY D 64 -1.08 23.31 16.56
CA GLY D 64 0.05 23.91 15.86
C GLY D 64 1.24 23.00 15.69
N GLU D 65 1.39 22.03 16.59
CA GLU D 65 2.51 21.10 16.52
C GLU D 65 2.36 20.11 15.36
N VAL D 66 1.11 19.89 14.94
CA VAL D 66 0.86 18.97 13.83
C VAL D 66 0.73 19.78 12.54
N ALA D 67 0.29 21.03 12.69
CA ALA D 67 0.13 21.94 11.56
C ALA D 67 1.48 22.46 11.08
N LEU D 68 2.45 22.56 11.98
CA LEU D 68 3.77 23.07 11.63
C LEU D 68 4.82 21.99 11.37
N GLN D 69 4.44 20.73 11.50
CA GLN D 69 5.34 19.59 11.27
C GLN D 69 5.18 19.04 9.87
N TYR D 70 6.06 18.11 9.52
CA TYR D 70 6.00 17.45 8.23
C TYR D 70 4.71 16.65 8.29
N SER D 71 3.94 16.67 7.21
CA SER D 71 2.67 15.95 7.18
C SER D 71 2.59 14.96 6.05
N PRO D 72 1.77 13.91 6.22
CA PRO D 72 1.61 12.88 5.19
C PRO D 72 1.33 13.49 3.81
N THR D 73 1.95 12.91 2.78
CA THR D 73 1.79 13.39 1.40
C THR D 73 0.34 13.46 0.96
N GLU D 74 -0.35 12.33 1.05
CA GLU D 74 -1.75 12.22 0.66
C GLU D 74 -2.64 13.35 1.18
N GLY D 75 -2.23 13.96 2.29
CA GLY D 75 -2.98 15.07 2.84
C GLY D 75 -3.74 14.82 4.13
N TYR D 76 -4.22 15.92 4.70
CA TYR D 76 -5.00 15.94 5.94
C TYR D 76 -6.15 14.93 5.82
N ALA D 77 -6.15 13.92 6.68
CA ALA D 77 -7.18 12.88 6.65
C ALA D 77 -8.62 13.39 6.73
N PRO D 78 -8.89 14.31 7.67
CA PRO D 78 -10.25 14.85 7.81
C PRO D 78 -10.70 15.59 6.56
N LEU D 79 -9.75 16.14 5.80
CA LEU D 79 -10.10 16.84 4.58
C LEU D 79 -10.33 15.82 3.46
N ARG D 80 -9.41 14.86 3.32
CA ARG D 80 -9.56 13.84 2.29
C ARG D 80 -10.95 13.24 2.45
N ALA D 81 -11.37 13.03 3.69
CA ALA D 81 -12.68 12.48 3.98
C ALA D 81 -13.77 13.46 3.53
N PHE D 82 -13.59 14.74 3.83
CA PHE D 82 -14.57 15.75 3.45
C PHE D 82 -14.74 15.84 1.93
N VAL D 83 -13.63 15.78 1.19
CA VAL D 83 -13.68 15.83 -0.27
C VAL D 83 -14.32 14.54 -0.78
N ALA D 84 -14.03 13.43 -0.10
CA ALA D 84 -14.59 12.14 -0.47
C ALA D 84 -16.10 12.17 -0.38
N GLU D 85 -16.58 12.77 0.71
CA GLU D 85 -18.00 12.87 0.97
C GLU D 85 -18.67 13.76 -0.06
N TRP D 86 -18.13 14.95 -0.25
CA TRP D 86 -18.67 15.93 -1.21
C TRP D 86 -18.75 15.40 -2.64
N ILE D 87 -17.66 14.84 -3.13
CA ILE D 87 -17.61 14.30 -4.48
C ILE D 87 -18.30 12.93 -4.56
N GLY D 88 -18.42 12.26 -3.42
CA GLY D 88 -19.06 10.97 -3.37
C GLY D 88 -18.14 9.83 -3.71
N VAL D 89 -17.03 9.72 -2.98
CA VAL D 89 -16.06 8.65 -3.21
C VAL D 89 -15.50 8.13 -1.90
N ARG D 90 -14.41 7.40 -2.00
CA ARG D 90 -13.75 6.79 -0.85
C ARG D 90 -12.48 7.58 -0.55
N PRO D 91 -12.31 8.04 0.70
CA PRO D 91 -11.14 8.82 1.15
C PRO D 91 -9.77 8.35 0.68
N GLU D 92 -9.59 7.05 0.49
CA GLU D 92 -8.29 6.53 0.03
C GLU D 92 -8.14 6.85 -1.45
N GLU D 93 -9.26 7.25 -2.06
CA GLU D 93 -9.29 7.59 -3.48
C GLU D 93 -9.10 9.08 -3.73
N VAL D 94 -8.68 9.81 -2.69
CA VAL D 94 -8.49 11.25 -2.80
C VAL D 94 -7.08 11.70 -2.44
N LEU D 95 -6.45 12.43 -3.35
CA LEU D 95 -5.12 12.97 -3.11
C LEU D 95 -5.24 14.49 -3.09
N ILE D 96 -4.81 15.10 -2.00
CA ILE D 96 -4.87 16.55 -1.88
C ILE D 96 -3.62 17.21 -2.44
N THR D 97 -3.82 18.08 -3.43
CA THR D 97 -2.70 18.76 -4.10
C THR D 97 -2.65 20.28 -3.85
N THR D 98 -1.45 20.82 -4.05
CA THR D 98 -1.20 22.24 -3.89
C THR D 98 -1.81 22.97 -5.08
N GLY D 99 -3.13 22.95 -5.17
CA GLY D 99 -3.79 23.60 -6.28
C GLY D 99 -3.92 22.61 -7.40
N SER D 100 -4.89 22.80 -8.29
CA SER D 100 -5.08 21.90 -9.41
C SER D 100 -3.89 21.99 -10.36
N GLN D 101 -3.18 23.11 -10.30
CA GLN D 101 -2.03 23.33 -11.15
C GLN D 101 -1.06 22.19 -10.97
N GLN D 102 -0.81 21.83 -9.71
CA GLN D 102 0.10 20.74 -9.40
C GLN D 102 -0.45 19.39 -9.81
N ALA D 103 -1.78 19.27 -9.85
CA ALA D 103 -2.41 18.02 -10.22
C ALA D 103 -2.12 17.80 -11.69
N LEU D 104 -2.10 18.90 -12.45
CA LEU D 104 -1.86 18.86 -13.88
C LEU D 104 -0.42 18.55 -14.18
N ASP D 105 0.45 18.95 -13.26
CA ASP D 105 1.89 18.72 -13.40
C ASP D 105 2.24 17.27 -13.09
N LEU D 106 1.54 16.69 -12.13
CA LEU D 106 1.75 15.31 -11.72
C LEU D 106 1.30 14.44 -12.88
N VAL D 107 0.04 14.61 -13.23
CA VAL D 107 -0.57 13.88 -14.35
C VAL D 107 0.29 13.98 -15.61
N GLY D 108 1.11 15.03 -15.69
CA GLY D 108 1.95 15.20 -16.86
C GLY D 108 3.21 14.36 -16.80
N LYS D 109 3.68 14.10 -15.58
CA LYS D 109 4.88 13.31 -15.38
C LYS D 109 4.53 11.82 -15.50
N VAL D 110 3.44 11.44 -14.86
CA VAL D 110 3.02 10.05 -14.88
C VAL D 110 2.51 9.52 -16.22
N PHE D 111 1.90 10.37 -17.04
CA PHE D 111 1.34 9.92 -18.33
C PHE D 111 2.02 10.35 -19.62
N LEU D 112 2.85 11.39 -19.58
CA LEU D 112 3.49 11.87 -20.81
C LEU D 112 4.97 11.58 -20.99
N ASP D 113 5.38 11.55 -22.24
CA ASP D 113 6.77 11.33 -22.64
C ASP D 113 7.06 12.24 -23.82
N GLU D 114 8.35 12.42 -24.14
CA GLU D 114 8.73 13.25 -25.26
C GLU D 114 8.19 12.65 -26.56
N GLY D 115 7.18 13.29 -27.13
CA GLY D 115 6.60 12.78 -28.36
C GLY D 115 5.21 12.24 -28.14
N SER D 116 4.88 11.97 -26.88
CA SER D 116 3.56 11.45 -26.52
C SER D 116 2.47 12.37 -27.03
N PRO D 117 1.33 11.80 -27.43
CA PRO D 117 0.22 12.62 -27.92
C PRO D 117 -0.75 12.94 -26.77
N VAL D 118 -1.13 14.20 -26.66
CA VAL D 118 -2.07 14.60 -25.62
C VAL D 118 -3.24 15.21 -26.36
N LEU D 119 -4.43 15.10 -25.80
CA LEU D 119 -5.58 15.66 -26.46
C LEU D 119 -6.32 16.66 -25.60
N LEU D 120 -6.36 17.90 -26.07
CA LEU D 120 -7.08 18.95 -25.35
C LEU D 120 -7.63 19.93 -26.37
N GLU D 121 -8.59 20.73 -25.94
CA GLU D 121 -9.20 21.69 -26.85
C GLU D 121 -8.25 22.83 -27.23
N ALA D 122 -8.70 23.58 -28.22
CA ALA D 122 -8.01 24.74 -28.76
C ALA D 122 -9.17 25.69 -28.99
N PRO D 123 -9.28 26.74 -28.17
CA PRO D 123 -8.37 27.07 -27.07
C PRO D 123 -8.62 26.29 -25.78
N SER D 124 -7.68 26.40 -24.84
CA SER D 124 -7.84 25.75 -23.57
C SER D 124 -7.07 26.48 -22.45
N TYR D 125 -7.04 25.88 -21.27
CA TYR D 125 -6.40 26.44 -20.10
C TYR D 125 -4.88 26.54 -20.19
N MET D 126 -4.36 27.78 -20.18
CA MET D 126 -2.94 28.05 -20.22
C MET D 126 -2.15 27.18 -19.24
N GLY D 127 -2.70 26.97 -18.05
CA GLY D 127 -2.02 26.18 -17.04
C GLY D 127 -1.81 24.73 -17.43
N ALA D 128 -2.81 24.13 -18.05
CA ALA D 128 -2.72 22.74 -18.50
C ALA D 128 -1.66 22.65 -19.59
N ILE D 129 -1.76 23.52 -20.56
CA ILE D 129 -0.81 23.57 -21.66
C ILE D 129 0.60 23.66 -21.10
N GLN D 130 0.88 24.78 -20.44
CA GLN D 130 2.16 25.04 -19.81
C GLN D 130 2.70 23.83 -19.02
N ALA D 131 1.84 23.13 -18.31
CA ALA D 131 2.28 21.97 -17.52
C ALA D 131 2.56 20.72 -18.35
N PHE D 132 1.76 20.48 -19.38
CA PHE D 132 1.95 19.31 -20.25
C PHE D 132 3.14 19.51 -21.19
N ARG D 133 3.36 20.76 -21.61
CA ARG D 133 4.46 21.07 -22.51
C ARG D 133 5.87 20.84 -21.93
N LEU D 134 5.96 20.71 -20.62
CA LEU D 134 7.25 20.49 -20.00
C LEU D 134 7.72 19.08 -20.29
N GLN D 135 6.84 18.28 -20.86
CA GLN D 135 7.14 16.90 -21.19
C GLN D 135 7.41 16.70 -22.68
N GLY D 136 7.22 17.77 -23.45
CA GLY D 136 7.44 17.72 -24.88
C GLY D 136 6.53 16.77 -25.64
N PRO D 137 5.22 16.75 -25.33
CA PRO D 137 4.34 15.85 -26.05
C PRO D 137 3.92 16.49 -27.34
N ARG D 138 3.04 15.81 -28.08
CA ARG D 138 2.50 16.32 -29.33
C ARG D 138 1.04 16.64 -29.00
N PHE D 139 0.66 17.90 -29.14
CA PHE D 139 -0.70 18.32 -28.83
C PHE D 139 -1.67 18.08 -29.96
N LEU D 140 -2.71 17.32 -29.68
CA LEU D 140 -3.78 17.00 -30.63
C LEU D 140 -4.96 17.85 -30.19
N THR D 141 -5.28 18.88 -30.95
CA THR D 141 -6.37 19.77 -30.59
C THR D 141 -7.66 19.55 -31.38
N VAL D 142 -8.76 20.00 -30.80
CA VAL D 142 -10.08 19.90 -31.42
C VAL D 142 -10.81 21.22 -31.11
N PRO D 143 -11.70 21.68 -32.01
CA PRO D 143 -12.44 22.93 -31.80
C PRO D 143 -13.28 22.97 -30.52
N ALA D 144 -13.36 24.13 -29.90
CA ALA D 144 -14.15 24.32 -28.68
C ALA D 144 -15.27 25.32 -28.92
N GLY D 145 -16.50 24.96 -28.59
CA GLY D 145 -17.62 25.86 -28.81
C GLY D 145 -18.46 26.08 -27.58
N GLU D 146 -19.63 26.67 -27.79
CA GLU D 146 -20.57 26.97 -26.70
C GLU D 146 -21.24 25.67 -26.25
N GLU D 147 -21.01 24.62 -27.02
CA GLU D 147 -21.54 23.28 -26.74
C GLU D 147 -20.44 22.44 -26.13
N GLY D 148 -19.22 22.96 -26.17
CA GLY D 148 -18.08 22.25 -25.62
C GLY D 148 -17.12 21.76 -26.68
N PRO D 149 -16.53 20.57 -26.50
CA PRO D 149 -15.60 20.02 -27.48
C PRO D 149 -16.34 19.56 -28.72
N ASP D 150 -15.72 19.70 -29.88
CA ASP D 150 -16.32 19.25 -31.14
C ASP D 150 -16.09 17.74 -31.14
N LEU D 151 -17.10 16.99 -30.71
CA LEU D 151 -16.99 15.54 -30.65
C LEU D 151 -16.82 14.87 -32.02
N ASP D 152 -17.49 15.39 -33.04
CA ASP D 152 -17.35 14.80 -34.38
C ASP D 152 -15.86 14.86 -34.73
N ALA D 153 -15.25 16.03 -34.51
CA ALA D 153 -13.84 16.23 -34.79
C ALA D 153 -13.01 15.35 -33.87
N LEU D 154 -13.34 15.37 -32.59
CA LEU D 154 -12.67 14.55 -31.60
C LEU D 154 -12.66 13.11 -32.08
N GLU D 155 -13.80 12.70 -32.66
CA GLU D 155 -14.00 11.36 -33.18
C GLU D 155 -13.04 10.95 -34.29
N GLU D 156 -12.73 11.88 -35.19
CA GLU D 156 -11.81 11.57 -36.27
C GLU D 156 -10.41 11.39 -35.71
N VAL D 157 -10.05 12.24 -34.77
CA VAL D 157 -8.74 12.19 -34.12
C VAL D 157 -8.51 10.81 -33.52
N LEU D 158 -9.39 10.41 -32.61
CA LEU D 158 -9.28 9.13 -31.94
C LEU D 158 -9.10 7.95 -32.88
N LYS D 159 -9.46 8.12 -34.14
CA LYS D 159 -9.32 7.05 -35.11
C LYS D 159 -7.87 6.82 -35.51
N ARG D 160 -7.16 7.91 -35.81
CA ARG D 160 -5.77 7.81 -36.27
C ARG D 160 -4.75 8.03 -35.17
N GLU D 161 -5.19 8.21 -33.93
CA GLU D 161 -4.26 8.47 -32.83
C GLU D 161 -4.80 8.03 -31.47
N ARG D 162 -3.90 7.68 -30.56
CA ARG D 162 -4.32 7.28 -29.23
C ARG D 162 -3.68 8.22 -28.21
N PRO D 163 -4.45 9.21 -27.75
CA PRO D 163 -3.94 10.17 -26.78
C PRO D 163 -3.51 9.48 -25.47
N ARG D 164 -2.44 9.98 -24.84
CA ARG D 164 -2.03 9.39 -23.58
C ARG D 164 -3.21 9.61 -22.63
N PHE D 165 -3.97 10.66 -22.92
CA PHE D 165 -5.16 11.02 -22.15
C PHE D 165 -5.85 12.25 -22.73
N LEU D 166 -7.11 12.45 -22.37
CA LEU D 166 -7.86 13.59 -22.86
C LEU D 166 -8.06 14.62 -21.75
N TYR D 167 -7.67 15.88 -21.98
CA TYR D 167 -7.85 16.93 -20.99
C TYR D 167 -9.09 17.74 -21.29
N LEU D 168 -10.03 17.79 -20.35
CA LEU D 168 -11.25 18.54 -20.57
C LEU D 168 -11.77 19.35 -19.38
N ILE D 169 -12.51 20.42 -19.70
CA ILE D 169 -13.14 21.27 -18.69
C ILE D 169 -14.62 21.27 -19.10
N PRO D 170 -15.31 20.14 -18.89
CA PRO D 170 -16.73 20.01 -19.24
C PRO D 170 -17.62 21.18 -18.83
N SER D 171 -17.33 21.78 -17.69
CA SER D 171 -18.16 22.88 -17.21
C SER D 171 -17.51 24.25 -17.13
N PHE D 172 -17.91 25.12 -18.05
CA PHE D 172 -17.43 26.49 -18.10
C PHE D 172 -15.91 26.54 -18.30
N GLN D 173 -15.46 25.91 -19.38
CA GLN D 173 -14.04 25.85 -19.68
C GLN D 173 -13.38 27.19 -19.80
N ASN D 174 -12.09 27.20 -19.47
CA ASN D 174 -11.25 28.38 -19.54
C ASN D 174 -10.53 28.23 -20.87
N PRO D 175 -10.58 29.25 -21.74
CA PRO D 175 -11.23 30.56 -21.62
C PRO D 175 -12.66 30.69 -22.17
N THR D 176 -12.98 29.97 -23.24
CA THR D 176 -14.30 30.05 -23.88
C THR D 176 -15.52 30.13 -22.96
N GLY D 177 -15.54 29.32 -21.91
CA GLY D 177 -16.67 29.33 -21.01
C GLY D 177 -17.78 28.40 -21.45
N GLY D 178 -17.52 27.58 -22.46
CA GLY D 178 -18.53 26.65 -22.92
C GLY D 178 -18.94 25.60 -21.91
N LEU D 179 -20.15 25.09 -22.03
CA LEU D 179 -20.66 24.06 -21.12
C LEU D 179 -21.00 22.81 -21.93
N THR D 180 -20.28 21.71 -21.70
CA THR D 180 -20.58 20.49 -22.41
C THR D 180 -21.84 19.88 -21.78
N PRO D 181 -22.94 19.80 -22.57
CA PRO D 181 -24.24 19.27 -22.18
C PRO D 181 -24.26 17.77 -21.91
N LEU D 182 -25.12 17.37 -20.99
CA LEU D 182 -25.26 15.98 -20.56
C LEU D 182 -25.19 14.94 -21.68
N PRO D 183 -25.84 15.19 -22.83
CA PRO D 183 -25.79 14.20 -23.91
C PRO D 183 -24.38 14.05 -24.51
N ALA D 184 -23.68 15.17 -24.65
CA ALA D 184 -22.32 15.17 -25.21
C ALA D 184 -21.32 14.56 -24.23
N ARG D 185 -21.66 14.58 -22.94
CA ARG D 185 -20.78 14.00 -21.92
C ARG D 185 -20.86 12.49 -22.07
N LYS D 186 -22.10 11.99 -22.14
CA LYS D 186 -22.36 10.57 -22.29
C LYS D 186 -21.72 10.05 -23.57
N ARG D 187 -21.88 10.81 -24.65
CA ARG D 187 -21.33 10.45 -25.94
C ARG D 187 -19.81 10.48 -25.84
N LEU D 188 -19.31 11.42 -25.05
CA LEU D 188 -17.87 11.58 -24.85
C LEU D 188 -17.34 10.44 -23.98
N LEU D 189 -18.22 9.86 -23.19
CA LEU D 189 -17.83 8.76 -22.32
C LEU D 189 -17.72 7.45 -23.09
N GLN D 190 -18.63 7.23 -24.04
CA GLN D 190 -18.62 6.00 -24.82
C GLN D 190 -17.37 5.91 -25.67
N MET D 191 -16.99 7.04 -26.28
CA MET D 191 -15.81 7.10 -27.13
C MET D 191 -14.54 6.74 -26.36
N VAL D 192 -14.46 7.17 -25.11
CA VAL D 192 -13.30 6.91 -24.29
C VAL D 192 -13.34 5.50 -23.72
N MET D 193 -14.52 5.07 -23.29
CA MET D 193 -14.66 3.73 -22.75
C MET D 193 -14.38 2.71 -23.85
N GLU D 194 -14.93 2.96 -25.03
CA GLU D 194 -14.77 2.06 -26.16
C GLU D 194 -13.32 1.84 -26.54
N ARG D 195 -12.47 2.84 -26.35
CA ARG D 195 -11.06 2.73 -26.69
C ARG D 195 -10.20 2.59 -25.45
N GLY D 196 -10.85 2.60 -24.29
CA GLY D 196 -10.13 2.48 -23.03
C GLY D 196 -9.16 3.61 -22.73
N LEU D 197 -9.47 4.81 -23.21
CA LEU D 197 -8.59 5.97 -23.02
C LEU D 197 -8.71 6.63 -21.65
N VAL D 198 -7.66 7.33 -21.24
CA VAL D 198 -7.65 8.01 -19.95
C VAL D 198 -8.14 9.44 -20.11
N VAL D 199 -8.96 9.90 -19.16
CA VAL D 199 -9.49 11.26 -19.22
C VAL D 199 -9.18 12.04 -17.97
N VAL D 200 -8.67 13.26 -18.14
CA VAL D 200 -8.37 14.11 -17.01
C VAL D 200 -9.43 15.22 -17.01
N GLU D 201 -10.38 15.14 -16.08
CA GLU D 201 -11.44 16.13 -15.99
C GLU D 201 -11.14 17.23 -14.98
N ASP D 202 -10.95 18.44 -15.49
CA ASP D 202 -10.65 19.63 -14.67
C ASP D 202 -11.97 20.31 -14.31
N ASP D 203 -12.42 20.15 -13.07
CA ASP D 203 -13.70 20.72 -12.63
C ASP D 203 -13.58 21.93 -11.69
N ALA D 204 -12.66 22.83 -12.00
CA ALA D 204 -12.44 24.02 -11.18
C ALA D 204 -13.69 24.87 -11.00
N TYR D 205 -14.57 24.88 -12.01
CA TYR D 205 -15.79 25.68 -11.95
C TYR D 205 -17.05 24.84 -11.70
N ARG D 206 -16.87 23.73 -11.00
CA ARG D 206 -17.95 22.81 -10.66
C ARG D 206 -19.16 23.54 -10.09
N GLU D 207 -18.94 24.24 -8.98
CA GLU D 207 -20.01 24.95 -8.28
C GLU D 207 -20.33 26.33 -8.80
N LEU D 208 -19.83 26.70 -9.98
CA LEU D 208 -20.11 28.03 -10.49
C LEU D 208 -21.11 28.09 -11.62
N TYR D 209 -22.18 27.31 -11.51
CA TYR D 209 -23.22 27.28 -12.52
C TYR D 209 -24.26 28.35 -12.21
N PHE D 210 -24.72 29.04 -13.24
CA PHE D 210 -25.72 30.09 -13.09
C PHE D 210 -27.13 29.52 -13.08
N GLY D 211 -27.28 28.31 -13.62
CA GLY D 211 -28.59 27.68 -13.68
C GLY D 211 -29.08 27.07 -12.37
N GLU D 212 -30.06 26.16 -12.50
CA GLU D 212 -30.67 25.47 -11.36
C GLU D 212 -29.84 24.37 -10.70
N ALA D 213 -29.11 23.62 -11.52
CA ALA D 213 -28.30 22.53 -11.00
C ALA D 213 -27.06 22.32 -11.85
N ARG D 214 -26.08 21.61 -11.31
CA ARG D 214 -24.88 21.33 -12.07
C ARG D 214 -25.06 20.00 -12.78
N LEU D 215 -24.62 19.93 -14.03
CA LEU D 215 -24.73 18.71 -14.82
C LEU D 215 -23.86 17.62 -14.23
N PRO D 216 -24.23 16.35 -14.48
CA PRO D 216 -23.43 15.24 -13.94
C PRO D 216 -22.02 15.36 -14.53
N SER D 217 -21.02 15.05 -13.71
CA SER D 217 -19.63 15.14 -14.15
C SER D 217 -19.19 13.92 -14.94
N LEU D 218 -18.23 14.13 -15.84
CA LEU D 218 -17.67 13.08 -16.67
C LEU D 218 -17.26 11.91 -15.77
N PHE D 219 -16.69 12.25 -14.61
CA PHE D 219 -16.27 11.26 -13.63
C PHE D 219 -17.49 10.45 -13.19
N GLU D 220 -18.47 11.15 -12.61
CA GLU D 220 -19.69 10.51 -12.15
C GLU D 220 -20.33 9.60 -13.21
N LEU D 221 -20.40 10.06 -14.46
CA LEU D 221 -20.98 9.22 -15.51
C LEU D 221 -20.15 7.96 -15.70
N ALA D 222 -18.84 8.08 -15.51
CA ALA D 222 -17.93 6.96 -15.66
C ALA D 222 -17.99 6.02 -14.46
N ARG D 223 -18.01 6.60 -13.27
CA ARG D 223 -18.07 5.81 -12.05
C ARG D 223 -19.30 4.91 -11.99
N GLU D 224 -20.48 5.47 -12.24
CA GLU D 224 -21.72 4.70 -12.21
C GLU D 224 -21.81 3.79 -13.43
N ALA D 225 -20.82 3.90 -14.32
CA ALA D 225 -20.79 3.08 -15.52
C ALA D 225 -19.77 1.96 -15.32
N GLY D 226 -18.98 2.09 -14.26
CA GLY D 226 -17.99 1.09 -13.93
C GLY D 226 -16.67 1.27 -14.65
N TYR D 227 -16.35 2.52 -15.03
CA TYR D 227 -15.10 2.82 -15.74
C TYR D 227 -14.12 3.52 -14.80
N PRO D 228 -12.85 3.07 -14.76
CA PRO D 228 -11.88 3.72 -13.87
C PRO D 228 -10.95 4.72 -14.54
N GLY D 229 -11.13 4.94 -15.84
CA GLY D 229 -10.27 5.84 -16.58
C GLY D 229 -10.38 7.35 -16.46
N VAL D 230 -11.12 7.84 -15.46
CA VAL D 230 -11.25 9.30 -15.32
C VAL D 230 -10.55 9.88 -14.09
N ILE D 231 -9.51 10.67 -14.30
CA ILE D 231 -8.82 11.31 -13.18
C ILE D 231 -9.62 12.60 -13.00
N TYR D 232 -10.22 12.79 -11.83
CA TYR D 232 -11.02 13.97 -11.55
C TYR D 232 -10.27 15.00 -10.70
N LEU D 233 -10.18 16.23 -11.21
CA LEU D 233 -9.47 17.30 -10.50
C LEU D 233 -10.41 18.40 -10.01
N GLY D 234 -10.36 18.66 -8.70
CA GLY D 234 -11.20 19.70 -8.13
C GLY D 234 -10.34 20.74 -7.44
N SER D 235 -10.93 21.90 -7.14
CA SER D 235 -10.17 22.94 -6.48
C SER D 235 -10.99 23.87 -5.60
N PHE D 236 -10.33 24.44 -4.60
CA PHE D 236 -10.97 25.36 -3.68
C PHE D 236 -10.59 26.79 -4.06
N SER D 237 -9.98 26.94 -5.24
CA SER D 237 -9.55 28.24 -5.73
C SER D 237 -10.67 29.13 -6.24
N LYS D 238 -11.76 28.53 -6.67
CA LYS D 238 -12.88 29.31 -7.20
C LYS D 238 -14.05 29.44 -6.23
N VAL D 239 -14.04 28.65 -5.17
CA VAL D 239 -15.13 28.66 -4.20
C VAL D 239 -14.76 29.15 -2.80
N LEU D 240 -13.47 29.32 -2.52
CA LEU D 240 -13.03 29.78 -1.21
C LEU D 240 -11.91 30.81 -1.39
N SER D 241 -10.70 30.32 -1.65
CA SER D 241 -9.54 31.18 -1.84
C SER D 241 -8.54 30.55 -2.81
N PRO D 242 -8.14 31.29 -3.86
CA PRO D 242 -7.19 30.73 -4.81
C PRO D 242 -5.75 30.71 -4.28
N GLY D 243 -5.44 31.67 -3.42
CA GLY D 243 -4.11 31.78 -2.85
C GLY D 243 -3.68 30.82 -1.75
N LEU D 244 -4.59 29.96 -1.28
CA LEU D 244 -4.24 28.98 -0.25
C LEU D 244 -3.53 27.84 -0.94
N ARG D 245 -3.85 27.65 -2.22
CA ARG D 245 -3.26 26.60 -3.02
C ARG D 245 -3.68 25.25 -2.44
N VAL D 246 -4.97 24.95 -2.53
CA VAL D 246 -5.47 23.68 -2.01
C VAL D 246 -6.52 23.07 -2.91
N ALA D 247 -6.14 22.04 -3.66
CA ALA D 247 -7.06 21.37 -4.55
C ALA D 247 -7.06 19.89 -4.20
N PHE D 248 -7.39 19.04 -5.16
CA PHE D 248 -7.41 17.60 -4.96
C PHE D 248 -7.64 16.82 -6.25
N ALA D 249 -7.21 15.57 -6.27
CA ALA D 249 -7.39 14.71 -7.44
C ALA D 249 -8.00 13.41 -6.94
N VAL D 250 -8.84 12.78 -7.77
CA VAL D 250 -9.48 11.52 -7.42
C VAL D 250 -9.21 10.54 -8.55
N ALA D 251 -8.75 9.35 -8.23
CA ALA D 251 -8.46 8.38 -9.29
C ALA D 251 -8.42 6.96 -8.77
N HIS D 252 -8.58 6.00 -9.67
CA HIS D 252 -8.51 4.59 -9.27
C HIS D 252 -7.20 4.45 -8.51
N PRO D 253 -7.20 3.69 -7.41
CA PRO D 253 -6.04 3.45 -6.56
C PRO D 253 -4.70 3.22 -7.25
N GLU D 254 -4.71 2.63 -8.44
CA GLU D 254 -3.44 2.37 -9.12
C GLU D 254 -2.84 3.64 -9.70
N ALA D 255 -3.68 4.55 -10.14
CA ALA D 255 -3.22 5.81 -10.71
C ALA D 255 -2.93 6.83 -9.63
N LEU D 256 -3.72 6.82 -8.55
CA LEU D 256 -3.49 7.76 -7.46
C LEU D 256 -2.14 7.48 -6.83
N GLN D 257 -1.80 6.20 -6.70
CA GLN D 257 -0.52 5.83 -6.13
C GLN D 257 0.59 6.61 -6.82
N LYS D 258 0.68 6.44 -8.14
CA LYS D 258 1.71 7.10 -8.94
C LYS D 258 1.64 8.62 -8.78
N LEU D 259 0.43 9.15 -8.66
CA LEU D 259 0.25 10.59 -8.48
C LEU D 259 0.74 10.96 -7.09
N VAL D 260 0.44 10.11 -6.11
CA VAL D 260 0.86 10.35 -4.74
C VAL D 260 2.39 10.36 -4.71
N GLN D 261 2.97 9.38 -5.37
CA GLN D 261 4.42 9.24 -5.42
C GLN D 261 5.10 10.43 -6.08
N ALA D 262 4.54 10.89 -7.20
CA ALA D 262 5.10 12.03 -7.91
C ALA D 262 4.99 13.27 -7.02
N LYS D 263 3.92 13.33 -6.24
CA LYS D 263 3.67 14.46 -5.36
C LYS D 263 4.73 14.49 -4.27
N GLN D 264 5.06 13.33 -3.71
CA GLN D 264 6.06 13.22 -2.67
C GLN D 264 7.35 13.90 -3.08
N GLY D 265 7.77 13.68 -4.32
CA GLY D 265 9.00 14.29 -4.80
C GLY D 265 8.83 15.67 -5.39
N ALA D 266 7.60 16.17 -5.42
CA ALA D 266 7.33 17.49 -5.99
C ALA D 266 7.44 18.58 -4.93
N ASP D 267 6.86 18.35 -3.75
CA ASP D 267 6.95 19.30 -2.65
C ASP D 267 6.70 18.62 -1.31
N LEU D 268 6.84 17.30 -1.31
CA LEU D 268 6.66 16.45 -0.12
C LEU D 268 5.21 16.30 0.28
N HIS D 269 4.59 17.41 0.63
CA HIS D 269 3.18 17.39 1.02
C HIS D 269 2.65 18.82 0.91
N THR D 270 1.34 18.93 0.73
CA THR D 270 0.70 20.23 0.64
C THR D 270 0.69 20.84 2.04
N PRO D 271 1.07 22.14 2.17
CA PRO D 271 1.09 22.81 3.47
C PRO D 271 -0.09 22.42 4.34
N MET D 272 0.23 21.73 5.44
CA MET D 272 -0.75 21.23 6.39
C MET D 272 -1.64 22.30 7.00
N LEU D 273 -1.08 23.49 7.21
CA LEU D 273 -1.83 24.60 7.76
C LEU D 273 -3.03 24.90 6.85
N ASN D 274 -2.74 25.14 5.59
CA ASN D 274 -3.78 25.48 4.63
C ASN D 274 -4.89 24.44 4.55
N GLN D 275 -4.52 23.16 4.42
CA GLN D 275 -5.52 22.10 4.34
C GLN D 275 -6.49 22.15 5.51
N MET D 276 -5.95 22.38 6.70
CA MET D 276 -6.78 22.42 7.90
C MET D 276 -7.70 23.63 7.93
N LEU D 277 -7.19 24.80 7.51
CA LEU D 277 -7.99 26.03 7.48
C LEU D 277 -9.15 25.87 6.52
N VAL D 278 -8.86 25.40 5.31
CA VAL D 278 -9.92 25.15 4.33
C VAL D 278 -10.93 24.22 4.98
N HIS D 279 -10.44 23.17 5.62
CA HIS D 279 -11.32 22.21 6.27
C HIS D 279 -12.24 22.88 7.29
N GLU D 280 -11.66 23.68 8.18
CA GLU D 280 -12.45 24.36 9.20
C GLU D 280 -13.51 25.32 8.64
N LEU D 281 -13.25 25.93 7.50
CA LEU D 281 -14.20 26.87 6.91
C LEU D 281 -15.27 26.21 6.03
N LEU D 282 -15.14 24.93 5.77
CA LEU D 282 -16.12 24.25 4.92
C LEU D 282 -16.89 23.15 5.62
N LYS D 283 -16.46 22.78 6.82
CA LYS D 283 -17.18 21.73 7.55
C LYS D 283 -18.61 22.18 7.77
N GLU D 284 -18.79 23.48 8.02
CA GLU D 284 -20.12 24.03 8.25
C GLU D 284 -20.40 25.25 7.37
N GLY D 285 -21.60 25.28 6.80
CA GLY D 285 -22.02 26.39 5.95
C GLY D 285 -21.46 26.42 4.54
N PHE D 286 -21.32 25.24 3.94
CA PHE D 286 -20.78 25.11 2.58
C PHE D 286 -21.79 25.45 1.48
N SER D 287 -23.05 25.12 1.70
CA SER D 287 -24.09 25.40 0.71
C SER D 287 -24.38 26.89 0.61
N GLU D 288 -24.38 27.57 1.75
CA GLU D 288 -24.62 29.01 1.77
C GLU D 288 -23.49 29.72 1.04
N ARG D 289 -22.26 29.23 1.23
CA ARG D 289 -21.09 29.81 0.59
C ARG D 289 -21.16 29.63 -0.93
N LEU D 290 -21.51 28.41 -1.35
CA LEU D 290 -21.62 28.09 -2.78
C LEU D 290 -22.76 28.86 -3.44
N GLU D 291 -23.81 29.14 -2.68
CA GLU D 291 -24.93 29.90 -3.21
C GLU D 291 -24.51 31.34 -3.40
N ARG D 292 -23.81 31.88 -2.40
CA ARG D 292 -23.36 33.25 -2.49
C ARG D 292 -22.36 33.38 -3.64
N VAL D 293 -21.55 32.36 -3.86
CA VAL D 293 -20.58 32.46 -4.94
C VAL D 293 -21.33 32.42 -6.26
N ARG D 294 -22.31 31.54 -6.38
CA ARG D 294 -23.06 31.49 -7.63
C ARG D 294 -23.77 32.81 -7.84
N ARG D 295 -24.34 33.35 -6.76
CA ARG D 295 -25.04 34.63 -6.87
C ARG D 295 -24.11 35.72 -7.40
N VAL D 296 -22.98 35.91 -6.72
CA VAL D 296 -22.04 36.95 -7.09
C VAL D 296 -21.61 36.93 -8.54
N TYR D 297 -21.23 35.76 -9.05
CA TYR D 297 -20.79 35.70 -10.44
C TYR D 297 -21.96 35.77 -11.43
N ARG D 298 -23.14 35.35 -11.00
CA ARG D 298 -24.29 35.40 -11.89
C ARG D 298 -24.59 36.87 -12.18
N GLU D 299 -24.68 37.67 -11.12
CA GLU D 299 -24.95 39.10 -11.27
C GLU D 299 -23.91 39.77 -12.15
N LYS D 300 -22.63 39.52 -11.88
CA LYS D 300 -21.55 40.11 -12.67
C LYS D 300 -21.59 39.74 -14.15
N ALA D 301 -21.89 38.48 -14.44
CA ALA D 301 -21.94 38.02 -15.83
C ALA D 301 -23.13 38.65 -16.53
N GLN D 302 -24.27 38.64 -15.87
CA GLN D 302 -25.45 39.23 -16.46
C GLN D 302 -25.25 40.72 -16.77
N ALA D 303 -24.19 41.30 -16.22
CA ALA D 303 -23.89 42.71 -16.45
C ALA D 303 -22.90 42.87 -17.61
N MET D 304 -22.06 41.85 -17.84
CA MET D 304 -21.10 41.88 -18.95
C MET D 304 -21.90 41.76 -20.23
N LEU D 305 -22.69 40.70 -20.32
CA LEU D 305 -23.49 40.46 -21.50
C LEU D 305 -24.39 41.66 -21.79
N HIS D 306 -24.99 42.23 -20.76
CA HIS D 306 -25.85 43.38 -20.97
C HIS D 306 -25.07 44.52 -21.61
N ALA D 307 -23.93 44.88 -21.03
CA ALA D 307 -23.14 45.97 -21.56
C ALA D 307 -22.54 45.65 -22.92
N LEU D 308 -22.11 44.40 -23.10
CA LEU D 308 -21.50 43.96 -24.36
C LEU D 308 -22.48 44.08 -25.53
N ASP D 309 -23.74 43.76 -25.29
CA ASP D 309 -24.77 43.83 -26.32
C ASP D 309 -24.96 45.27 -26.77
N ARG D 310 -24.82 46.20 -25.83
CA ARG D 310 -25.00 47.61 -26.09
C ARG D 310 -23.81 48.28 -26.76
N GLU D 311 -22.63 48.13 -26.16
CA GLU D 311 -21.39 48.77 -26.65
C GLU D 311 -20.60 48.11 -27.79
N VAL D 312 -20.62 46.79 -27.85
CA VAL D 312 -19.87 46.02 -28.85
C VAL D 312 -20.48 45.93 -30.26
N PRO D 313 -19.76 46.42 -31.28
CA PRO D 313 -20.31 46.33 -32.64
C PRO D 313 -20.64 44.87 -32.99
N LYS D 314 -21.69 44.63 -33.76
CA LYS D 314 -22.10 43.27 -34.08
C LYS D 314 -21.21 42.46 -35.03
N GLU D 315 -20.19 43.07 -35.63
CA GLU D 315 -19.31 42.30 -36.50
C GLU D 315 -18.54 41.34 -35.60
N VAL D 316 -18.16 41.83 -34.42
CA VAL D 316 -17.41 41.06 -33.44
C VAL D 316 -18.28 40.18 -32.55
N ARG D 317 -17.94 38.90 -32.50
CA ARG D 317 -18.68 37.91 -31.71
C ARG D 317 -18.00 37.55 -30.38
N TYR D 318 -18.81 37.28 -29.37
CA TYR D 318 -18.33 36.90 -28.04
C TYR D 318 -19.27 35.87 -27.40
N THR D 319 -18.72 34.98 -26.59
CA THR D 319 -19.50 33.94 -25.92
C THR D 319 -20.46 34.48 -24.86
N ARG D 320 -21.51 33.70 -24.57
CA ARG D 320 -22.50 34.06 -23.57
C ARG D 320 -22.56 32.88 -22.61
N PRO D 321 -21.59 32.79 -21.69
CA PRO D 321 -21.46 31.73 -20.69
C PRO D 321 -22.65 31.53 -19.75
N LYS D 322 -22.87 30.27 -19.41
CA LYS D 322 -23.95 29.90 -18.50
C LYS D 322 -23.37 29.58 -17.12
N GLY D 323 -22.14 30.01 -16.90
CA GLY D 323 -21.44 29.78 -15.64
C GLY D 323 -19.98 30.11 -15.84
N GLY D 324 -19.16 29.94 -14.80
CA GLY D 324 -17.75 30.27 -14.97
C GLY D 324 -17.51 31.75 -14.68
N MET D 325 -16.43 32.31 -15.20
CA MET D 325 -16.14 33.71 -14.93
C MET D 325 -15.51 34.45 -16.12
N PHE D 326 -15.65 33.88 -17.30
CA PHE D 326 -15.09 34.49 -18.49
C PHE D 326 -16.10 34.73 -19.60
N VAL D 327 -15.65 35.51 -20.57
CA VAL D 327 -16.38 35.86 -21.79
C VAL D 327 -15.23 35.82 -22.79
N TRP D 328 -15.40 35.04 -23.85
CA TRP D 328 -14.38 34.84 -24.89
C TRP D 328 -14.78 35.57 -26.18
N MET D 329 -14.02 36.59 -26.54
CA MET D 329 -14.33 37.41 -27.70
C MET D 329 -13.54 37.06 -28.95
N GLU D 330 -14.23 37.11 -30.09
CA GLU D 330 -13.61 36.79 -31.38
C GLU D 330 -13.82 37.91 -32.42
N LEU D 331 -12.72 38.50 -32.85
CA LEU D 331 -12.75 39.58 -33.82
C LEU D 331 -12.98 39.02 -35.21
N PRO D 332 -13.30 39.87 -36.18
CA PRO D 332 -13.54 39.36 -37.54
C PRO D 332 -12.20 38.93 -38.16
N LYS D 333 -12.11 37.63 -38.47
CA LYS D 333 -10.92 37.02 -39.05
C LYS D 333 -9.99 38.03 -39.72
N GLY D 334 -8.71 37.99 -39.33
CA GLY D 334 -7.74 38.91 -39.90
C GLY D 334 -7.27 39.95 -38.91
N LEU D 335 -8.19 40.49 -38.12
CA LEU D 335 -7.86 41.50 -37.12
C LEU D 335 -7.03 40.92 -36.00
N SER D 336 -6.08 41.70 -35.51
CA SER D 336 -5.18 41.28 -34.45
C SER D 336 -5.59 41.71 -33.05
N ALA D 337 -5.74 40.75 -32.15
CA ALA D 337 -6.11 41.04 -30.78
C ALA D 337 -5.03 41.91 -30.16
N GLU D 338 -3.79 41.74 -30.62
CA GLU D 338 -2.68 42.53 -30.12
C GLU D 338 -2.90 43.99 -30.52
N GLY D 339 -3.19 44.20 -31.80
CA GLY D 339 -3.44 45.54 -32.28
C GLY D 339 -4.58 46.21 -31.55
N LEU D 340 -5.61 45.43 -31.22
CA LEU D 340 -6.77 45.94 -30.50
C LEU D 340 -6.35 46.27 -29.07
N PHE D 341 -5.37 45.52 -28.55
CA PHE D 341 -4.90 45.73 -27.20
C PHE D 341 -4.30 47.12 -27.05
N ARG D 342 -3.73 47.65 -28.13
CA ARG D 342 -3.13 48.98 -28.08
C ARG D 342 -4.20 50.06 -28.07
N ARG D 343 -5.21 49.90 -28.94
CA ARG D 343 -6.31 50.85 -29.03
C ARG D 343 -7.10 50.85 -27.73
N ALA D 344 -7.02 49.72 -27.01
CA ALA D 344 -7.72 49.54 -25.76
C ALA D 344 -7.04 50.32 -24.64
N LEU D 345 -5.72 50.34 -24.65
CA LEU D 345 -4.97 51.05 -23.63
C LEU D 345 -5.18 52.54 -23.78
N GLU D 346 -5.41 52.96 -25.02
CA GLU D 346 -5.65 54.36 -25.34
C GLU D 346 -7.04 54.73 -24.84
N GLU D 347 -7.82 53.71 -24.50
CA GLU D 347 -9.18 53.88 -24.00
C GLU D 347 -9.23 53.47 -22.54
N ASN D 348 -8.06 53.24 -21.96
CA ASN D 348 -7.91 52.87 -20.56
C ASN D 348 -8.55 51.55 -20.13
N VAL D 349 -8.78 50.67 -21.09
CA VAL D 349 -9.37 49.36 -20.78
C VAL D 349 -8.36 48.32 -21.21
N ALA D 350 -8.47 47.12 -20.65
CA ALA D 350 -7.55 46.06 -21.03
C ALA D 350 -8.14 44.66 -20.91
N PHE D 351 -7.53 43.73 -21.64
CA PHE D 351 -7.94 42.32 -21.66
C PHE D 351 -6.72 41.44 -21.84
N VAL D 352 -6.95 40.16 -22.08
CA VAL D 352 -5.87 39.20 -22.29
C VAL D 352 -5.96 38.58 -23.68
N PRO D 353 -4.94 38.78 -24.53
CA PRO D 353 -4.97 38.21 -25.87
C PRO D 353 -5.05 36.69 -25.81
N GLY D 354 -5.86 36.11 -26.69
CA GLY D 354 -6.07 34.67 -26.69
C GLY D 354 -5.05 33.75 -27.31
N GLY D 355 -3.99 34.30 -27.91
CA GLY D 355 -2.98 33.47 -28.54
C GLY D 355 -2.40 32.38 -27.65
N PRO D 356 -2.07 32.69 -26.39
CA PRO D 356 -1.51 31.74 -25.42
C PRO D 356 -2.42 30.58 -25.01
N PHE D 357 -3.70 30.65 -25.38
CA PHE D 357 -4.65 29.60 -25.03
C PHE D 357 -4.72 28.54 -26.10
N PHE D 358 -3.88 28.70 -27.13
CA PHE D 358 -3.83 27.76 -28.23
C PHE D 358 -2.53 26.98 -28.17
N ALA D 359 -2.64 25.68 -27.91
CA ALA D 359 -1.47 24.80 -27.81
C ALA D 359 -0.66 24.76 -29.08
N ASN D 360 -1.33 24.79 -30.22
CA ASN D 360 -0.63 24.74 -31.49
C ASN D 360 -0.64 26.06 -32.25
N GLY D 361 -0.78 27.16 -31.51
CA GLY D 361 -0.76 28.48 -32.13
C GLY D 361 -2.02 28.92 -32.85
N GLY D 362 -1.94 30.11 -33.44
CA GLY D 362 -3.08 30.66 -34.15
C GLY D 362 -4.00 31.38 -33.20
N GLY D 363 -5.20 31.73 -33.66
CA GLY D 363 -6.15 32.42 -32.80
C GLY D 363 -5.65 33.76 -32.29
N GLU D 364 -4.96 34.51 -33.14
CA GLU D 364 -4.44 35.81 -32.75
C GLU D 364 -5.53 36.87 -32.80
N ASN D 365 -6.74 36.46 -33.18
CA ASN D 365 -7.87 37.38 -33.27
C ASN D 365 -8.83 37.12 -32.12
N THR D 366 -8.33 36.55 -31.04
CA THR D 366 -9.20 36.25 -29.91
C THR D 366 -8.61 36.82 -28.65
N LEU D 367 -9.45 36.97 -27.64
CA LEU D 367 -9.00 37.48 -26.36
C LEU D 367 -10.02 37.11 -25.32
N ARG D 368 -9.59 37.01 -24.07
CA ARG D 368 -10.48 36.62 -23.00
C ARG D 368 -10.80 37.80 -22.09
N LEU D 369 -12.06 37.85 -21.65
CA LEU D 369 -12.54 38.90 -20.76
C LEU D 369 -12.99 38.21 -19.49
N SER D 370 -12.54 38.73 -18.36
CA SER D 370 -12.90 38.20 -17.05
C SER D 370 -13.56 39.33 -16.28
N TYR D 371 -14.70 39.04 -15.68
CA TYR D 371 -15.44 40.03 -14.92
C TYR D 371 -15.36 39.83 -13.41
N ALA D 372 -14.90 38.68 -12.98
CA ALA D 372 -14.81 38.35 -11.56
C ALA D 372 -14.35 39.45 -10.61
N THR D 373 -13.36 40.26 -10.99
CA THR D 373 -12.88 41.29 -10.07
C THR D 373 -13.43 42.70 -10.26
N LEU D 374 -14.24 42.91 -11.29
CA LEU D 374 -14.78 44.23 -11.57
C LEU D 374 -16.10 44.55 -10.90
N ASP D 375 -16.39 45.86 -10.88
CA ASP D 375 -17.60 46.44 -10.29
C ASP D 375 -18.79 46.40 -11.26
N ARG D 376 -19.99 46.64 -10.76
CA ARG D 376 -21.16 46.65 -11.63
C ARG D 376 -21.06 47.89 -12.51
N GLU D 377 -20.36 48.90 -12.02
CA GLU D 377 -20.14 50.14 -12.77
C GLU D 377 -18.80 50.02 -13.50
N GLY D 378 -17.91 49.21 -12.95
CA GLY D 378 -16.61 49.00 -13.60
C GLY D 378 -16.78 48.17 -14.85
N ILE D 379 -17.68 47.19 -14.78
CA ILE D 379 -17.94 46.33 -15.93
C ILE D 379 -18.52 47.21 -17.02
N ALA D 380 -19.51 48.01 -16.65
CA ALA D 380 -20.15 48.88 -17.61
C ALA D 380 -19.14 49.85 -18.21
N GLU D 381 -18.55 50.70 -17.39
CA GLU D 381 -17.57 51.68 -17.89
C GLU D 381 -16.48 50.98 -18.65
N GLY D 382 -16.04 49.83 -18.13
CA GLY D 382 -15.01 49.06 -18.78
C GLY D 382 -15.41 48.57 -20.17
N VAL D 383 -16.57 47.90 -20.28
CA VAL D 383 -17.03 47.40 -21.57
C VAL D 383 -17.38 48.59 -22.46
N ARG D 384 -17.51 49.75 -21.82
CA ARG D 384 -17.81 50.98 -22.54
C ARG D 384 -16.55 51.38 -23.29
N ARG D 385 -15.44 51.43 -22.56
CA ARG D 385 -14.16 51.78 -23.15
C ARG D 385 -13.75 50.76 -24.20
N LEU D 386 -13.93 49.48 -23.91
CA LEU D 386 -13.57 48.39 -24.83
C LEU D 386 -14.33 48.58 -26.13
N GLY D 387 -15.60 48.99 -26.01
CA GLY D 387 -16.43 49.21 -27.17
C GLY D 387 -15.92 50.30 -28.09
N ARG D 388 -15.36 51.37 -27.53
CA ARG D 388 -14.81 52.44 -28.36
C ARG D 388 -13.55 51.92 -29.05
N ALA D 389 -12.76 51.15 -28.31
CA ALA D 389 -11.52 50.59 -28.84
C ALA D 389 -11.81 49.70 -30.04
N LEU D 390 -12.84 48.86 -29.93
CA LEU D 390 -13.21 47.95 -31.01
C LEU D 390 -13.69 48.70 -32.25
N LYS D 391 -14.49 49.74 -32.05
CA LYS D 391 -15.00 50.51 -33.18
C LYS D 391 -13.82 51.23 -33.83
N GLY D 392 -12.87 51.68 -33.03
CA GLY D 392 -11.71 52.35 -33.57
C GLY D 392 -10.91 51.43 -34.47
N LEU D 393 -10.93 50.14 -34.15
CA LEU D 393 -10.20 49.13 -34.93
C LEU D 393 -10.92 48.70 -36.20
N LEU D 394 -12.23 48.51 -36.11
CA LEU D 394 -13.01 48.11 -37.26
C LEU D 394 -13.20 49.29 -38.20
N ALA D 395 -12.55 50.40 -37.86
CA ALA D 395 -12.60 51.63 -38.66
C ALA D 395 -11.54 51.57 -39.76
N1 PLP E . -18.54 -18.37 10.92
C2 PLP E . -19.62 -19.06 11.43
C2A PLP E . -20.31 -18.56 12.64
C3 PLP E . -20.12 -20.23 10.73
O3 PLP E . -21.17 -20.95 11.25
C4 PLP E . -19.53 -20.64 9.55
C4A PLP E . -20.09 -21.81 8.83
C5 PLP E . -18.42 -19.93 9.02
C6 PLP E . -17.93 -18.78 9.73
C5A PLP E . -17.80 -20.30 7.62
O4P PLP E . -16.47 -20.84 7.78
P PLP E . -15.70 -21.22 6.58
O1P PLP E . -16.18 -22.67 6.05
O2P PLP E . -15.93 -20.16 5.45
O3P PLP E . -14.17 -21.29 6.94
N1 PLP F . 9.64 -25.60 0.53
C2 PLP F . 10.64 -25.02 -0.27
C2A PLP F . 12.05 -24.95 0.23
C3 PLP F . 10.31 -24.52 -1.58
O3 PLP F . 11.27 -23.90 -2.32
C4 PLP F . 9.00 -24.65 -2.07
C4A PLP F . 8.68 -24.21 -3.44
C5 PLP F . 7.99 -25.24 -1.26
C6 PLP F . 8.33 -25.73 0.06
C5A PLP F . 6.58 -25.45 -1.80
O4P PLP F . 5.65 -24.70 -1.01
P PLP F . 4.20 -25.00 -1.09
O1P PLP F . 3.66 -24.60 -2.51
O2P PLP F . 3.96 -26.57 -0.82
O3P PLP F . 3.44 -24.15 0.03
N1 PLP G . 17.58 19.20 1.94
C2 PLP G . 18.11 18.33 2.90
C2A PLP G . 19.38 17.72 2.67
C3 PLP G . 17.40 18.11 4.13
O3 PLP G . 17.95 17.24 5.09
C4 PLP G . 16.18 18.77 4.37
C4A PLP G . 15.43 18.51 5.63
C5 PLP G . 15.66 19.67 3.40
C6 PLP G . 16.37 19.86 2.17
C5A PLP G . 14.40 20.49 3.68
O4P PLP G . 13.40 20.23 2.68
P PLP G . 12.18 21.04 2.65
O1P PLP G . 11.36 20.83 3.97
O2P PLP G . 12.58 22.60 2.51
O3P PLP G . 11.30 20.61 1.42
N1 PLP H . -8.49 24.69 -13.80
C2 PLP H . -9.02 25.71 -14.59
C2A PLP H . -9.55 25.39 -15.93
C3 PLP H . -9.05 27.07 -14.10
O3 PLP H . -9.51 28.10 -14.91
C4 PLP H . -8.58 27.36 -12.82
C4A PLP H . -8.62 28.78 -12.35
C5 PLP H . -8.05 26.32 -12.00
C6 PLP H . -8.02 24.97 -12.52
C5A PLP H . -7.55 26.58 -10.55
O4P PLP H . -6.24 26.06 -10.38
P PLP H . -5.67 25.98 -9.03
O1P PLP H . -5.54 27.47 -8.40
O2P PLP H . -6.57 25.10 -8.10
O3P PLP H . -4.20 25.32 -9.11
#